data_6LRF
#
_entry.id   6LRF
#
_cell.length_a   187.647
_cell.length_b   201.726
_cell.length_c   99.593
_cell.angle_alpha   90.0
_cell.angle_beta   90.0
_cell.angle_gamma   90.0
#
_symmetry.space_group_name_H-M   'C 2 2 21'
#
loop_
_entity.id
_entity.type
_entity.pdbx_description
1 polymer 'Alr4995 protein'
2 water water
#
_entity_poly.entity_id   1
_entity_poly.type   'polypeptide(L)'
_entity_poly.pdbx_seq_one_letter_code
;(MSE)TSRIRFL(MSE)CPPDHYDVDYVINPW(MSE)EGNIHKSSRDRAVEQWQGLYQILKEHAIVDLVTPQKGWPDLVF
TANAGLVLGDNVVLSRFLHKERQGEEPYFKEWFEGNGYTVYELPKDLPFEGAGDALLDREGRWLWAGYGFRSELDSHPYL
AKWLDIEVLSLRLIDERFYHLDTCFCPLANGYLLYYPGAFDSYSNRLIE(MSE)RVAPEKRIAIAEADAVNFACNTVNVE
SIVI(MSE)NKASDALKQSLTGVGFQVLETPLTEFLKAGGAAKCLTLRVTEPVRDEVHANVYVESRIIRIEGHLLDSGLI
NRALD(MSE)IVDTGGSFQVLNFNLGEQRQSTSAAEVKVSAPSHEV(MSE)EEIISLLIDLGAVDLPQDERDAKLEPVIQ
DGVAPDDFYVSTIYPTEVRINGQWIKVENQR(MSE)DGAIAITQTPNGLLAQCKILRDLKAGEQVIVDVLGIRTIRKTES
REQRNTQEFSF(MSE)SGGVSSERRVELVVEQVAWELRKIRDAGGKVVVTAGPVVIHTGGGEHLSRLIREGYVQALLGGN
AIAVHDIEQN(MSE)(MSE)GTSLGVD(MSE)KRGVAVRGGHRHHLKVINTIRRHGSIAKGVESGIIRSGV(MSE)YECV
RNQIPFVLAGSIRDDGPLPDTQ(MSE)DLIKAQEEYAKHLEGAE(MSE)IL(MSE)LSS(MSE)LHSIGVGN(MSE)TPA
GVK(MSE)VCVDINPAVVTKLSDRGSIESVGVVTDVGLFLSLLTQQLDKLTSPYVSKVG
;
_entity_poly.pdbx_strand_id   A,B
#
# COMPACT_ATOMS: atom_id res chain seq x y z
N THR A 2 39.98 35.49 -23.65
CA THR A 2 40.10 34.63 -22.48
C THR A 2 39.51 35.36 -21.26
N SER A 3 39.26 36.65 -21.43
CA SER A 3 38.39 37.39 -20.53
C SER A 3 37.05 37.61 -21.25
N ARG A 4 36.98 36.98 -22.43
CA ARG A 4 35.83 37.06 -23.33
C ARG A 4 34.92 35.85 -23.09
N ILE A 5 33.65 36.11 -22.86
CA ILE A 5 32.70 35.09 -22.45
C ILE A 5 31.80 34.69 -23.61
N ARG A 6 31.70 33.40 -23.86
CA ARG A 6 30.91 32.91 -24.99
C ARG A 6 29.74 32.04 -24.49
N PHE A 7 28.53 32.34 -24.99
CA PHE A 7 27.34 31.52 -24.75
C PHE A 7 26.84 30.86 -26.03
N LEU A 8 26.20 29.70 -25.89
CA LEU A 8 25.53 29.04 -26.99
C LEU A 8 24.02 29.17 -26.77
N CYS A 10 19.93 29.11 -29.12
CA CYS A 10 19.26 28.51 -30.26
C CYS A 10 17.91 29.17 -30.43
N PRO A 11 17.65 29.79 -31.61
CA PRO A 11 16.44 30.59 -31.82
C PRO A 11 15.20 29.73 -31.91
N PRO A 12 14.04 30.31 -31.54
CA PRO A 12 12.79 29.56 -31.43
C PRO A 12 12.02 29.34 -32.76
N ASP A 13 12.72 29.17 -33.88
CA ASP A 13 12.06 28.99 -35.18
C ASP A 13 11.02 27.88 -35.15
N HIS A 14 11.30 26.81 -34.42
CA HIS A 14 10.39 25.66 -34.36
C HIS A 14 9.93 25.37 -32.96
N TYR A 15 9.89 26.41 -32.13
CA TYR A 15 9.55 26.24 -30.73
C TYR A 15 8.04 26.20 -30.52
N ASP A 16 7.61 25.29 -29.67
CA ASP A 16 6.24 25.27 -29.14
C ASP A 16 6.26 24.24 -28.02
N VAL A 17 5.16 24.16 -27.28
CA VAL A 17 4.97 23.05 -26.37
C VAL A 17 4.21 21.97 -27.13
N ASP A 18 4.91 20.88 -27.47
CA ASP A 18 4.38 19.79 -28.29
C ASP A 18 4.00 18.57 -27.48
N TYR A 19 4.48 18.50 -26.25
CA TYR A 19 4.30 17.33 -25.40
C TYR A 19 4.42 17.77 -23.97
N VAL A 20 4.26 16.84 -23.03
CA VAL A 20 4.34 17.16 -21.61
C VAL A 20 5.37 16.25 -20.96
N ILE A 21 6.53 16.79 -20.62
CA ILE A 21 7.54 15.99 -19.90
C ILE A 21 8.00 16.70 -18.60
N ASN A 22 7.38 17.82 -18.25
CA ASN A 22 7.55 18.42 -16.91
C ASN A 22 6.25 19.12 -16.51
N PRO A 23 6.09 19.50 -15.24
CA PRO A 23 4.76 19.99 -14.79
C PRO A 23 4.38 21.35 -15.36
N TRP A 24 5.36 22.08 -15.90
CA TRP A 24 5.06 23.38 -16.45
C TRP A 24 4.36 23.23 -17.80
N GLU A 26 2.33 20.96 -18.64
CA GLU A 26 0.99 20.40 -18.48
C GLU A 26 -0.05 21.50 -18.68
N GLY A 27 -0.99 21.27 -19.60
CA GLY A 27 -1.99 22.27 -19.92
C GLY A 27 -1.61 23.21 -21.06
N ASN A 28 -0.37 23.14 -21.53
CA ASN A 28 0.16 24.19 -22.40
C ASN A 28 0.46 23.76 -23.84
N ILE A 29 0.06 22.54 -24.20
CA ILE A 29 0.33 22.06 -25.55
C ILE A 29 -0.26 23.01 -26.59
N HIS A 30 0.60 23.42 -27.53
CA HIS A 30 0.28 24.37 -28.59
C HIS A 30 -0.38 25.64 -28.05
N LYS A 31 0.08 26.09 -26.89
CA LYS A 31 -0.42 27.33 -26.32
C LYS A 31 0.66 28.40 -26.32
N SER A 32 1.77 28.14 -27.02
CA SER A 32 2.80 29.17 -27.13
C SER A 32 2.50 30.12 -28.27
N SER A 33 2.72 31.41 -28.02
CA SER A 33 2.60 32.41 -29.08
C SER A 33 3.94 32.59 -29.77
N ARG A 34 3.97 32.29 -31.07
CA ARG A 34 5.20 32.35 -31.85
C ARG A 34 5.81 33.75 -31.86
N ASP A 35 4.99 34.78 -32.04
CA ASP A 35 5.50 36.15 -32.10
C ASP A 35 6.07 36.57 -30.75
N ARG A 36 5.35 36.30 -29.68
CA ARG A 36 5.81 36.73 -28.37
C ARG A 36 7.07 35.94 -28.00
N ALA A 37 7.10 34.66 -28.37
CA ALA A 37 8.26 33.81 -28.07
C ALA A 37 9.51 34.33 -28.77
N VAL A 38 9.39 34.71 -30.04
CA VAL A 38 10.51 35.28 -30.77
C VAL A 38 10.94 36.62 -30.17
N GLU A 39 9.97 37.48 -29.88
CA GLU A 39 10.27 38.77 -29.28
C GLU A 39 10.92 38.62 -27.89
N GLN A 40 10.44 37.69 -27.07
CA GLN A 40 11.05 37.48 -25.75
C GLN A 40 12.45 36.89 -25.89
N TRP A 41 12.63 35.92 -26.78
CA TRP A 41 13.95 35.32 -26.99
C TRP A 41 14.93 36.40 -27.52
N GLN A 42 14.44 37.24 -28.43
CA GLN A 42 15.28 38.32 -28.97
C GLN A 42 15.69 39.29 -27.87
N GLY A 43 14.79 39.54 -26.92
CA GLY A 43 15.09 40.42 -25.80
C GLY A 43 16.29 39.90 -25.00
N LEU A 44 16.30 38.61 -24.70
CA LEU A 44 17.40 38.01 -23.94
C LEU A 44 18.70 37.98 -24.76
N TYR A 45 18.58 37.55 -26.01
CA TYR A 45 19.70 37.41 -26.93
C TYR A 45 20.41 38.73 -27.11
N GLN A 46 19.64 39.79 -27.31
CA GLN A 46 20.22 41.11 -27.52
C GLN A 46 20.80 41.72 -26.25
N ILE A 47 20.20 41.44 -25.10
CA ILE A 47 20.81 41.85 -23.85
C ILE A 47 22.13 41.12 -23.66
N LEU A 48 22.13 39.80 -23.85
CA LEU A 48 23.36 39.02 -23.71
C LEU A 48 24.48 39.48 -24.65
N LYS A 49 24.15 39.82 -25.89
CA LYS A 49 25.18 40.29 -26.84
C LYS A 49 25.83 41.61 -26.42
N GLU A 50 25.18 42.35 -25.53
CA GLU A 50 25.76 43.58 -25.03
C GLU A 50 26.87 43.28 -24.02
N HIS A 51 26.92 42.05 -23.53
CA HIS A 51 27.87 41.71 -22.47
C HIS A 51 28.73 40.50 -22.77
N ALA A 52 28.51 39.87 -23.91
CA ALA A 52 29.19 38.62 -24.17
C ALA A 52 29.03 38.22 -25.61
N ILE A 53 29.73 37.17 -25.99
CA ILE A 53 29.61 36.57 -27.30
C ILE A 53 28.49 35.53 -27.31
N VAL A 54 27.65 35.52 -28.34
CA VAL A 54 26.64 34.47 -28.45
C VAL A 54 26.68 33.72 -29.78
N ASP A 55 27.06 32.44 -29.74
CA ASP A 55 26.94 31.54 -30.89
C ASP A 55 25.52 30.95 -30.94
N LEU A 56 25.09 30.55 -32.13
CA LEU A 56 23.78 29.93 -32.32
C LEU A 56 23.88 28.53 -32.90
N VAL A 57 23.06 27.62 -32.39
CA VAL A 57 22.84 26.29 -32.99
C VAL A 57 21.77 26.45 -34.03
N THR A 58 21.88 25.74 -35.14
CA THR A 58 20.82 25.79 -36.14
C THR A 58 19.56 25.10 -35.63
N PRO A 59 18.41 25.80 -35.64
CA PRO A 59 17.15 25.23 -35.16
C PRO A 59 16.66 24.06 -36.02
N GLN A 60 15.87 23.16 -35.45
CA GLN A 60 15.48 21.92 -36.13
C GLN A 60 14.01 21.59 -35.93
N LYS A 61 13.30 21.39 -37.04
CA LYS A 61 11.89 21.01 -36.99
C LYS A 61 11.72 19.73 -36.16
N GLY A 62 10.70 19.69 -35.32
CA GLY A 62 10.43 18.49 -34.52
C GLY A 62 11.24 18.30 -33.25
N TRP A 63 12.12 19.25 -32.96
CA TRP A 63 12.87 19.25 -31.71
C TRP A 63 12.76 20.63 -31.08
N PRO A 64 11.57 20.96 -30.58
CA PRO A 64 11.27 22.31 -30.10
C PRO A 64 12.16 22.73 -28.92
N ASP A 65 12.59 21.78 -28.09
CA ASP A 65 13.30 22.15 -26.87
C ASP A 65 14.79 22.21 -27.11
N LEU A 66 15.16 22.26 -28.38
CA LEU A 66 16.53 22.60 -28.75
C LEU A 66 16.86 24.03 -28.33
N VAL A 67 15.84 24.89 -28.16
CA VAL A 67 16.11 26.25 -27.65
C VAL A 67 16.75 26.23 -26.27
N PHE A 68 16.54 25.16 -25.53
CA PHE A 68 17.09 25.07 -24.18
C PHE A 68 18.49 24.47 -24.22
N THR A 69 19.44 25.28 -24.66
CA THR A 69 20.80 24.83 -24.87
C THR A 69 21.56 24.50 -23.57
N ALA A 70 21.06 24.95 -22.42
CA ALA A 70 21.74 24.61 -21.15
C ALA A 70 21.83 23.11 -21.01
N ASN A 71 20.91 22.42 -21.64
CA ASN A 71 20.89 20.98 -21.50
C ASN A 71 21.67 20.25 -22.57
N ALA A 72 22.35 20.97 -23.44
CA ALA A 72 23.10 20.33 -24.53
C ALA A 72 24.21 19.44 -23.98
N GLY A 73 24.78 19.86 -22.86
CA GLY A 73 25.90 19.16 -22.30
C GLY A 73 26.56 20.07 -21.30
N LEU A 74 27.74 19.70 -20.86
CA LEU A 74 28.45 20.51 -19.89
C LEU A 74 29.90 20.68 -20.34
N VAL A 75 30.29 21.92 -20.57
CA VAL A 75 31.64 22.24 -21.02
C VAL A 75 32.53 22.74 -19.89
N LEU A 76 33.75 22.22 -19.82
CA LEU A 76 34.76 22.81 -18.95
C LEU A 76 36.11 22.70 -19.66
N GLY A 77 36.67 23.85 -20.02
CA GLY A 77 37.89 23.90 -20.79
C GLY A 77 37.64 23.33 -22.17
N ASP A 78 38.45 22.36 -22.60
CA ASP A 78 38.25 21.79 -23.94
C ASP A 78 37.37 20.55 -23.96
N ASN A 79 36.86 20.15 -22.78
CA ASN A 79 36.08 18.93 -22.66
C ASN A 79 34.59 19.23 -22.52
N VAL A 80 33.78 18.33 -23.06
CA VAL A 80 32.35 18.41 -22.88
C VAL A 80 31.81 17.01 -22.58
N VAL A 81 30.92 16.94 -21.59
CA VAL A 81 30.16 15.74 -21.40
C VAL A 81 28.82 15.97 -22.07
N LEU A 82 28.55 15.18 -23.10
CA LEU A 82 27.31 15.31 -23.83
C LEU A 82 26.11 14.87 -23.00
N SER A 83 25.00 15.57 -23.13
CA SER A 83 23.83 15.17 -22.39
C SER A 83 23.21 13.90 -22.95
N ARG A 84 22.74 13.02 -22.07
CA ARG A 84 21.80 11.97 -22.48
C ARG A 84 20.47 12.24 -21.82
N PHE A 85 19.45 12.51 -22.62
CA PHE A 85 18.17 12.91 -22.06
C PHE A 85 17.35 11.75 -21.57
N LEU A 86 16.62 11.97 -20.48
CA LEU A 86 15.72 10.96 -19.91
C LEU A 86 14.55 10.66 -20.86
N HIS A 87 13.95 11.71 -21.41
CA HIS A 87 12.75 11.55 -22.25
C HIS A 87 13.09 11.50 -23.73
N LYS A 88 12.45 10.58 -24.45
CA LYS A 88 12.69 10.40 -25.89
C LYS A 88 12.41 11.68 -26.69
N GLU A 89 11.47 12.48 -26.22
CA GLU A 89 11.12 13.72 -26.91
C GLU A 89 12.27 14.73 -26.99
N ARG A 90 13.29 14.59 -26.15
CA ARG A 90 14.45 15.48 -26.27
C ARG A 90 15.70 14.72 -26.75
N GLN A 91 15.63 13.40 -26.74
CA GLN A 91 16.78 12.59 -27.15
C GLN A 91 17.18 12.87 -28.60
N GLY A 92 16.22 13.25 -29.44
CA GLY A 92 16.52 13.60 -30.81
C GLY A 92 17.37 14.86 -30.98
N GLU A 93 17.50 15.63 -29.90
CA GLU A 93 18.35 16.81 -29.93
C GLU A 93 19.83 16.46 -29.89
N GLU A 94 20.14 15.32 -29.28
CA GLU A 94 21.53 14.97 -28.98
C GLU A 94 22.45 14.96 -30.20
N PRO A 95 21.99 14.41 -31.34
CA PRO A 95 22.90 14.47 -32.48
C PRO A 95 23.24 15.89 -32.91
N TYR A 96 22.27 16.81 -32.86
CA TYR A 96 22.53 18.20 -33.29
C TYR A 96 23.44 18.96 -32.31
N PHE A 97 23.26 18.69 -31.02
CA PHE A 97 24.19 19.23 -30.04
C PHE A 97 25.59 18.64 -30.25
N LYS A 98 25.70 17.32 -30.39
CA LYS A 98 27.00 16.68 -30.61
C LYS A 98 27.75 17.28 -31.80
N GLU A 99 27.00 17.47 -32.88
CA GLU A 99 27.48 18.09 -34.11
C GLU A 99 28.10 19.45 -33.86
N TRP A 100 27.42 20.30 -33.09
CA TRP A 100 27.95 21.62 -32.79
C TRP A 100 29.23 21.55 -31.99
N PHE A 101 29.28 20.66 -31.00
CA PHE A 101 30.44 20.59 -30.12
C PHE A 101 31.65 20.10 -30.92
N GLU A 102 31.43 19.12 -31.77
CA GLU A 102 32.51 18.61 -32.62
C GLU A 102 33.02 19.67 -33.60
N GLY A 103 32.10 20.37 -34.26
CA GLY A 103 32.47 21.43 -35.16
C GLY A 103 33.27 22.53 -34.51
N ASN A 104 33.11 22.67 -33.20
CA ASN A 104 33.82 23.72 -32.48
C ASN A 104 35.00 23.17 -31.71
N GLY A 105 35.42 21.97 -32.07
CA GLY A 105 36.69 21.42 -31.62
C GLY A 105 36.74 20.89 -30.20
N TYR A 106 35.59 20.67 -29.57
CA TYR A 106 35.60 20.14 -28.20
C TYR A 106 35.91 18.66 -28.21
N THR A 107 36.51 18.18 -27.13
CA THR A 107 36.66 16.75 -26.91
C THR A 107 35.38 16.22 -26.24
N VAL A 108 34.64 15.39 -26.96
CA VAL A 108 33.30 15.00 -26.54
C VAL A 108 33.28 13.65 -25.84
N TYR A 109 32.90 13.65 -24.57
CA TYR A 109 32.70 12.42 -23.82
C TYR A 109 31.21 12.02 -23.78
N GLU A 110 30.95 10.72 -23.86
CA GLU A 110 29.58 10.22 -23.91
C GLU A 110 29.36 9.17 -22.83
N LEU A 111 28.29 9.36 -22.07
CA LEU A 111 27.89 8.44 -21.02
C LEU A 111 27.34 7.13 -21.59
N PRO A 112 27.33 6.06 -20.77
CA PRO A 112 26.62 4.87 -21.23
C PRO A 112 25.17 5.19 -21.63
N LYS A 113 24.70 4.52 -22.67
CA LYS A 113 23.31 4.57 -23.05
C LYS A 113 22.40 4.27 -21.85
N ASP A 114 21.34 5.04 -21.73
CA ASP A 114 20.30 4.92 -20.69
C ASP A 114 20.80 5.34 -19.30
N LEU A 115 21.90 6.08 -19.26
CA LEU A 115 22.36 6.76 -18.04
C LEU A 115 22.17 8.27 -18.21
N PRO A 116 21.02 8.81 -17.79
CA PRO A 116 20.59 10.20 -18.06
C PRO A 116 21.47 11.23 -17.39
N PHE A 117 21.75 12.31 -18.12
CA PHE A 117 22.45 13.46 -17.56
C PHE A 117 22.11 14.63 -18.45
N GLU A 118 21.67 15.74 -17.87
CA GLU A 118 21.11 16.80 -18.72
C GLU A 118 21.89 18.12 -18.62
N GLY A 119 23.21 17.99 -18.62
CA GLY A 119 24.07 19.11 -18.95
C GLY A 119 24.17 20.17 -17.86
N ALA A 120 24.46 21.40 -18.31
CA ALA A 120 24.62 22.53 -17.41
C ALA A 120 23.31 22.86 -16.73
N GLY A 121 22.19 22.45 -17.33
CA GLY A 121 20.90 22.61 -16.68
C GLY A 121 20.77 21.86 -15.35
N ASP A 122 21.52 20.75 -15.22
CA ASP A 122 21.51 19.99 -13.95
C ASP A 122 22.83 20.02 -13.22
N ALA A 123 23.83 20.70 -13.76
CA ALA A 123 25.12 20.74 -13.10
C ALA A 123 25.77 22.11 -13.29
N LEU A 124 25.88 22.85 -12.19
CA LEU A 124 26.26 24.25 -12.24
C LEU A 124 27.59 24.47 -11.56
N LEU A 125 28.51 25.09 -12.29
CA LEU A 125 29.84 25.31 -11.78
C LEU A 125 29.82 26.42 -10.74
N ASP A 126 30.57 26.21 -9.67
CA ASP A 126 30.97 27.28 -8.75
C ASP A 126 31.61 28.40 -9.59
N ARG A 127 31.23 29.67 -9.39
CA ARG A 127 31.67 30.67 -10.37
C ARG A 127 33.19 30.94 -10.30
N GLU A 128 33.84 30.53 -9.20
CA GLU A 128 35.31 30.55 -9.15
C GLU A 128 35.92 29.24 -9.67
N GLY A 129 35.09 28.33 -10.16
CA GLY A 129 35.60 27.08 -10.75
C GLY A 129 36.16 26.05 -9.78
N ARG A 130 35.77 26.16 -8.50
CA ARG A 130 36.32 25.31 -7.44
C ARG A 130 35.72 23.92 -7.44
N TRP A 131 34.45 23.83 -7.75
CA TRP A 131 33.78 22.54 -7.81
C TRP A 131 32.56 22.66 -8.70
N LEU A 132 31.97 21.52 -9.03
CA LEU A 132 30.75 21.47 -9.79
C LEU A 132 29.62 20.99 -8.88
N TRP A 133 28.51 21.72 -8.86
CA TRP A 133 27.31 21.28 -8.16
C TRP A 133 26.44 20.47 -9.13
N ALA A 134 26.15 19.22 -8.81
CA ALA A 134 25.35 18.39 -9.72
C ALA A 134 24.06 17.93 -9.07
N GLY A 135 22.95 18.14 -9.78
CA GLY A 135 21.65 17.73 -9.30
C GLY A 135 21.32 16.29 -9.65
N TYR A 136 20.41 15.71 -8.87
CA TYR A 136 19.79 14.43 -9.22
C TYR A 136 18.42 14.42 -8.56
N GLY A 137 17.59 13.46 -8.94
CA GLY A 137 16.26 13.35 -8.39
C GLY A 137 15.18 13.26 -9.46
N PHE A 138 15.36 13.93 -10.60
CA PHE A 138 14.32 13.90 -11.65
C PHE A 138 14.84 13.61 -13.04
N ARG A 139 15.97 14.23 -13.40
CA ARG A 139 16.47 14.06 -14.75
C ARG A 139 17.82 13.37 -14.70
N SER A 140 18.87 14.06 -14.25
CA SER A 140 20.18 13.41 -14.19
C SER A 140 20.25 12.33 -13.10
N GLU A 141 20.91 11.21 -13.43
CA GLU A 141 21.17 10.11 -12.49
C GLU A 141 22.35 10.36 -11.59
N LEU A 142 22.21 9.98 -10.34
CA LEU A 142 23.29 10.09 -9.39
C LEU A 142 24.57 9.45 -9.93
N ASP A 143 24.42 8.30 -10.60
CA ASP A 143 25.59 7.57 -11.11
C ASP A 143 26.27 8.24 -12.29
N SER A 144 25.74 9.34 -12.80
CA SER A 144 26.48 10.07 -13.84
C SER A 144 27.55 10.96 -13.19
N HIS A 145 27.37 11.29 -11.91
CA HIS A 145 28.25 12.28 -11.26
C HIS A 145 29.73 11.87 -11.21
N PRO A 146 30.05 10.59 -10.90
CA PRO A 146 31.46 10.21 -10.96
C PRO A 146 32.09 10.38 -12.35
N TYR A 147 31.29 10.19 -13.40
CA TYR A 147 31.79 10.42 -14.76
C TYR A 147 32.15 11.89 -14.99
N LEU A 148 31.27 12.78 -14.54
CA LEU A 148 31.53 14.21 -14.64
C LEU A 148 32.84 14.55 -13.97
N ALA A 149 33.03 14.01 -12.76
CA ALA A 149 34.23 14.32 -11.99
C ALA A 149 35.49 13.91 -12.74
N LYS A 150 35.48 12.69 -13.30
CA LYS A 150 36.65 12.14 -13.98
C LYS A 150 36.94 12.86 -15.29
N TRP A 151 35.90 12.98 -16.12
CA TRP A 151 36.06 13.50 -17.47
C TRP A 151 36.30 15.01 -17.50
N LEU A 152 35.67 15.73 -16.60
CA LEU A 152 35.88 17.18 -16.57
C LEU A 152 36.96 17.52 -15.53
N ASP A 153 37.44 16.50 -14.80
CA ASP A 153 38.53 16.64 -13.82
C ASP A 153 38.23 17.71 -12.77
N ILE A 154 37.14 17.50 -12.02
CA ILE A 154 36.72 18.50 -11.08
C ILE A 154 36.05 17.83 -9.87
N GLU A 155 36.06 18.53 -8.75
CA GLU A 155 35.28 18.06 -7.61
C GLU A 155 33.79 18.28 -7.91
N VAL A 156 33.00 17.24 -7.65
CA VAL A 156 31.54 17.25 -7.88
C VAL A 156 30.76 17.08 -6.56
N LEU A 157 29.88 18.02 -6.23
CA LEU A 157 29.02 17.92 -5.05
C LEU A 157 27.61 17.59 -5.50
N SER A 158 27.01 16.55 -4.93
CA SER A 158 25.68 16.09 -5.38
C SER A 158 24.55 16.69 -4.55
N LEU A 159 23.51 17.19 -5.22
CA LEU A 159 22.36 17.80 -4.53
C LEU A 159 21.10 17.12 -4.96
N ARG A 160 20.27 16.71 -4.01
CA ARG A 160 19.05 16.03 -4.40
C ARG A 160 17.84 16.96 -4.48
N LEU A 161 17.24 17.00 -5.66
CA LEU A 161 16.03 17.77 -5.89
C LEU A 161 14.77 16.99 -5.46
N ILE A 162 13.83 17.65 -4.81
CA ILE A 162 12.64 16.95 -4.32
C ILE A 162 11.29 17.56 -4.75
N ASP A 163 11.30 18.64 -5.52
CA ASP A 163 10.04 19.26 -5.95
C ASP A 163 9.98 19.17 -7.49
N GLU A 164 8.97 18.48 -8.01
CA GLU A 164 8.87 18.16 -9.43
C GLU A 164 8.81 19.39 -10.35
N ARG A 165 8.35 20.51 -9.81
CA ARG A 165 8.38 21.78 -10.57
C ARG A 165 9.79 22.29 -10.80
N PHE A 166 10.68 21.92 -9.88
CA PHE A 166 12.06 22.37 -9.93
C PHE A 166 12.90 21.15 -10.26
N TYR A 167 12.76 20.70 -11.51
CA TYR A 167 13.20 19.38 -11.95
C TYR A 167 14.65 19.37 -12.49
N HIS A 168 15.18 20.55 -12.79
CA HIS A 168 16.62 20.76 -13.06
C HIS A 168 17.23 21.62 -11.97
N LEU A 169 18.51 21.40 -11.69
CA LEU A 169 19.18 22.19 -10.68
C LEU A 169 19.12 23.69 -11.02
N ASP A 170 19.21 24.07 -12.31
CA ASP A 170 19.26 25.49 -12.64
C ASP A 170 17.91 26.19 -12.48
N THR A 171 16.84 25.43 -12.19
CA THR A 171 15.57 26.08 -11.84
C THR A 171 15.48 26.61 -10.40
N CYS A 172 16.39 26.18 -9.53
CA CYS A 172 16.25 26.46 -8.10
C CYS A 172 17.59 26.73 -7.42
N PHE A 173 18.63 26.97 -8.22
CA PHE A 173 20.00 27.04 -7.72
C PHE A 173 20.89 27.79 -8.70
N CYS A 174 21.56 28.83 -8.22
CA CYS A 174 22.32 29.70 -9.11
C CYS A 174 23.59 30.28 -8.47
N PRO A 175 24.75 29.60 -8.64
CA PRO A 175 25.99 30.21 -8.15
C PRO A 175 26.23 31.55 -8.85
N LEU A 176 26.70 32.54 -8.08
CA LEU A 176 26.94 33.88 -8.61
C LEU A 176 28.39 34.31 -8.38
N ALA A 177 28.79 35.41 -9.01
CA ALA A 177 30.11 36.00 -8.79
C ALA A 177 30.34 36.30 -7.31
N ASN A 178 31.62 36.33 -6.91
CA ASN A 178 32.04 36.70 -5.55
C ASN A 178 31.55 35.75 -4.48
N GLY A 179 31.27 34.49 -4.85
CA GLY A 179 30.87 33.50 -3.88
C GLY A 179 29.39 33.54 -3.48
N TYR A 180 28.60 34.42 -4.06
CA TYR A 180 27.18 34.43 -3.71
C TYR A 180 26.43 33.24 -4.34
N LEU A 181 25.32 32.88 -3.71
CA LEU A 181 24.48 31.79 -4.18
C LEU A 181 23.02 32.18 -4.08
N LEU A 182 22.32 32.16 -5.21
CA LEU A 182 20.90 32.42 -5.27
C LEU A 182 20.23 31.07 -5.34
N TYR A 183 19.31 30.76 -4.42
CA TYR A 183 18.71 29.43 -4.44
C TYR A 183 17.41 29.35 -3.64
N TYR A 184 16.69 28.26 -3.84
CA TYR A 184 15.41 28.03 -3.18
C TYR A 184 15.49 26.77 -2.33
N PRO A 185 15.69 26.93 -1.01
CA PRO A 185 15.92 25.80 -0.10
C PRO A 185 14.86 24.72 -0.18
N GLY A 186 13.60 25.12 -0.40
CA GLY A 186 12.49 24.18 -0.40
C GLY A 186 12.50 23.18 -1.55
N ALA A 187 13.36 23.41 -2.53
CA ALA A 187 13.56 22.50 -3.65
C ALA A 187 14.50 21.34 -3.32
N PHE A 188 15.13 21.39 -2.15
CA PHE A 188 16.18 20.41 -1.79
C PHE A 188 15.83 19.59 -0.56
N ASP A 189 16.38 18.38 -0.42
CA ASP A 189 16.15 17.65 0.83
C ASP A 189 17.05 18.22 1.93
N SER A 190 16.88 17.72 3.15
CA SER A 190 17.60 18.24 4.32
C SER A 190 19.10 17.96 4.23
N TYR A 191 19.48 16.77 3.78
CA TYR A 191 20.88 16.46 3.50
C TYR A 191 21.55 17.53 2.61
N SER A 192 20.86 17.90 1.53
CA SER A 192 21.41 18.82 0.52
C SER A 192 21.48 20.24 1.04
N ASN A 193 20.44 20.66 1.75
CA ASN A 193 20.46 21.93 2.45
C ASN A 193 21.63 22.03 3.44
N ARG A 194 21.90 20.94 4.17
CA ARG A 194 23.05 20.94 5.06
C ARG A 194 24.34 21.10 4.25
N LEU A 195 24.44 20.42 3.11
CA LEU A 195 25.65 20.54 2.31
C LEU A 195 25.81 21.98 1.80
N ILE A 196 24.72 22.57 1.34
CA ILE A 196 24.79 23.94 0.84
C ILE A 196 25.28 24.88 1.94
N GLU A 197 24.72 24.71 3.14
CA GLU A 197 25.07 25.58 4.25
C GLU A 197 26.50 25.37 4.75
N ARG A 199 28.97 24.67 2.78
CA ARG A 199 29.88 25.16 1.73
C ARG A 199 29.78 26.66 1.48
N VAL A 200 28.64 27.27 1.81
CA VAL A 200 28.38 28.67 1.52
C VAL A 200 27.99 29.41 2.80
N ALA A 201 28.75 30.45 3.15
CA ALA A 201 28.54 31.18 4.42
C ALA A 201 27.20 31.91 4.42
N PRO A 202 26.61 32.11 5.61
CA PRO A 202 25.29 32.74 5.67
C PRO A 202 25.21 34.07 4.91
N GLU A 203 26.22 34.93 5.03
CA GLU A 203 26.20 36.20 4.30
C GLU A 203 26.18 36.00 2.78
N LYS A 204 26.64 34.85 2.30
CA LYS A 204 26.72 34.65 0.85
C LYS A 204 25.46 33.99 0.27
N ARG A 205 24.58 33.48 1.14
CA ARG A 205 23.37 32.77 0.69
C ARG A 205 22.22 33.73 0.47
N ILE A 206 21.63 33.72 -0.71
CA ILE A 206 20.44 34.53 -0.93
C ILE A 206 19.31 33.53 -1.17
N ALA A 207 18.62 33.14 -0.11
CA ALA A 207 17.50 32.19 -0.21
C ALA A 207 16.27 32.96 -0.63
N ILE A 208 15.63 32.55 -1.71
CA ILE A 208 14.45 33.29 -2.19
C ILE A 208 13.16 32.66 -1.69
N ALA A 209 12.08 33.44 -1.76
CA ALA A 209 10.71 32.99 -1.40
C ALA A 209 10.05 32.27 -2.56
N GLU A 210 8.96 31.54 -2.27
CA GLU A 210 8.29 30.75 -3.29
C GLU A 210 7.78 31.59 -4.46
N ALA A 211 7.27 32.77 -4.16
CA ALA A 211 6.75 33.68 -5.17
C ALA A 211 7.82 34.01 -6.21
N ASP A 212 9.05 34.20 -5.74
CA ASP A 212 10.14 34.46 -6.69
C ASP A 212 10.52 33.17 -7.41
N ALA A 213 10.54 32.05 -6.68
CA ALA A 213 10.97 30.77 -7.27
C ALA A 213 10.08 30.31 -8.42
N VAL A 214 8.75 30.44 -8.30
CA VAL A 214 7.87 30.03 -9.39
C VAL A 214 7.89 31.02 -10.58
N ASN A 215 8.61 32.14 -10.44
CA ASN A 215 8.86 33.01 -11.57
C ASN A 215 10.20 32.71 -12.22
N PHE A 216 10.83 31.62 -11.77
CA PHE A 216 12.15 31.21 -12.22
C PHE A 216 13.26 32.23 -11.93
N ALA A 217 13.19 32.89 -10.77
CA ALA A 217 14.24 33.82 -10.38
C ALA A 217 15.64 33.19 -10.22
N CYS A 218 15.73 31.90 -9.90
CA CYS A 218 17.04 31.22 -9.84
C CYS A 218 17.59 30.90 -11.22
N ASN A 219 16.71 30.89 -12.22
CA ASN A 219 17.11 30.56 -13.58
C ASN A 219 17.71 31.79 -14.27
N THR A 220 18.81 32.25 -13.69
CA THR A 220 19.42 33.54 -13.93
C THR A 220 20.76 33.40 -14.64
N VAL A 221 21.04 34.30 -15.58
CA VAL A 221 22.35 34.31 -16.24
C VAL A 221 23.19 35.40 -15.59
N ASN A 222 24.31 35.01 -14.99
CA ASN A 222 25.17 35.96 -14.28
C ASN A 222 26.39 36.21 -15.14
N VAL A 223 26.53 37.42 -15.66
CA VAL A 223 27.68 37.62 -16.53
C VAL A 223 28.83 38.09 -15.66
N GLU A 224 28.83 39.32 -15.19
CA GLU A 224 29.87 39.58 -14.20
C GLU A 224 29.22 40.11 -12.92
N SER A 225 29.00 41.42 -12.82
CA SER A 225 28.14 41.93 -11.75
C SER A 225 26.69 42.03 -12.24
N ILE A 226 26.45 41.50 -13.43
CA ILE A 226 25.14 41.57 -14.03
C ILE A 226 24.39 40.24 -13.86
N VAL A 227 23.14 40.31 -13.44
CA VAL A 227 22.26 39.13 -13.41
C VAL A 227 21.05 39.40 -14.30
N ILE A 228 20.79 38.47 -15.21
CA ILE A 228 19.66 38.60 -16.13
C ILE A 228 18.60 37.55 -15.81
N ASN A 230 13.99 36.56 -15.78
CA ASN A 230 12.61 36.82 -16.20
C ASN A 230 11.98 37.93 -15.36
N LYS A 231 11.95 37.75 -14.05
CA LYS A 231 11.32 38.74 -13.17
C LYS A 231 11.80 38.56 -11.74
N ALA A 232 11.98 39.67 -11.06
CA ALA A 232 12.37 39.66 -9.66
C ALA A 232 11.44 40.54 -8.84
N SER A 233 11.05 40.07 -7.66
CA SER A 233 10.36 40.91 -6.69
C SER A 233 11.24 42.07 -6.25
N ASP A 234 10.61 43.10 -5.71
CA ASP A 234 11.31 44.23 -5.07
C ASP A 234 12.25 43.77 -3.96
N ALA A 235 11.81 42.81 -3.16
CA ALA A 235 12.65 42.29 -2.10
C ALA A 235 13.92 41.66 -2.66
N LEU A 236 13.75 40.84 -3.70
CA LEU A 236 14.90 40.17 -4.31
C LEU A 236 15.85 41.17 -4.97
N LYS A 237 15.31 42.15 -5.68
CA LYS A 237 16.12 43.20 -6.29
C LYS A 237 16.96 43.93 -5.24
N GLN A 238 16.34 44.20 -4.10
CA GLN A 238 17.04 44.91 -3.02
C GLN A 238 18.22 44.08 -2.47
N SER A 239 17.97 42.80 -2.23
CA SER A 239 19.02 41.90 -1.78
C SER A 239 20.21 41.85 -2.76
N LEU A 240 19.92 41.66 -4.04
CA LEU A 240 20.96 41.51 -5.05
C LEU A 240 21.72 42.81 -5.27
N THR A 241 20.99 43.92 -5.42
CA THR A 241 21.67 45.21 -5.61
C THR A 241 22.45 45.52 -4.34
N GLY A 242 21.91 45.11 -3.19
CA GLY A 242 22.58 45.34 -1.92
C GLY A 242 23.97 44.71 -1.81
N VAL A 243 24.24 43.65 -2.57
CA VAL A 243 25.57 43.06 -2.49
C VAL A 243 26.34 43.33 -3.78
N GLY A 244 25.80 44.19 -4.63
CA GLY A 244 26.54 44.72 -5.77
C GLY A 244 26.24 44.16 -7.15
N PHE A 245 25.12 43.48 -7.34
CA PHE A 245 24.76 43.02 -8.67
C PHE A 245 23.85 44.06 -9.30
N GLN A 246 23.92 44.16 -10.61
CA GLN A 246 22.94 44.94 -11.36
C GLN A 246 21.89 44.00 -11.93
N VAL A 247 20.63 44.22 -11.60
CA VAL A 247 19.59 43.29 -12.02
C VAL A 247 18.90 43.75 -13.33
N LEU A 248 18.93 42.88 -14.34
CA LEU A 248 18.24 43.17 -15.58
C LEU A 248 17.10 42.19 -15.80
N GLU A 249 15.90 42.72 -15.94
CA GLU A 249 14.73 41.88 -16.17
C GLU A 249 14.30 41.90 -17.62
N THR A 250 13.88 40.75 -18.11
CA THR A 250 13.41 40.64 -19.48
C THR A 250 12.40 39.49 -19.52
N PRO A 251 11.16 39.79 -19.95
CA PRO A 251 10.09 38.78 -19.84
C PRO A 251 10.33 37.49 -20.65
N LEU A 252 10.12 36.33 -20.01
CA LEU A 252 10.34 35.04 -20.69
C LEU A 252 9.20 34.04 -20.48
N THR A 253 8.00 34.57 -20.23
CA THR A 253 6.82 33.76 -19.91
C THR A 253 6.48 32.72 -20.99
N GLU A 254 6.72 33.03 -22.25
CA GLU A 254 6.49 32.01 -23.31
C GLU A 254 7.36 30.78 -23.13
N PHE A 255 8.53 30.97 -22.53
CA PHE A 255 9.43 29.84 -22.29
C PHE A 255 9.16 29.21 -20.94
N LEU A 256 8.62 29.97 -20.00
CA LEU A 256 8.17 29.38 -18.74
C LEU A 256 7.04 28.38 -18.99
N LYS A 257 6.30 28.57 -20.09
CA LYS A 257 5.23 27.64 -20.45
C LYS A 257 5.78 26.23 -20.70
N ALA A 258 7.05 26.13 -21.11
CA ALA A 258 7.73 24.84 -21.28
C ALA A 258 8.64 24.48 -20.10
N GLY A 259 8.64 25.27 -19.04
CA GLY A 259 9.47 24.96 -17.87
C GLY A 259 10.92 25.46 -17.92
N GLY A 260 11.19 26.54 -18.64
CA GLY A 260 12.54 27.08 -18.71
C GLY A 260 12.55 28.60 -18.76
N ALA A 261 13.67 29.23 -18.43
CA ALA A 261 13.79 30.68 -18.57
C ALA A 261 15.21 31.09 -19.02
N ALA A 262 15.73 32.20 -18.49
CA ALA A 262 16.93 32.82 -19.08
C ALA A 262 18.11 31.88 -19.08
N LYS A 263 18.35 31.22 -17.95
CA LYS A 263 19.49 30.31 -17.82
C LYS A 263 19.35 29.05 -18.69
N CYS A 264 18.13 28.51 -18.80
CA CYS A 264 17.89 27.32 -19.62
C CYS A 264 18.16 27.59 -21.09
N LEU A 265 17.93 28.83 -21.50
CA LEU A 265 18.07 29.24 -22.91
C LEU A 265 19.52 29.51 -23.32
N THR A 266 20.44 29.32 -22.38
CA THR A 266 21.86 29.63 -22.59
C THR A 266 22.78 28.52 -22.10
N LEU A 267 23.91 28.35 -22.77
CA LEU A 267 24.96 27.44 -22.31
C LEU A 267 26.28 28.21 -22.35
N ARG A 268 26.91 28.38 -21.19
CA ARG A 268 28.20 29.07 -21.16
C ARG A 268 29.29 28.11 -21.57
N VAL A 269 29.96 28.37 -22.69
CA VAL A 269 30.98 27.44 -23.12
C VAL A 269 32.40 27.90 -22.82
N THR A 270 32.55 29.09 -22.23
CA THR A 270 33.86 29.49 -21.70
C THR A 270 33.80 29.53 -20.18
N GLU A 271 34.27 28.46 -19.54
CA GLU A 271 34.14 28.37 -18.09
C GLU A 271 35.51 28.42 -17.42
N PRO A 272 35.55 28.96 -16.17
CA PRO A 272 36.83 29.11 -15.48
C PRO A 272 37.50 27.77 -15.19
N VAL A 273 38.71 27.58 -15.70
CA VAL A 273 39.48 26.35 -15.48
C VAL A 273 40.66 26.60 -14.54
N ARG A 274 40.70 25.91 -13.41
CA ARG A 274 41.79 26.11 -12.47
C ARG A 274 42.79 24.96 -12.51
N ASP A 275 44.08 25.29 -12.53
CA ASP A 275 45.13 24.27 -12.57
C ASP A 275 45.10 23.33 -11.36
N GLU A 276 44.77 23.87 -10.21
CA GLU A 276 44.82 23.11 -8.97
C GLU A 276 43.56 22.26 -8.74
N VAL A 277 42.57 22.42 -9.59
CA VAL A 277 41.30 21.70 -9.45
C VAL A 277 41.36 20.35 -10.18
N HIS A 278 41.02 19.27 -9.48
CA HIS A 278 41.08 17.94 -10.05
C HIS A 278 39.87 17.12 -9.66
N ALA A 279 39.73 15.95 -10.28
CA ALA A 279 38.59 15.07 -10.04
C ALA A 279 38.45 14.72 -8.55
N ASN A 280 37.23 14.85 -8.03
CA ASN A 280 36.94 14.37 -6.68
C ASN A 280 35.46 14.00 -6.62
N VAL A 281 35.21 12.83 -6.05
CA VAL A 281 33.92 12.16 -6.09
C VAL A 281 33.51 11.82 -4.69
N TYR A 282 32.34 12.29 -4.25
CA TYR A 282 31.84 11.86 -2.95
C TYR A 282 30.86 10.69 -3.10
N VAL A 283 30.25 10.55 -4.27
CA VAL A 283 29.38 9.40 -4.55
C VAL A 283 30.09 8.12 -4.21
N GLU A 284 29.48 7.29 -3.38
CA GLU A 284 30.05 5.97 -3.20
C GLU A 284 29.04 4.89 -3.53
N SER A 285 29.54 3.70 -3.72
CA SER A 285 28.69 2.59 -4.11
C SER A 285 29.19 1.28 -3.50
N ARG A 286 28.27 0.33 -3.44
CA ARG A 286 28.49 -0.93 -2.77
C ARG A 286 27.52 -1.95 -3.42
N ILE A 287 28.01 -3.14 -3.74
CA ILE A 287 27.15 -4.15 -4.35
C ILE A 287 26.56 -5.03 -3.28
N ILE A 288 25.25 -5.24 -3.35
CA ILE A 288 24.61 -6.13 -2.39
C ILE A 288 23.94 -7.25 -3.13
N ARG A 289 23.57 -8.29 -2.38
CA ARG A 289 22.83 -9.42 -2.93
C ARG A 289 21.59 -9.61 -2.07
N ILE A 290 20.45 -9.79 -2.72
CA ILE A 290 19.23 -10.07 -1.99
C ILE A 290 18.58 -11.31 -2.60
N GLU A 291 18.06 -12.20 -1.75
CA GLU A 291 17.61 -13.51 -2.21
C GLU A 291 16.26 -13.87 -1.57
N GLY A 292 15.46 -14.65 -2.30
CA GLY A 292 14.15 -15.07 -1.82
C GLY A 292 13.13 -15.09 -2.95
N HIS A 293 11.84 -15.01 -2.59
CA HIS A 293 10.79 -14.91 -3.60
C HIS A 293 10.57 -13.45 -3.98
N LEU A 294 11.53 -12.90 -4.73
CA LEU A 294 11.64 -11.47 -4.96
C LEU A 294 10.46 -10.83 -5.71
N LEU A 295 10.05 -11.42 -6.83
CA LEU A 295 8.95 -10.87 -7.62
C LEU A 295 7.63 -11.01 -6.88
N ASP A 296 7.40 -12.21 -6.34
CA ASP A 296 6.23 -12.55 -5.55
C ASP A 296 6.05 -11.70 -4.26
N SER A 297 7.08 -11.63 -3.42
CA SER A 297 6.98 -10.89 -2.16
C SER A 297 7.04 -9.38 -2.34
N GLY A 298 7.51 -8.93 -3.49
CA GLY A 298 7.69 -7.51 -3.75
C GLY A 298 8.88 -6.96 -2.98
N LEU A 299 9.73 -7.86 -2.48
CA LEU A 299 10.84 -7.49 -1.64
C LEU A 299 11.87 -6.61 -2.37
N ILE A 300 12.18 -6.96 -3.62
CA ILE A 300 13.15 -6.18 -4.38
C ILE A 300 12.59 -4.79 -4.65
N ASN A 301 11.30 -4.70 -4.98
CA ASN A 301 10.61 -3.42 -5.12
C ASN A 301 10.73 -2.57 -3.84
N ARG A 302 10.57 -3.19 -2.67
CA ARG A 302 10.63 -2.43 -1.44
C ARG A 302 12.05 -1.94 -1.13
N ALA A 303 13.04 -2.79 -1.37
CA ALA A 303 14.44 -2.39 -1.21
C ALA A 303 14.78 -1.20 -2.10
N LEU A 304 14.44 -1.27 -3.38
CA LEU A 304 14.82 -0.20 -4.30
C LEU A 304 14.13 1.12 -3.93
N ASP A 305 12.85 1.06 -3.60
CA ASP A 305 12.13 2.25 -3.17
C ASP A 305 12.75 2.87 -1.93
N ILE A 307 15.92 2.66 -1.09
CA ILE A 307 17.19 3.26 -1.51
C ILE A 307 16.88 4.65 -2.06
N VAL A 308 15.89 4.74 -2.95
CA VAL A 308 15.59 6.03 -3.58
C VAL A 308 15.00 7.04 -2.59
N ASP A 309 14.07 6.60 -1.74
CA ASP A 309 13.46 7.50 -0.76
C ASP A 309 14.49 8.07 0.21
N THR A 310 15.53 7.31 0.50
CA THR A 310 16.55 7.74 1.45
C THR A 310 17.62 8.68 0.81
N GLY A 311 17.62 8.78 -0.52
CA GLY A 311 18.52 9.72 -1.17
C GLY A 311 19.56 9.09 -2.06
N GLY A 312 19.46 7.81 -2.31
CA GLY A 312 20.50 7.16 -3.08
C GLY A 312 19.98 6.70 -4.43
N SER A 313 20.75 5.80 -5.05
CA SER A 313 20.37 5.31 -6.37
C SER A 313 20.79 3.87 -6.48
N PHE A 314 20.46 3.25 -7.60
CA PHE A 314 20.79 1.85 -7.76
C PHE A 314 21.00 1.51 -9.22
N GLN A 315 21.57 0.33 -9.44
CA GLN A 315 21.58 -0.31 -10.74
C GLN A 315 21.51 -1.81 -10.47
N VAL A 316 20.45 -2.45 -10.90
CA VAL A 316 20.38 -3.90 -10.79
C VAL A 316 21.36 -4.49 -11.79
N LEU A 317 22.36 -5.21 -11.29
CA LEU A 317 23.41 -5.77 -12.14
C LEU A 317 22.98 -7.09 -12.79
N ASN A 318 22.24 -7.89 -12.03
CA ASN A 318 21.69 -9.11 -12.57
C ASN A 318 20.58 -9.63 -11.70
N PHE A 319 19.69 -10.38 -12.33
CA PHE A 319 18.52 -10.92 -11.70
C PHE A 319 18.35 -12.33 -12.23
N ASN A 320 18.28 -13.29 -11.33
CA ASN A 320 18.18 -14.68 -11.75
C ASN A 320 16.93 -15.35 -11.17
N LEU A 321 16.10 -15.88 -12.07
CA LEU A 321 14.79 -16.42 -11.70
C LEU A 321 14.82 -17.68 -10.84
N GLY A 322 15.81 -18.54 -11.06
CA GLY A 322 15.76 -19.86 -10.42
C GLY A 322 14.86 -20.75 -11.26
N GLU A 323 15.27 -21.99 -11.50
CA GLU A 323 14.71 -22.72 -12.64
C GLU A 323 13.52 -23.65 -12.35
N GLN A 324 13.03 -23.71 -11.11
CA GLN A 324 11.74 -24.37 -10.87
C GLN A 324 10.72 -23.40 -10.30
N ARG A 325 9.45 -23.67 -10.60
CA ARG A 325 8.36 -22.74 -10.34
C ARG A 325 8.31 -22.18 -8.92
N GLN A 326 8.79 -22.95 -7.96
CA GLN A 326 8.67 -22.54 -6.56
C GLN A 326 9.98 -21.99 -5.98
N SER A 327 11.08 -22.16 -6.72
CA SER A 327 12.40 -21.82 -6.19
C SER A 327 12.61 -20.30 -6.07
N THR A 328 13.47 -19.92 -5.14
CA THR A 328 13.75 -18.52 -4.85
C THR A 328 14.48 -17.84 -6.02
N SER A 329 14.43 -16.50 -6.06
CA SER A 329 15.22 -15.73 -7.02
C SER A 329 16.34 -14.99 -6.31
N ALA A 330 17.27 -14.44 -7.08
CA ALA A 330 18.34 -13.64 -6.50
C ALA A 330 18.69 -12.44 -7.38
N ALA A 331 18.93 -11.29 -6.75
CA ALA A 331 19.40 -10.12 -7.50
C ALA A 331 20.66 -9.53 -6.86
N GLU A 332 21.62 -9.19 -7.71
CA GLU A 332 22.76 -8.40 -7.30
C GLU A 332 22.51 -6.95 -7.72
N VAL A 333 22.62 -6.05 -6.75
CA VAL A 333 22.27 -4.65 -6.94
C VAL A 333 23.43 -3.76 -6.55
N LYS A 334 23.88 -2.92 -7.45
CA LYS A 334 24.81 -1.87 -7.07
C LYS A 334 24.00 -0.72 -6.45
N VAL A 335 24.28 -0.41 -5.19
CA VAL A 335 23.64 0.68 -4.48
C VAL A 335 24.56 1.86 -4.46
N SER A 336 24.04 3.06 -4.76
CA SER A 336 24.84 4.29 -4.76
C SER A 336 24.28 5.28 -3.76
N ALA A 337 25.16 6.14 -3.23
CA ALA A 337 24.78 7.20 -2.30
C ALA A 337 25.65 8.40 -2.56
N PRO A 338 25.11 9.60 -2.37
CA PRO A 338 25.84 10.86 -2.58
C PRO A 338 26.93 11.13 -1.55
N SER A 339 26.89 10.45 -0.41
CA SER A 339 27.88 10.62 0.65
C SER A 339 27.95 9.37 1.53
N HIS A 340 29.01 9.24 2.32
CA HIS A 340 29.10 8.15 3.28
C HIS A 340 27.96 8.19 4.30
N GLU A 341 27.58 9.37 4.74
CA GLU A 341 26.50 9.50 5.70
C GLU A 341 25.20 8.87 5.18
N VAL A 342 24.86 9.14 3.92
CA VAL A 342 23.62 8.64 3.33
C VAL A 342 23.73 7.13 3.03
N GLU A 344 25.26 5.00 4.82
CA GLU A 344 25.06 4.28 6.10
C GLU A 344 23.59 4.13 6.43
N GLU A 345 22.84 5.19 6.16
CA GLU A 345 21.41 5.14 6.38
C GLU A 345 20.79 4.08 5.48
N ILE A 346 21.20 4.05 4.21
CA ILE A 346 20.69 3.07 3.25
C ILE A 346 21.07 1.64 3.61
N ILE A 347 22.35 1.39 3.84
CA ILE A 347 22.82 0.06 4.18
C ILE A 347 22.15 -0.44 5.47
N SER A 348 21.94 0.45 6.43
CA SER A 348 21.23 0.04 7.65
C SER A 348 19.84 -0.50 7.35
N LEU A 349 19.11 0.18 6.46
CA LEU A 349 17.76 -0.28 6.09
C LEU A 349 17.81 -1.59 5.31
N LEU A 350 18.74 -1.70 4.36
CA LEU A 350 18.84 -2.91 3.54
C LEU A 350 19.26 -4.15 4.34
N ILE A 351 20.08 -3.97 5.38
CA ILE A 351 20.42 -5.05 6.30
C ILE A 351 19.18 -5.78 6.88
N ASP A 352 18.18 -5.06 7.38
CA ASP A 352 16.93 -5.68 7.88
C ASP A 352 16.24 -6.54 6.84
N LEU A 353 16.30 -6.10 5.59
CA LEU A 353 15.61 -6.78 4.52
C LEU A 353 16.37 -8.04 4.12
N GLY A 354 17.52 -8.25 4.75
CA GLY A 354 18.30 -9.46 4.51
C GLY A 354 19.35 -9.31 3.43
N ALA A 355 19.64 -8.08 3.02
CA ALA A 355 20.66 -7.87 2.01
C ALA A 355 22.03 -8.24 2.57
N VAL A 356 22.88 -8.83 1.75
CA VAL A 356 24.20 -9.24 2.22
C VAL A 356 25.29 -8.89 1.23
N ASP A 357 26.52 -8.89 1.71
CA ASP A 357 27.68 -8.66 0.86
C ASP A 357 27.92 -9.83 -0.09
N LEU A 358 28.55 -9.54 -1.20
CA LEU A 358 29.27 -10.55 -1.97
C LEU A 358 30.48 -10.97 -1.13
N PRO A 359 30.73 -12.28 -1.00
CA PRO A 359 31.87 -12.89 -0.30
C PRO A 359 33.16 -12.07 -0.40
N GLN A 360 33.51 -11.67 -1.62
CA GLN A 360 34.72 -10.91 -1.85
C GLN A 360 34.76 -9.55 -1.14
N ASP A 361 33.59 -9.04 -0.74
CA ASP A 361 33.48 -7.71 -0.13
C ASP A 361 33.22 -7.74 1.39
N GLU A 362 32.81 -8.90 1.90
CA GLU A 362 32.59 -9.11 3.33
C GLU A 362 33.77 -8.64 4.19
N ARG A 363 33.49 -7.83 5.22
CA ARG A 363 34.55 -7.37 6.10
C ARG A 363 34.14 -7.50 7.56
N ASP A 364 35.10 -7.43 8.47
CA ASP A 364 34.78 -7.46 9.91
C ASP A 364 34.06 -6.17 10.30
N ALA A 365 33.25 -6.25 11.34
CA ALA A 365 32.63 -5.05 11.92
C ALA A 365 33.71 -4.10 12.45
N LYS A 366 33.55 -2.81 12.22
CA LYS A 366 34.42 -1.80 12.84
C LYS A 366 34.03 -1.65 14.31
N LEU A 367 35.02 -1.50 15.20
CA LEU A 367 34.76 -1.30 16.62
C LEU A 367 35.43 -0.03 17.16
N GLU A 368 34.75 0.63 18.09
CA GLU A 368 35.34 1.75 18.84
C GLU A 368 35.02 1.58 20.32
N PRO A 369 35.92 2.06 21.20
CA PRO A 369 35.75 1.88 22.65
C PRO A 369 34.74 2.83 23.29
N VAL A 370 33.96 2.33 24.24
CA VAL A 370 33.20 3.21 25.13
C VAL A 370 34.22 3.87 26.08
N ILE A 371 34.24 5.20 26.15
CA ILE A 371 35.15 5.84 27.11
C ILE A 371 34.43 6.45 28.30
N GLN A 372 33.13 6.67 28.17
CA GLN A 372 32.32 7.24 29.24
C GLN A 372 31.10 6.35 29.48
N ASP A 373 30.83 5.93 30.71
CA ASP A 373 29.63 5.14 31.00
C ASP A 373 28.37 5.78 30.40
N GLY A 374 27.58 4.95 29.73
CA GLY A 374 26.28 5.35 29.25
C GLY A 374 26.35 6.18 27.99
N VAL A 375 27.48 6.15 27.29
CA VAL A 375 27.66 6.92 26.07
C VAL A 375 28.33 6.05 25.01
N ALA A 376 27.78 5.99 23.81
CA ALA A 376 28.39 5.17 22.76
C ALA A 376 29.39 6.03 21.97
N PRO A 377 30.37 5.39 21.32
CA PRO A 377 31.22 6.13 20.40
C PRO A 377 30.47 6.62 19.19
N ASP A 378 30.95 7.71 18.61
CA ASP A 378 30.37 8.31 17.40
C ASP A 378 30.12 7.27 16.30
N ASP A 379 28.98 7.39 15.62
CA ASP A 379 28.59 6.50 14.52
C ASP A 379 28.36 5.01 14.92
N PHE A 380 28.01 4.78 16.17
CA PHE A 380 27.58 3.43 16.61
C PHE A 380 26.42 2.97 15.75
N TYR A 381 26.41 1.69 15.44
CA TYR A 381 25.31 1.11 14.69
C TYR A 381 24.08 0.98 15.61
N VAL A 382 22.90 1.22 15.05
CA VAL A 382 21.65 1.18 15.82
C VAL A 382 20.90 -0.11 15.55
N SER A 383 20.67 -0.92 16.59
CA SER A 383 20.07 -2.24 16.40
C SER A 383 18.57 -2.17 16.05
N THR A 384 18.10 -3.24 15.44
CA THR A 384 16.69 -3.41 15.07
C THR A 384 16.11 -4.53 15.92
N ILE A 385 14.84 -4.86 15.71
CA ILE A 385 14.24 -5.96 16.45
C ILE A 385 14.66 -7.33 15.93
N TYR A 386 15.23 -7.38 14.74
CA TYR A 386 15.44 -8.67 14.08
C TYR A 386 16.72 -9.37 14.52
N PRO A 387 16.74 -10.72 14.47
CA PRO A 387 17.94 -11.49 14.88
C PRO A 387 19.14 -11.12 14.00
N THR A 388 20.30 -10.89 14.63
CA THR A 388 21.42 -10.24 13.97
C THR A 388 22.73 -11.00 14.25
N GLU A 389 23.61 -11.08 13.26
CA GLU A 389 24.95 -11.63 13.47
C GLU A 389 25.98 -10.60 13.05
N VAL A 390 27.09 -10.55 13.78
CA VAL A 390 28.16 -9.61 13.44
C VAL A 390 29.49 -10.35 13.19
N ARG A 391 30.33 -9.80 12.31
CA ARG A 391 31.58 -10.47 11.96
C ARG A 391 32.75 -9.87 12.74
N ILE A 392 33.29 -10.67 13.65
CA ILE A 392 34.43 -10.31 14.48
C ILE A 392 35.56 -11.31 14.24
N ASN A 393 36.75 -10.80 13.91
CA ASN A 393 37.90 -11.65 13.59
C ASN A 393 37.57 -12.74 12.57
N GLY A 394 36.85 -12.37 11.52
CA GLY A 394 36.50 -13.32 10.48
C GLY A 394 35.42 -14.34 10.83
N GLN A 395 34.83 -14.22 12.02
CA GLN A 395 33.76 -15.14 12.42
C GLN A 395 32.43 -14.44 12.74
N TRP A 396 31.35 -14.90 12.14
CA TRP A 396 30.01 -14.38 12.40
C TRP A 396 29.45 -14.94 13.71
N ILE A 397 29.10 -14.07 14.64
CA ILE A 397 28.53 -14.50 15.92
C ILE A 397 27.17 -13.87 16.15
N LYS A 398 26.29 -14.59 16.87
CA LYS A 398 24.93 -14.12 17.14
C LYS A 398 24.88 -13.03 18.20
N VAL A 399 24.14 -11.96 17.93
CA VAL A 399 23.93 -10.92 18.91
C VAL A 399 22.90 -11.37 19.94
N GLU A 400 23.22 -11.21 21.23
CA GLU A 400 22.27 -11.59 22.28
C GLU A 400 21.46 -10.42 22.83
N ASN A 401 20.28 -10.71 23.38
CA ASN A 401 19.41 -9.69 23.96
C ASN A 401 19.03 -8.66 22.93
N GLN A 402 18.67 -9.12 21.74
CA GLN A 402 18.29 -8.23 20.66
C GLN A 402 17.13 -7.35 21.07
N ARG A 403 17.19 -6.10 20.64
CA ARG A 403 16.21 -5.09 21.01
C ARG A 403 16.47 -3.94 20.07
N ASP A 405 16.88 -0.04 18.81
CA ASP A 405 17.41 1.21 19.35
C ASP A 405 18.46 1.04 20.44
N GLY A 406 19.26 0.00 20.31
CA GLY A 406 20.41 -0.18 21.17
C GLY A 406 21.71 -0.12 20.37
N ALA A 407 22.82 -0.25 21.10
CA ALA A 407 24.14 -0.40 20.51
C ALA A 407 24.57 -1.87 20.66
N ILE A 408 25.46 -2.35 19.79
CA ILE A 408 25.98 -3.71 19.94
C ILE A 408 27.38 -3.64 20.56
N ALA A 409 27.51 -4.22 21.75
CA ALA A 409 28.76 -4.22 22.50
C ALA A 409 29.46 -5.56 22.37
N ILE A 410 30.76 -5.53 22.11
CA ILE A 410 31.52 -6.75 21.92
C ILE A 410 32.46 -6.90 23.11
N THR A 411 32.35 -8.02 23.82
CA THR A 411 33.20 -8.21 24.99
C THR A 411 33.86 -9.58 24.94
N GLN A 412 34.92 -9.74 25.71
CA GLN A 412 35.62 -11.00 25.76
C GLN A 412 35.30 -11.72 27.07
N THR A 413 35.04 -13.01 26.98
CA THR A 413 34.56 -13.80 28.12
C THR A 413 35.38 -15.08 28.23
N PRO A 414 35.22 -15.83 29.35
CA PRO A 414 35.80 -17.18 29.50
C PRO A 414 35.67 -18.05 28.26
N ASN A 415 34.45 -18.15 27.71
CA ASN A 415 34.19 -19.05 26.59
C ASN A 415 33.99 -18.31 25.26
N GLY A 416 34.83 -17.32 24.99
CA GLY A 416 34.83 -16.66 23.69
C GLY A 416 34.16 -15.31 23.65
N LEU A 417 34.09 -14.75 22.45
CA LEU A 417 33.51 -13.43 22.20
C LEU A 417 32.01 -13.38 22.47
N LEU A 418 31.57 -12.33 23.15
CA LEU A 418 30.15 -12.10 23.35
C LEU A 418 29.72 -10.81 22.65
N ALA A 419 28.66 -10.91 21.85
CA ALA A 419 28.02 -9.76 21.20
C ALA A 419 26.68 -9.57 21.85
N GLN A 420 26.49 -8.39 22.41
CA GLN A 420 25.31 -8.10 23.21
C GLN A 420 24.67 -6.77 22.79
N CYS A 421 23.36 -6.78 22.61
CA CYS A 421 22.62 -5.56 22.36
C CYS A 421 22.37 -4.90 23.71
N LYS A 422 22.74 -3.62 23.82
CA LYS A 422 22.58 -2.88 25.06
C LYS A 422 21.99 -1.50 24.81
N ILE A 423 21.13 -1.03 25.69
CA ILE A 423 20.66 0.34 25.53
C ILE A 423 21.80 1.27 25.93
N LEU A 424 21.84 2.47 25.35
CA LEU A 424 22.95 3.41 25.55
C LEU A 424 23.35 3.58 27.02
N ARG A 425 22.37 3.74 27.90
CA ARG A 425 22.67 4.09 29.29
C ARG A 425 23.31 2.93 30.06
N ASP A 426 23.28 1.74 29.49
CA ASP A 426 23.90 0.56 30.10
C ASP A 426 25.33 0.27 29.60
N LEU A 427 25.81 1.01 28.60
CA LEU A 427 27.19 0.84 28.12
C LEU A 427 28.19 1.18 29.22
N LYS A 428 29.28 0.42 29.31
CA LYS A 428 30.29 0.67 30.35
C LYS A 428 31.65 1.03 29.74
N ALA A 429 32.36 1.98 30.36
CA ALA A 429 33.68 2.37 29.87
C ALA A 429 34.52 1.11 29.58
N GLY A 430 35.18 1.08 28.43
CA GLY A 430 36.02 -0.06 28.09
C GLY A 430 35.36 -1.09 27.19
N GLU A 431 34.03 -1.09 27.07
CA GLU A 431 33.40 -2.00 26.12
C GLU A 431 33.72 -1.51 24.71
N GLN A 432 33.76 -2.44 23.76
CA GLN A 432 33.89 -2.11 22.35
C GLN A 432 32.51 -2.12 21.71
N VAL A 433 32.22 -1.10 20.91
CA VAL A 433 30.91 -0.97 20.31
C VAL A 433 31.03 -0.94 18.79
N ILE A 434 30.13 -1.62 18.10
CA ILE A 434 30.14 -1.57 16.65
C ILE A 434 29.72 -0.21 16.10
N VAL A 435 30.57 0.32 15.21
CA VAL A 435 30.28 1.55 14.48
C VAL A 435 30.26 1.25 12.97
N ASP A 436 29.92 2.26 12.17
CA ASP A 436 29.75 2.10 10.72
C ASP A 436 28.76 0.98 10.44
N VAL A 437 28.82 0.39 9.26
CA VAL A 437 27.78 -0.55 8.84
C VAL A 437 28.38 -1.79 8.16
N LEU A 438 29.64 -2.09 8.47
CA LEU A 438 30.26 -3.30 7.92
C LEU A 438 30.12 -4.48 8.87
N GLY A 439 30.19 -5.70 8.33
CA GLY A 439 30.19 -6.92 9.13
C GLY A 439 28.94 -7.14 9.97
N ILE A 440 27.78 -6.79 9.42
CA ILE A 440 26.48 -6.91 10.12
C ILE A 440 25.46 -7.49 9.17
N ARG A 441 24.75 -8.53 9.59
CA ARG A 441 23.65 -9.05 8.78
C ARG A 441 22.53 -9.54 9.68
N THR A 442 21.33 -9.68 9.13
CA THR A 442 20.24 -10.23 9.91
C THR A 442 19.85 -11.59 9.40
N ILE A 443 19.00 -12.26 10.19
CA ILE A 443 18.47 -13.55 9.80
C ILE A 443 16.96 -13.44 9.78
N ARG A 444 16.40 -13.19 8.59
CA ARG A 444 14.95 -13.07 8.40
C ARG A 444 14.36 -11.95 9.28
N VAL A 464 -11.81 18.66 14.04
CA VAL A 464 -13.24 18.60 14.35
C VAL A 464 -13.86 19.99 14.44
N SER A 465 -13.12 20.98 14.96
CA SER A 465 -13.68 22.33 15.10
C SER A 465 -13.84 23.04 13.75
N SER A 466 -14.90 23.80 13.57
CA SER A 466 -15.15 24.49 12.31
C SER A 466 -14.09 25.56 12.02
N GLU A 467 -14.18 26.21 10.87
CA GLU A 467 -13.26 27.31 10.60
C GLU A 467 -13.54 28.44 11.56
N ARG A 468 -14.82 28.79 11.73
CA ARG A 468 -15.20 29.88 12.62
C ARG A 468 -14.60 29.68 14.02
N ARG A 469 -14.70 28.45 14.53
CA ARG A 469 -14.38 28.13 15.91
C ARG A 469 -12.91 28.34 16.20
N VAL A 470 -12.09 27.73 15.35
CA VAL A 470 -10.64 27.80 15.47
C VAL A 470 -10.21 29.25 15.44
N GLU A 471 -10.71 29.98 14.46
CA GLU A 471 -10.37 31.38 14.30
C GLU A 471 -10.82 32.22 15.51
N LEU A 472 -11.99 31.93 16.07
CA LEU A 472 -12.45 32.64 17.25
C LEU A 472 -11.55 32.35 18.46
N VAL A 473 -11.15 31.10 18.65
CA VAL A 473 -10.31 30.78 19.79
C VAL A 473 -8.92 31.37 19.61
N VAL A 474 -8.39 31.30 18.39
CA VAL A 474 -7.07 31.89 18.10
C VAL A 474 -7.08 33.38 18.41
N GLU A 475 -8.12 34.07 17.94
CA GLU A 475 -8.31 35.50 18.21
C GLU A 475 -8.29 35.79 19.72
N GLN A 476 -9.06 35.03 20.48
CA GLN A 476 -9.15 35.22 21.92
C GLN A 476 -7.83 34.90 22.64
N VAL A 477 -7.22 33.78 22.27
CA VAL A 477 -6.00 33.33 22.93
C VAL A 477 -4.83 34.27 22.61
N ALA A 478 -4.75 34.73 21.37
CA ALA A 478 -3.68 35.67 21.03
C ALA A 478 -3.80 36.96 21.82
N TRP A 479 -5.02 37.48 21.91
CA TRP A 479 -5.28 38.71 22.66
C TRP A 479 -4.85 38.52 24.11
N GLU A 480 -5.26 37.41 24.71
CA GLU A 480 -4.90 37.11 26.10
C GLU A 480 -3.40 36.94 26.30
N LEU A 481 -2.74 36.26 25.37
CA LEU A 481 -1.29 36.07 25.48
C LEU A 481 -0.54 37.40 25.47
N ARG A 482 -0.92 38.28 24.55
CA ARG A 482 -0.26 39.58 24.40
C ARG A 482 -0.55 40.40 25.64
N LYS A 483 -1.79 40.31 26.11
CA LYS A 483 -2.20 41.01 27.30
C LYS A 483 -1.39 40.56 28.52
N ILE A 484 -1.29 39.25 28.73
CA ILE A 484 -0.54 38.74 29.88
C ILE A 484 0.95 39.10 29.79
N ARG A 485 1.57 38.90 28.62
CA ARG A 485 2.98 39.24 28.44
C ARG A 485 3.22 40.71 28.82
N ASP A 486 2.40 41.60 28.28
CA ASP A 486 2.55 43.03 28.51
C ASP A 486 2.38 43.43 29.97
N ALA A 487 1.60 42.68 30.74
CA ALA A 487 1.39 43.03 32.15
C ALA A 487 2.42 42.34 33.06
N GLY A 488 3.32 41.57 32.46
CA GLY A 488 4.33 40.83 33.21
C GLY A 488 3.79 39.65 33.98
N GLY A 489 2.70 39.06 33.50
CA GLY A 489 2.12 37.88 34.12
C GLY A 489 2.83 36.59 33.74
N LYS A 490 2.22 35.45 34.05
CA LYS A 490 2.91 34.18 33.85
C LYS A 490 2.10 33.20 33.02
N VAL A 491 2.69 32.73 31.92
CA VAL A 491 2.08 31.74 31.04
C VAL A 491 2.90 30.46 31.06
N VAL A 492 2.25 29.33 31.28
CA VAL A 492 2.95 28.06 31.29
C VAL A 492 2.47 27.30 30.10
N VAL A 493 3.42 26.67 29.40
CA VAL A 493 3.07 25.85 28.26
C VAL A 493 3.41 24.39 28.54
N THR A 494 2.50 23.49 28.18
CA THR A 494 2.85 22.07 28.16
C THR A 494 2.81 21.66 26.71
N ALA A 495 3.72 20.80 26.30
CA ALA A 495 3.78 20.45 24.89
C ALA A 495 4.24 19.02 24.71
N GLY A 496 3.63 18.32 23.77
CA GLY A 496 4.02 16.96 23.44
C GLY A 496 4.76 16.92 22.11
N PRO A 497 5.31 15.75 21.75
CA PRO A 497 6.12 15.61 20.53
C PRO A 497 5.36 15.92 19.24
N VAL A 498 4.03 15.72 19.25
CA VAL A 498 3.20 16.06 18.08
C VAL A 498 3.38 17.51 17.60
N VAL A 499 3.71 18.42 18.52
CA VAL A 499 4.05 19.80 18.14
C VAL A 499 5.24 19.86 17.17
N ILE A 500 6.24 19.03 17.41
CA ILE A 500 7.39 18.98 16.54
C ILE A 500 7.03 18.21 15.26
N HIS A 501 6.42 17.04 15.43
CA HIS A 501 6.13 16.14 14.30
C HIS A 501 5.27 16.80 13.25
N THR A 502 4.31 17.58 13.70
CA THR A 502 3.30 18.09 12.81
C THR A 502 3.84 19.28 12.04
N GLY A 503 4.89 19.91 12.59
CA GLY A 503 5.56 21.00 11.91
C GLY A 503 5.45 22.31 12.66
N GLY A 504 5.11 22.24 13.95
CA GLY A 504 4.85 23.43 14.72
C GLY A 504 5.97 23.96 15.59
N GLY A 505 7.15 23.32 15.54
CA GLY A 505 8.21 23.72 16.44
C GLY A 505 8.75 25.14 16.30
N GLU A 506 8.89 25.59 15.06
CA GLU A 506 9.39 26.95 14.83
C GLU A 506 8.41 28.00 15.40
N HIS A 507 7.12 27.69 15.37
CA HIS A 507 6.13 28.60 15.95
C HIS A 507 6.26 28.63 17.47
N LEU A 508 6.41 27.46 18.08
CA LEU A 508 6.61 27.43 19.53
C LEU A 508 7.89 28.14 19.94
N SER A 509 8.99 27.88 19.24
CA SER A 509 10.24 28.50 19.68
C SER A 509 10.15 30.01 19.52
N ARG A 510 9.42 30.46 18.51
CA ARG A 510 9.17 31.90 18.38
C ARG A 510 8.40 32.46 19.58
N LEU A 511 7.33 31.78 20.01
CA LEU A 511 6.61 32.24 21.22
C LEU A 511 7.55 32.39 22.41
N ILE A 512 8.44 31.41 22.56
CA ILE A 512 9.39 31.38 23.66
C ILE A 512 10.41 32.52 23.50
N ARG A 513 10.90 32.71 22.29
CA ARG A 513 11.86 33.80 22.04
C ARG A 513 11.27 35.17 22.31
N GLU A 514 10.00 35.37 21.97
CA GLU A 514 9.43 36.73 22.05
C GLU A 514 8.74 37.02 23.39
N GLY A 515 9.01 36.20 24.41
CA GLY A 515 8.58 36.50 25.77
C GLY A 515 7.19 36.04 26.26
N TYR A 516 6.49 35.23 25.47
CA TYR A 516 5.12 34.82 25.77
C TYR A 516 5.02 33.60 26.69
N VAL A 517 6.14 32.92 26.92
CA VAL A 517 6.16 31.66 27.68
C VAL A 517 7.11 31.73 28.86
N GLN A 518 6.60 31.54 30.08
CA GLN A 518 7.45 31.66 31.27
C GLN A 518 7.96 30.32 31.82
N ALA A 519 7.37 29.21 31.37
CA ALA A 519 7.89 27.89 31.71
C ALA A 519 7.34 26.88 30.72
N LEU A 520 8.11 25.84 30.47
CA LEU A 520 7.76 24.80 29.53
C LEU A 520 7.78 23.46 30.24
N LEU A 521 6.66 22.75 30.20
CA LEU A 521 6.58 21.44 30.81
C LEU A 521 6.37 20.44 29.70
N GLY A 522 7.11 19.34 29.73
CA GLY A 522 6.94 18.34 28.71
C GLY A 522 7.60 17.04 29.11
N GLY A 523 7.95 16.23 28.13
CA GLY A 523 8.58 14.95 28.37
C GLY A 523 9.88 14.81 27.58
N ASN A 524 10.44 13.61 27.63
CA ASN A 524 11.69 13.31 26.94
C ASN A 524 11.58 13.52 25.43
N ALA A 525 10.48 13.02 24.88
CA ALA A 525 10.33 12.92 23.43
C ALA A 525 10.25 14.27 22.73
N ILE A 526 9.58 15.25 23.31
CA ILE A 526 9.52 16.54 22.62
C ILE A 526 10.91 17.20 22.56
N ALA A 527 11.71 17.06 23.61
CA ALA A 527 13.05 17.63 23.58
C ALA A 527 13.90 16.91 22.52
N VAL A 528 13.84 15.58 22.48
CA VAL A 528 14.63 14.84 21.49
C VAL A 528 14.29 15.23 20.05
N HIS A 529 12.99 15.31 19.74
CA HIS A 529 12.56 15.59 18.37
C HIS A 529 12.82 17.01 17.94
N ASP A 530 12.70 17.93 18.88
CA ASP A 530 13.02 19.31 18.62
C ASP A 530 14.51 19.50 18.32
N ILE A 531 15.36 18.88 19.14
CA ILE A 531 16.79 18.95 18.91
C ILE A 531 17.13 18.26 17.60
N GLU A 532 16.53 17.10 17.35
CA GLU A 532 16.69 16.42 16.07
C GLU A 532 16.30 17.27 14.85
N GLN A 533 15.12 17.90 14.89
CA GLN A 533 14.67 18.72 13.76
C GLN A 533 15.65 19.85 13.47
N ASN A 534 16.24 20.40 14.53
CA ASN A 534 17.13 21.51 14.39
C ASN A 534 18.58 21.13 14.02
N GLY A 537 17.29 18.36 10.60
CA GLY A 537 16.16 18.65 9.74
C GLY A 537 15.17 17.52 9.65
N THR A 538 15.27 16.54 10.56
CA THR A 538 14.35 15.41 10.60
C THR A 538 13.68 15.24 11.98
N SER A 539 12.61 14.47 12.01
CA SER A 539 11.93 14.10 13.24
C SER A 539 11.44 12.68 13.10
N LEU A 540 11.99 11.78 13.91
CA LEU A 540 11.82 10.34 13.67
C LEU A 540 12.26 9.92 12.26
N GLY A 541 13.28 10.58 11.72
CA GLY A 541 13.80 10.26 10.40
C GLY A 541 12.98 10.82 9.25
N VAL A 542 11.91 11.55 9.55
CA VAL A 542 11.09 12.18 8.54
C VAL A 542 11.61 13.59 8.21
N ASP A 543 11.99 13.78 6.94
CA ASP A 543 12.37 15.08 6.42
C ASP A 543 11.19 16.06 6.54
N LYS A 545 11.01 18.82 5.12
CA LYS A 545 10.88 19.35 3.76
C LYS A 545 9.72 18.70 2.95
N ARG A 546 9.18 17.60 3.48
CA ARG A 546 8.00 16.94 2.92
C ARG A 546 7.36 15.98 3.92
N ARG A 551 7.73 7.23 7.44
CA ARG A 551 8.45 6.31 8.33
C ARG A 551 9.87 6.80 8.61
N GLY A 552 10.86 6.08 8.11
CA GLY A 552 12.23 6.51 8.24
C GLY A 552 12.96 6.01 9.48
N GLY A 553 14.29 6.01 9.38
CA GLY A 553 15.13 5.39 10.38
C GLY A 553 15.29 6.14 11.70
N HIS A 554 15.74 5.37 12.69
CA HIS A 554 15.94 5.83 14.05
C HIS A 554 17.36 6.36 14.28
N ARG A 555 18.22 6.33 13.26
CA ARG A 555 19.61 6.75 13.46
C ARG A 555 19.76 8.19 13.91
N HIS A 556 19.04 9.11 13.27
CA HIS A 556 19.14 10.52 13.67
C HIS A 556 18.74 10.70 15.12
N HIS A 557 17.65 10.03 15.48
CA HIS A 557 17.04 10.12 16.80
C HIS A 557 18.02 9.67 17.90
N LEU A 558 18.57 8.47 17.74
CA LEU A 558 19.53 7.93 18.69
C LEU A 558 20.85 8.71 18.73
N LYS A 559 21.27 9.28 17.60
CA LYS A 559 22.48 10.09 17.56
C LYS A 559 22.30 11.35 18.41
N VAL A 560 21.12 11.95 18.33
CA VAL A 560 20.78 13.11 19.15
C VAL A 560 20.87 12.76 20.63
N ILE A 561 20.19 11.70 21.03
CA ILE A 561 20.18 11.26 22.43
C ILE A 561 21.61 11.01 22.94
N ASN A 562 22.39 10.31 22.14
CA ASN A 562 23.76 9.98 22.53
C ASN A 562 24.63 11.23 22.63
N THR A 563 24.49 12.13 21.68
CA THR A 563 25.25 13.37 21.70
C THR A 563 24.95 14.23 22.94
N ILE A 564 23.67 14.33 23.31
CA ILE A 564 23.30 15.17 24.45
C ILE A 564 23.74 14.48 25.74
N ARG A 565 23.61 13.16 25.81
CA ARG A 565 24.13 12.42 26.95
C ARG A 565 25.65 12.63 27.09
N ARG A 566 26.38 12.64 25.97
CA ARG A 566 27.83 12.82 26.06
C ARG A 566 28.19 14.22 26.57
N HIS A 567 27.46 15.26 26.13
CA HIS A 567 27.67 16.59 26.69
C HIS A 567 27.20 16.69 28.13
N GLY A 568 26.13 15.99 28.49
CA GLY A 568 25.70 15.92 29.87
C GLY A 568 24.42 16.69 30.19
N SER A 569 23.99 17.55 29.28
CA SER A 569 22.75 18.31 29.45
C SER A 569 22.39 19.05 28.18
N ILE A 570 21.13 19.42 28.04
CA ILE A 570 20.72 20.21 26.90
C ILE A 570 21.50 21.53 26.87
N ALA A 571 21.67 22.15 28.03
CA ALA A 571 22.34 23.45 28.09
C ALA A 571 23.80 23.37 27.63
N LYS A 572 24.47 22.26 27.94
CA LYS A 572 25.86 22.10 27.49
C LYS A 572 25.91 21.83 25.99
N GLY A 573 24.88 21.18 25.45
CA GLY A 573 24.72 21.08 24.01
C GLY A 573 24.55 22.46 23.36
N VAL A 574 23.86 23.37 24.04
CA VAL A 574 23.74 24.74 23.51
C VAL A 574 25.06 25.50 23.59
N GLU A 575 25.70 25.37 24.75
CA GLU A 575 26.95 26.04 25.02
C GLU A 575 28.07 25.60 24.07
N SER A 576 28.16 24.30 23.81
CA SER A 576 29.17 23.76 22.90
C SER A 576 28.88 24.06 21.44
N GLY A 577 27.66 24.53 21.15
CA GLY A 577 27.35 25.00 19.80
C GLY A 577 26.73 23.97 18.89
N ILE A 578 26.44 22.78 19.43
CA ILE A 578 25.83 21.74 18.59
C ILE A 578 24.28 21.90 18.52
N ILE A 579 23.67 22.55 19.51
CA ILE A 579 22.28 22.97 19.39
C ILE A 579 22.22 24.45 19.10
N ARG A 580 21.74 24.83 17.93
CA ARG A 580 21.87 26.22 17.50
C ARG A 580 20.52 26.92 17.35
N SER A 581 19.44 26.16 17.46
CA SER A 581 18.11 26.71 17.29
C SER A 581 17.03 25.76 17.79
N GLY A 582 15.81 26.28 17.88
CA GLY A 582 14.64 25.48 18.22
C GLY A 582 14.10 25.73 19.62
N VAL A 583 13.08 24.95 19.97
CA VAL A 583 12.40 25.10 21.25
C VAL A 583 13.34 25.02 22.45
N TYR A 585 16.58 25.18 22.55
CA TYR A 585 17.56 26.25 22.40
C TYR A 585 17.08 27.56 23.01
N GLU A 586 15.87 27.97 22.62
CA GLU A 586 15.36 29.26 23.09
C GLU A 586 15.10 29.23 24.59
N CYS A 587 14.65 28.07 25.12
CA CYS A 587 14.51 27.97 26.58
C CYS A 587 15.83 28.23 27.27
N VAL A 588 16.90 27.64 26.75
CA VAL A 588 18.22 27.84 27.33
C VAL A 588 18.68 29.29 27.17
N ARG A 589 18.59 29.82 25.95
CA ARG A 589 19.11 31.16 25.69
C ARG A 589 18.35 32.26 26.44
N ASN A 590 17.05 32.05 26.68
CA ASN A 590 16.26 33.08 27.37
C ASN A 590 15.99 32.72 28.81
N GLN A 591 16.67 31.69 29.30
CA GLN A 591 16.55 31.26 30.68
C GLN A 591 15.09 31.05 31.08
N ILE A 592 14.33 30.42 30.19
CA ILE A 592 12.98 29.94 30.52
C ILE A 592 13.09 28.54 31.17
N PRO A 593 12.63 28.40 32.42
CA PRO A 593 12.67 27.08 33.08
C PRO A 593 11.88 26.03 32.30
N PHE A 594 12.43 24.82 32.21
CA PHE A 594 11.68 23.72 31.65
C PHE A 594 11.82 22.47 32.55
N VAL A 595 10.83 21.60 32.49
CA VAL A 595 10.86 20.33 33.21
C VAL A 595 10.45 19.24 32.24
N LEU A 596 11.30 18.23 32.12
CA LEU A 596 11.01 17.07 31.30
C LEU A 596 10.69 15.91 32.25
N ALA A 597 9.42 15.54 32.34
CA ALA A 597 8.98 14.40 33.14
C ALA A 597 9.19 13.12 32.37
N GLY A 598 9.79 12.12 33.00
CA GLY A 598 9.99 10.83 32.33
C GLY A 598 8.71 10.04 32.06
N SER A 599 8.82 9.05 31.20
CA SER A 599 7.74 8.13 30.99
C SER A 599 8.31 6.73 30.75
N ILE A 600 7.45 5.73 30.85
CA ILE A 600 7.81 4.34 30.63
C ILE A 600 8.35 4.09 29.22
N ARG A 601 8.01 4.94 28.27
CA ARG A 601 8.49 4.71 26.91
C ARG A 601 9.78 5.49 26.52
N ASP A 602 10.35 6.26 27.44
CA ASP A 602 11.48 7.12 27.09
C ASP A 602 12.68 6.38 26.56
N ASP A 603 13.24 6.94 25.47
CA ASP A 603 14.49 6.49 24.91
C ASP A 603 15.63 7.27 25.55
N GLY A 604 16.67 6.57 26.02
CA GLY A 604 17.82 7.20 26.65
C GLY A 604 17.87 7.01 28.16
N PRO A 605 17.35 7.96 28.93
CA PRO A 605 16.75 9.22 28.47
C PRO A 605 17.80 10.32 28.32
N LEU A 606 17.39 11.51 27.88
CA LEU A 606 18.25 12.70 28.02
C LEU A 606 18.59 12.86 29.48
N PRO A 607 19.77 13.42 29.79
CA PRO A 607 20.18 13.71 31.17
C PRO A 607 19.19 14.61 31.93
N ASP A 608 18.55 15.52 31.20
CA ASP A 608 17.65 16.50 31.80
C ASP A 608 16.34 15.89 32.26
N THR A 609 16.03 14.71 31.76
CA THR A 609 14.73 14.10 32.02
C THR A 609 14.64 13.55 33.46
N GLN A 610 13.58 13.94 34.16
CA GLN A 610 13.35 13.53 35.55
C GLN A 610 12.61 12.20 35.60
N ASP A 612 12.38 10.30 38.29
CA ASP A 612 11.72 10.11 39.58
C ASP A 612 10.43 10.92 39.51
N LEU A 613 9.30 10.25 39.33
CA LEU A 613 8.06 10.97 39.04
C LEU A 613 7.46 11.68 40.25
N ILE A 614 7.81 11.24 41.46
CA ILE A 614 7.43 12.00 42.66
C ILE A 614 8.08 13.38 42.56
N LYS A 615 9.37 13.41 42.24
CA LYS A 615 10.08 14.67 42.05
C LYS A 615 9.52 15.46 40.86
N ALA A 616 9.22 14.77 39.77
CA ALA A 616 8.70 15.45 38.57
C ALA A 616 7.37 16.16 38.87
N GLN A 617 6.50 15.51 39.65
CA GLN A 617 5.20 16.06 40.01
C GLN A 617 5.40 17.29 40.85
N GLU A 618 6.37 17.21 41.78
CA GLU A 618 6.75 18.36 42.63
C GLU A 618 7.29 19.55 41.80
N GLU A 619 8.11 19.25 40.81
CA GLU A 619 8.70 20.31 39.99
C GLU A 619 7.65 20.96 39.10
N TYR A 620 6.76 20.13 38.53
CA TYR A 620 5.61 20.65 37.81
C TYR A 620 4.80 21.60 38.70
N ALA A 621 4.39 21.10 39.86
CA ALA A 621 3.57 21.88 40.78
C ALA A 621 4.22 23.22 41.08
N LYS A 622 5.52 23.20 41.39
CA LYS A 622 6.22 24.43 41.67
C LYS A 622 6.19 25.39 40.49
N HIS A 623 6.38 24.89 39.26
CA HIS A 623 6.39 25.84 38.16
C HIS A 623 5.01 26.34 37.83
N LEU A 624 3.98 25.64 38.29
CA LEU A 624 2.61 26.05 38.01
C LEU A 624 2.17 27.19 38.92
N GLU A 625 2.87 27.42 40.02
CA GLU A 625 2.46 28.46 40.98
C GLU A 625 2.45 29.86 40.36
N GLY A 626 1.31 30.55 40.48
CA GLY A 626 1.20 31.91 39.97
C GLY A 626 0.80 32.00 38.51
N ALA A 627 0.63 30.85 37.86
CA ALA A 627 0.27 30.84 36.44
C ALA A 627 -1.10 31.44 36.21
N GLU A 628 -1.20 32.30 35.20
CA GLU A 628 -2.44 32.95 34.86
C GLU A 628 -3.09 32.20 33.71
N ILE A 630 -2.45 28.45 31.21
CA ILE A 630 -1.75 27.24 30.82
C ILE A 630 -2.18 26.90 29.43
N LEU A 631 -1.21 26.86 28.52
CA LEU A 631 -1.45 26.52 27.14
C LEU A 631 -0.97 25.10 26.94
N LEU A 633 -0.43 22.19 24.53
CA LEU A 633 -0.27 21.89 23.11
C LEU A 633 -0.11 20.39 22.86
N SER A 634 -1.26 19.71 22.70
CA SER A 634 -1.37 18.25 22.56
C SER A 634 -0.33 17.46 23.35
N SER A 635 -0.31 17.68 24.66
CA SER A 635 0.65 17.01 25.52
C SER A 635 0.05 15.84 26.31
N LEU A 637 -0.93 13.20 28.56
CA LEU A 637 -0.87 12.87 29.98
C LEU A 637 -0.28 14.01 30.79
N HIS A 638 0.62 14.77 30.18
CA HIS A 638 1.17 15.93 30.88
C HIS A 638 0.08 16.98 31.07
N SER A 639 -0.85 17.08 30.12
CA SER A 639 -2.00 17.97 30.23
C SER A 639 -2.94 17.58 31.37
N ILE A 640 -3.29 16.30 31.45
CA ILE A 640 -4.14 15.78 32.53
C ILE A 640 -3.48 16.05 33.88
N GLY A 641 -2.20 15.69 33.96
CA GLY A 641 -1.44 15.86 35.18
C GLY A 641 -1.41 17.30 35.61
N VAL A 642 -1.29 18.21 34.65
CA VAL A 642 -1.24 19.63 34.99
C VAL A 642 -2.63 20.15 35.41
N GLY A 643 -3.68 19.70 34.74
CA GLY A 643 -5.02 20.07 35.15
C GLY A 643 -5.32 19.67 36.59
N ASN A 644 -4.98 18.43 36.96
CA ASN A 644 -5.18 17.96 38.33
C ASN A 644 -4.49 18.83 39.38
N THR A 646 -3.88 22.14 39.07
CA THR A 646 -4.17 23.55 38.91
C THR A 646 -5.53 23.92 39.53
N PRO A 647 -5.55 24.96 40.39
CA PRO A 647 -6.80 25.44 40.99
C PRO A 647 -7.70 26.17 39.98
N ALA A 648 -8.94 26.46 40.36
CA ALA A 648 -9.82 27.27 39.52
C ALA A 648 -9.22 28.67 39.38
N GLY A 649 -9.60 29.39 38.33
CA GLY A 649 -9.13 30.75 38.17
C GLY A 649 -7.95 30.88 37.22
N VAL A 650 -7.39 29.75 36.83
CA VAL A 650 -6.33 29.72 35.84
C VAL A 650 -6.95 29.48 34.47
N LYS A 651 -6.69 30.35 33.51
CA LYS A 651 -7.20 30.14 32.16
C LYS A 651 -6.51 28.91 31.57
N VAL A 653 -6.09 26.54 28.17
CA VAL A 653 -6.33 26.45 26.73
C VAL A 653 -5.84 25.10 26.25
N CYS A 654 -6.74 24.28 25.74
CA CYS A 654 -6.37 22.90 25.44
C CYS A 654 -6.52 22.60 23.96
N VAL A 655 -5.39 22.36 23.31
CA VAL A 655 -5.36 22.06 21.89
C VAL A 655 -4.92 20.61 21.62
N ASP A 656 -5.69 19.88 20.83
CA ASP A 656 -5.41 18.46 20.52
C ASP A 656 -6.40 17.94 19.48
N ILE A 657 -5.95 16.99 18.63
CA ILE A 657 -6.88 16.30 17.73
C ILE A 657 -7.53 15.11 18.44
N ASN A 658 -6.85 14.55 19.44
CA ASN A 658 -7.42 13.52 20.32
C ASN A 658 -8.59 14.08 21.15
N PRO A 659 -9.81 14.09 20.59
CA PRO A 659 -10.87 15.02 21.01
C PRO A 659 -11.35 14.78 22.44
N ALA A 660 -10.55 14.06 23.22
CA ALA A 660 -10.87 13.83 24.63
C ALA A 660 -9.65 13.73 25.53
N VAL A 661 -8.72 14.65 25.33
CA VAL A 661 -7.90 15.17 26.41
C VAL A 661 -8.57 16.54 26.55
N VAL A 662 -9.14 16.95 25.42
CA VAL A 662 -9.79 18.24 25.26
C VAL A 662 -11.07 18.32 26.06
N THR A 663 -11.94 17.31 25.92
CA THR A 663 -13.21 17.34 26.65
C THR A 663 -12.99 17.01 28.12
N LYS A 664 -11.92 16.29 28.43
CA LYS A 664 -11.60 15.97 29.82
C LYS A 664 -10.94 17.11 30.57
N LEU A 665 -10.45 18.10 29.83
CA LEU A 665 -9.83 19.27 30.46
C LEU A 665 -10.73 20.50 30.33
N SER A 666 -11.60 20.48 29.33
CA SER A 666 -12.64 21.50 29.19
C SER A 666 -13.88 21.04 29.96
N ASP A 667 -13.70 20.76 31.24
CA ASP A 667 -14.78 20.29 32.12
C ASP A 667 -14.83 21.16 33.35
N ARG A 668 -14.05 22.23 33.33
CA ARG A 668 -13.90 23.11 34.47
C ARG A 668 -14.73 24.34 34.23
N GLY A 669 -15.57 24.27 33.21
CA GLY A 669 -16.45 25.37 32.87
C GLY A 669 -15.85 26.25 31.80
N SER A 670 -16.71 26.80 30.95
CA SER A 670 -16.28 27.54 29.79
C SER A 670 -15.59 28.89 30.07
N ILE A 671 -15.89 29.52 31.20
CA ILE A 671 -15.39 30.86 31.44
C ILE A 671 -13.88 30.84 31.66
N GLU A 672 -13.32 29.69 32.03
CA GLU A 672 -11.89 29.61 32.31
C GLU A 672 -11.16 28.47 31.59
N SER A 673 -11.89 27.59 30.91
CA SER A 673 -11.23 26.59 30.09
C SER A 673 -11.77 26.55 28.66
N VAL A 674 -10.87 26.73 27.70
CA VAL A 674 -11.22 26.76 26.28
C VAL A 674 -10.59 25.57 25.56
N GLY A 675 -11.35 24.93 24.69
CA GLY A 675 -10.88 23.73 24.01
C GLY A 675 -11.04 23.85 22.50
N VAL A 676 -10.05 23.36 21.75
CA VAL A 676 -10.16 23.28 20.29
C VAL A 676 -9.66 21.92 19.86
N VAL A 677 -10.37 21.31 18.91
CA VAL A 677 -9.90 20.04 18.36
C VAL A 677 -9.39 20.33 16.96
N THR A 678 -8.07 20.31 16.81
CA THR A 678 -7.43 20.73 15.56
C THR A 678 -5.95 20.34 15.61
N ASP A 679 -5.28 20.42 14.46
CA ASP A 679 -3.84 20.18 14.38
C ASP A 679 -3.10 21.27 15.18
N VAL A 680 -2.21 20.87 16.09
CA VAL A 680 -1.58 21.88 16.95
C VAL A 680 -0.60 22.77 16.17
N GLY A 681 -0.07 22.26 15.06
CA GLY A 681 0.85 23.06 14.26
C GLY A 681 0.07 24.16 13.55
N LEU A 682 -1.06 23.79 13.00
CA LEU A 682 -1.97 24.75 12.37
C LEU A 682 -2.42 25.83 13.37
N PHE A 683 -2.77 25.39 14.58
CA PHE A 683 -3.21 26.30 15.63
C PHE A 683 -2.09 27.28 15.99
N LEU A 684 -0.89 26.74 16.17
CA LEU A 684 0.26 27.57 16.50
C LEU A 684 0.58 28.55 15.36
N SER A 685 0.39 28.08 14.13
CA SER A 685 0.61 28.90 12.94
C SER A 685 -0.37 30.08 12.88
N LEU A 686 -1.65 29.80 13.12
CA LEU A 686 -2.65 30.87 13.16
C LEU A 686 -2.40 31.80 14.35
N LEU A 687 -1.92 31.24 15.46
CA LEU A 687 -1.70 32.05 16.67
C LEU A 687 -0.59 33.07 16.48
N THR A 688 0.55 32.63 15.93
CA THR A 688 1.68 33.53 15.71
C THR A 688 1.32 34.56 14.64
N GLN A 689 0.58 34.15 13.61
CA GLN A 689 0.02 35.10 12.64
C GLN A 689 -0.82 36.17 13.32
N GLN A 690 -1.74 35.75 14.18
CA GLN A 690 -2.62 36.69 14.87
C GLN A 690 -1.85 37.63 15.80
N LEU A 691 -0.87 37.10 16.52
CA LEU A 691 -0.04 37.94 17.38
C LEU A 691 0.66 39.05 16.58
N ASP A 692 1.04 38.74 15.35
CA ASP A 692 1.67 39.75 14.49
C ASP A 692 0.68 40.85 14.07
N LYS A 693 -0.58 40.48 13.81
CA LYS A 693 -1.61 41.48 13.48
C LYS A 693 -1.82 42.52 14.59
N LEU A 694 -1.73 42.08 15.84
CA LEU A 694 -1.85 42.97 16.99
C LEU A 694 -0.60 43.83 17.12
N THR A 695 0.44 43.40 16.41
CA THR A 695 1.76 44.05 16.36
C THR A 695 2.48 43.93 17.70
N ARG B 4 -17.07 -55.57 -2.56
CA ARG B 4 -15.72 -55.88 -2.08
C ARG B 4 -14.76 -54.69 -2.18
N ILE B 5 -15.11 -53.60 -1.49
CA ILE B 5 -14.34 -52.36 -1.54
C ILE B 5 -13.03 -52.44 -0.75
N ARG B 6 -11.94 -51.93 -1.32
CA ARG B 6 -10.63 -51.92 -0.65
C ARG B 6 -10.18 -50.51 -0.27
N PHE B 7 -9.65 -50.38 0.93
CA PHE B 7 -9.02 -49.14 1.40
C PHE B 7 -7.57 -49.40 1.73
N LEU B 8 -6.72 -48.41 1.45
CA LEU B 8 -5.31 -48.49 1.83
C LEU B 8 -5.07 -47.68 3.09
N CYS B 10 -2.09 -47.18 6.70
CA CYS B 10 -0.71 -47.36 7.11
C CYS B 10 -0.64 -47.17 8.61
N PRO B 11 -0.21 -48.22 9.33
CA PRO B 11 -0.17 -48.22 10.79
C PRO B 11 0.80 -47.18 11.35
N PRO B 12 0.48 -46.65 12.56
CA PRO B 12 1.23 -45.56 13.19
C PRO B 12 2.54 -45.96 13.85
N ASP B 13 3.26 -46.95 13.31
CA ASP B 13 4.46 -47.49 13.94
C ASP B 13 5.53 -46.41 14.20
N HIS B 14 5.59 -45.40 13.34
CA HIS B 14 6.58 -44.33 13.50
C HIS B 14 5.92 -42.95 13.34
N TYR B 15 4.68 -42.85 13.82
CA TYR B 15 3.97 -41.59 13.76
C TYR B 15 4.44 -40.70 14.89
N ASP B 16 4.49 -39.41 14.59
CA ASP B 16 4.97 -38.40 15.50
C ASP B 16 4.62 -37.05 14.87
N VAL B 17 4.75 -35.96 15.62
CA VAL B 17 4.78 -34.65 14.99
C VAL B 17 6.24 -34.17 15.02
N ASP B 18 6.96 -34.43 13.93
CA ASP B 18 8.38 -34.12 13.82
C ASP B 18 8.68 -32.65 13.50
N TYR B 19 7.75 -32.02 12.77
CA TYR B 19 7.97 -30.73 12.16
C TYR B 19 6.65 -29.99 12.09
N VAL B 20 6.62 -28.85 11.39
CA VAL B 20 5.38 -28.11 11.16
C VAL B 20 5.29 -27.71 9.68
N ILE B 21 4.22 -28.18 9.01
CA ILE B 21 3.95 -27.85 7.61
C ILE B 21 2.49 -27.49 7.39
N ASN B 22 1.67 -27.59 8.43
CA ASN B 22 0.31 -27.05 8.41
C ASN B 22 -0.05 -26.48 9.80
N PRO B 23 -1.04 -25.57 9.86
CA PRO B 23 -1.31 -24.85 11.13
C PRO B 23 -1.74 -25.75 12.30
N TRP B 24 -2.36 -26.89 12.03
CA TRP B 24 -2.78 -27.79 13.10
C TRP B 24 -1.60 -28.43 13.83
N GLU B 26 1.06 -26.78 14.73
CA GLU B 26 1.73 -25.74 15.51
C GLU B 26 1.74 -26.09 17.00
N GLY B 27 2.92 -25.98 17.62
CA GLY B 27 3.08 -26.26 19.04
C GLY B 27 2.72 -27.69 19.46
N ASN B 28 2.83 -28.63 18.53
CA ASN B 28 2.54 -30.02 18.82
C ASN B 28 3.76 -30.91 18.61
N ILE B 29 4.90 -30.31 18.27
CA ILE B 29 6.11 -31.08 17.99
C ILE B 29 6.52 -31.96 19.18
N HIS B 30 6.73 -33.25 18.92
CA HIS B 30 7.15 -34.23 19.93
C HIS B 30 6.19 -34.32 21.12
N LYS B 31 4.92 -34.01 20.89
CA LYS B 31 3.88 -34.06 21.91
C LYS B 31 2.84 -35.14 21.57
N SER B 32 3.29 -36.18 20.89
CA SER B 32 2.39 -37.23 20.41
C SER B 32 2.49 -38.52 21.22
N SER B 33 1.38 -38.91 21.85
CA SER B 33 1.30 -40.19 22.54
C SER B 33 1.15 -41.31 21.53
N ARG B 34 2.27 -41.98 21.22
CA ARG B 34 2.25 -43.02 20.21
C ARG B 34 1.28 -44.15 20.58
N ASP B 35 1.10 -44.41 21.87
CA ASP B 35 0.24 -45.51 22.28
C ASP B 35 -1.25 -45.15 22.22
N ARG B 36 -1.57 -43.86 22.31
CA ARG B 36 -2.95 -43.43 22.10
C ARG B 36 -3.24 -43.35 20.59
N ALA B 37 -2.21 -43.03 19.81
CA ALA B 37 -2.32 -42.99 18.36
C ALA B 37 -2.56 -44.38 17.81
N VAL B 38 -1.79 -45.35 18.31
CA VAL B 38 -1.99 -46.76 17.96
C VAL B 38 -3.40 -47.20 18.31
N GLU B 39 -3.83 -46.83 19.51
CA GLU B 39 -5.14 -47.23 20.00
C GLU B 39 -6.27 -46.64 19.16
N GLN B 40 -6.17 -45.37 18.81
CA GLN B 40 -7.20 -44.69 18.01
C GLN B 40 -7.19 -45.20 16.56
N TRP B 41 -5.98 -45.36 16.00
CA TRP B 41 -5.82 -45.91 14.67
C TRP B 41 -6.47 -47.28 14.56
N GLN B 42 -6.19 -48.15 15.52
CA GLN B 42 -6.74 -49.50 15.54
C GLN B 42 -8.27 -49.44 15.54
N GLY B 43 -8.82 -48.49 16.29
CA GLY B 43 -10.26 -48.32 16.32
C GLY B 43 -10.84 -48.08 14.93
N LEU B 44 -10.21 -47.19 14.18
CA LEU B 44 -10.60 -46.91 12.80
C LEU B 44 -10.41 -48.15 11.92
N TYR B 45 -9.21 -48.71 12.00
CA TYR B 45 -8.84 -49.92 11.31
C TYR B 45 -9.86 -51.03 11.54
N GLN B 46 -10.17 -51.29 12.81
CA GLN B 46 -11.10 -52.36 13.18
C GLN B 46 -12.50 -52.10 12.61
N ILE B 47 -13.00 -50.87 12.76
CA ILE B 47 -14.32 -50.51 12.26
C ILE B 47 -14.41 -50.68 10.75
N LEU B 48 -13.38 -50.18 10.05
CA LEU B 48 -13.38 -50.21 8.60
C LEU B 48 -13.26 -51.63 8.07
N LYS B 49 -12.43 -52.43 8.74
CA LYS B 49 -12.23 -53.84 8.39
C LYS B 49 -13.53 -54.65 8.44
N GLU B 50 -14.51 -54.12 9.18
CA GLU B 50 -15.81 -54.74 9.34
C GLU B 50 -16.78 -54.40 8.21
N HIS B 51 -16.43 -53.42 7.38
CA HIS B 51 -17.30 -53.05 6.26
C HIS B 51 -16.57 -53.08 4.93
N ALA B 52 -15.28 -53.41 4.95
CA ALA B 52 -14.48 -53.41 3.74
C ALA B 52 -13.13 -54.11 3.93
N ILE B 53 -12.41 -54.27 2.82
CA ILE B 53 -11.08 -54.83 2.80
C ILE B 53 -10.05 -53.74 3.04
N VAL B 54 -9.04 -53.99 3.87
CA VAL B 54 -8.02 -52.97 4.11
C VAL B 54 -6.63 -53.51 3.83
N ASP B 55 -5.95 -52.92 2.84
CA ASP B 55 -4.54 -53.18 2.62
C ASP B 55 -3.72 -52.20 3.43
N LEU B 56 -2.48 -52.57 3.69
CA LEU B 56 -1.58 -51.74 4.49
C LEU B 56 -0.28 -51.49 3.73
N VAL B 57 0.23 -50.27 3.82
CA VAL B 57 1.58 -49.91 3.37
C VAL B 57 2.54 -50.27 4.50
N THR B 58 3.77 -50.64 4.18
CA THR B 58 4.76 -50.88 5.22
C THR B 58 5.32 -49.57 5.77
N PRO B 59 5.05 -49.28 7.06
CA PRO B 59 5.52 -48.03 7.68
C PRO B 59 7.03 -47.90 7.61
N GLN B 60 7.50 -46.66 7.56
CA GLN B 60 8.93 -46.41 7.43
C GLN B 60 9.37 -45.38 8.47
N LYS B 61 10.48 -45.67 9.15
CA LYS B 61 11.05 -44.72 10.11
C LYS B 61 11.43 -43.44 9.38
N GLY B 62 11.06 -42.29 9.95
CA GLY B 62 11.45 -41.00 9.43
C GLY B 62 10.44 -40.37 8.47
N TRP B 63 9.34 -41.06 8.24
CA TRP B 63 8.25 -40.55 7.42
C TRP B 63 6.94 -40.76 8.17
N PRO B 64 6.74 -39.96 9.24
CA PRO B 64 5.61 -40.15 10.15
C PRO B 64 4.26 -39.94 9.47
N ASP B 65 4.22 -39.13 8.43
CA ASP B 65 2.94 -38.78 7.82
C ASP B 65 2.56 -39.79 6.76
N LEU B 66 3.36 -40.85 6.63
CA LEU B 66 3.02 -41.97 5.76
C LEU B 66 1.66 -42.58 6.16
N VAL B 67 1.23 -42.34 7.39
CA VAL B 67 -0.07 -42.80 7.84
C VAL B 67 -1.21 -42.12 7.09
N PHE B 68 -0.92 -40.99 6.45
CA PHE B 68 -1.93 -40.23 5.74
C PHE B 68 -1.98 -40.65 4.27
N THR B 69 -2.47 -41.88 4.07
CA THR B 69 -2.50 -42.49 2.76
C THR B 69 -3.44 -41.79 1.78
N ALA B 70 -4.39 -40.99 2.28
CA ALA B 70 -5.22 -40.14 1.42
C ALA B 70 -4.35 -39.38 0.42
N ASN B 71 -3.16 -39.00 0.89
CA ASN B 71 -2.24 -38.22 0.05
C ASN B 71 -1.28 -39.05 -0.78
N ALA B 72 -1.41 -40.37 -0.76
CA ALA B 72 -0.51 -41.19 -1.57
C ALA B 72 -0.64 -40.84 -3.05
N GLY B 73 -1.86 -40.62 -3.48
CA GLY B 73 -2.14 -40.28 -4.85
C GLY B 73 -3.65 -40.38 -5.07
N LEU B 74 -4.05 -40.32 -6.33
CA LEU B 74 -5.46 -40.27 -6.68
C LEU B 74 -5.78 -41.45 -7.58
N VAL B 75 -6.76 -42.24 -7.19
CA VAL B 75 -7.05 -43.48 -7.90
C VAL B 75 -8.37 -43.41 -8.67
N LEU B 76 -8.35 -43.80 -9.93
CA LEU B 76 -9.60 -44.04 -10.68
C LEU B 76 -9.43 -45.25 -11.59
N GLY B 77 -10.24 -46.28 -11.39
CA GLY B 77 -10.09 -47.51 -12.17
C GLY B 77 -8.73 -48.14 -11.94
N ASP B 78 -8.02 -48.43 -13.02
CA ASP B 78 -6.69 -49.01 -12.91
C ASP B 78 -5.58 -47.94 -12.96
N ASN B 79 -5.97 -46.66 -12.99
CA ASN B 79 -5.01 -45.55 -13.07
C ASN B 79 -4.80 -44.83 -11.74
N VAL B 80 -3.56 -44.43 -11.47
CA VAL B 80 -3.29 -43.57 -10.32
C VAL B 80 -2.43 -42.39 -10.75
N VAL B 81 -2.77 -41.18 -10.31
CA VAL B 81 -1.84 -40.07 -10.39
C VAL B 81 -1.15 -40.02 -9.04
N LEU B 82 0.17 -40.22 -9.05
CA LEU B 82 0.98 -40.19 -7.84
C LEU B 82 1.04 -38.78 -7.27
N SER B 83 0.93 -38.64 -5.96
CA SER B 83 1.17 -37.34 -5.35
C SER B 83 2.60 -36.87 -5.55
N ARG B 84 2.74 -35.58 -5.83
CA ARG B 84 4.00 -34.89 -5.70
C ARG B 84 3.85 -33.86 -4.56
N PHE B 85 4.49 -34.11 -3.42
CA PHE B 85 4.25 -33.26 -2.24
C PHE B 85 4.97 -31.92 -2.38
N LEU B 86 4.35 -30.87 -1.86
CA LEU B 86 4.95 -29.54 -1.83
C LEU B 86 6.16 -29.51 -0.90
N HIS B 87 5.96 -29.97 0.33
CA HIS B 87 6.98 -29.91 1.37
C HIS B 87 7.92 -31.10 1.35
N LYS B 88 9.21 -30.81 1.44
CA LYS B 88 10.24 -31.84 1.45
C LYS B 88 10.05 -32.88 2.56
N GLU B 89 9.35 -32.51 3.63
CA GLU B 89 9.18 -33.39 4.77
C GLU B 89 8.31 -34.62 4.44
N ARG B 90 7.56 -34.54 3.34
CA ARG B 90 6.67 -35.63 2.96
C ARG B 90 7.09 -36.24 1.63
N GLN B 91 8.02 -35.61 0.93
CA GLN B 91 8.44 -36.09 -0.39
C GLN B 91 9.08 -37.47 -0.36
N GLY B 92 9.66 -37.86 0.77
CA GLY B 92 10.29 -39.16 0.87
C GLY B 92 9.28 -40.28 0.98
N GLU B 93 8.03 -39.92 1.24
CA GLU B 93 6.95 -40.91 1.24
C GLU B 93 6.70 -41.43 -0.17
N GLU B 94 7.06 -40.63 -1.17
CA GLU B 94 6.69 -40.90 -2.56
C GLU B 94 7.17 -42.25 -3.12
N PRO B 95 8.47 -42.60 -2.91
CA PRO B 95 8.87 -43.94 -3.35
C PRO B 95 8.04 -45.07 -2.75
N TYR B 96 7.69 -44.99 -1.46
CA TYR B 96 6.98 -46.07 -0.80
C TYR B 96 5.56 -46.18 -1.29
N PHE B 97 4.93 -45.02 -1.54
CA PHE B 97 3.57 -45.02 -2.09
C PHE B 97 3.60 -45.58 -3.52
N LYS B 98 4.53 -45.09 -4.32
CA LYS B 98 4.68 -45.56 -5.69
C LYS B 98 4.88 -47.09 -5.74
N GLU B 99 5.71 -47.59 -4.82
CA GLU B 99 5.97 -49.03 -4.71
C GLU B 99 4.68 -49.79 -4.45
N TRP B 100 3.87 -49.31 -3.52
CA TRP B 100 2.62 -49.99 -3.25
C TRP B 100 1.73 -50.01 -4.50
N PHE B 101 1.60 -48.87 -5.17
CA PHE B 101 0.68 -48.78 -6.31
C PHE B 101 1.10 -49.74 -7.43
N GLU B 102 2.39 -49.70 -7.77
CA GLU B 102 2.89 -50.52 -8.87
C GLU B 102 2.81 -52.01 -8.53
N GLY B 103 3.09 -52.37 -7.29
CA GLY B 103 2.98 -53.75 -6.84
C GLY B 103 1.53 -54.21 -6.71
N ASN B 104 0.59 -53.29 -6.87
CA ASN B 104 -0.82 -53.69 -6.86
C ASN B 104 -1.48 -53.45 -8.21
N GLY B 105 -0.66 -53.40 -9.26
CA GLY B 105 -1.16 -53.45 -10.63
C GLY B 105 -1.55 -52.14 -11.29
N TYR B 106 -1.46 -51.04 -10.56
CA TYR B 106 -1.91 -49.76 -11.10
C TYR B 106 -0.96 -49.18 -12.13
N THR B 107 -1.54 -48.47 -13.09
CA THR B 107 -0.76 -47.67 -14.02
C THR B 107 -0.52 -46.31 -13.36
N VAL B 108 0.73 -46.01 -13.05
CA VAL B 108 1.11 -44.87 -12.23
C VAL B 108 1.59 -43.70 -13.09
N TYR B 109 0.91 -42.58 -12.97
CA TYR B 109 1.32 -41.37 -13.66
C TYR B 109 1.96 -40.42 -12.67
N GLU B 110 2.99 -39.71 -13.13
CA GLU B 110 3.72 -38.82 -12.25
C GLU B 110 3.76 -37.43 -12.85
N LEU B 111 3.52 -36.43 -12.02
CA LEU B 111 3.52 -35.03 -12.45
C LEU B 111 4.96 -34.55 -12.56
N PRO B 112 5.20 -33.50 -13.37
CA PRO B 112 6.47 -32.74 -13.29
C PRO B 112 6.91 -32.52 -11.84
N LYS B 113 8.20 -32.54 -11.55
CA LYS B 113 8.61 -32.54 -10.15
C LYS B 113 8.36 -31.19 -9.45
N ASP B 114 8.18 -30.13 -10.22
CA ASP B 114 7.89 -28.82 -9.64
C ASP B 114 6.39 -28.49 -9.73
N LEU B 115 5.56 -29.51 -9.84
CA LEU B 115 4.12 -29.32 -9.96
C LEU B 115 3.40 -30.12 -8.88
N PRO B 116 3.29 -29.55 -7.69
CA PRO B 116 2.73 -30.31 -6.56
C PRO B 116 1.26 -30.68 -6.72
N PHE B 117 0.93 -31.85 -6.18
CA PHE B 117 -0.43 -32.39 -6.20
C PHE B 117 -0.51 -33.43 -5.10
N GLU B 118 -1.49 -33.34 -4.22
CA GLU B 118 -1.43 -34.20 -3.04
C GLU B 118 -2.56 -35.22 -2.92
N GLY B 119 -2.93 -35.79 -4.07
CA GLY B 119 -3.71 -37.03 -4.09
C GLY B 119 -5.18 -36.87 -3.80
N ALA B 120 -5.78 -37.93 -3.25
CA ALA B 120 -7.20 -37.90 -2.99
C ALA B 120 -7.50 -36.94 -1.84
N GLY B 121 -6.47 -36.56 -1.10
CA GLY B 121 -6.61 -35.52 -0.10
C GLY B 121 -6.97 -34.16 -0.69
N ASP B 122 -6.64 -33.93 -1.97
CA ASP B 122 -6.95 -32.67 -2.66
C ASP B 122 -7.84 -32.87 -3.88
N ALA B 123 -8.27 -34.10 -4.12
CA ALA B 123 -9.14 -34.36 -5.27
C ALA B 123 -10.10 -35.49 -4.93
N LEU B 124 -11.39 -35.16 -4.88
CA LEU B 124 -12.39 -36.14 -4.49
C LEU B 124 -13.39 -36.44 -5.58
N LEU B 125 -13.62 -37.72 -5.82
CA LEU B 125 -14.55 -38.16 -6.83
C LEU B 125 -16.00 -37.97 -6.41
N ASP B 126 -16.82 -37.52 -7.35
CA ASP B 126 -18.26 -37.59 -7.18
C ASP B 126 -18.61 -39.08 -7.01
N ARG B 127 -19.42 -39.41 -6.00
CA ARG B 127 -19.59 -40.84 -5.64
C ARG B 127 -20.35 -41.63 -6.70
N GLU B 128 -21.13 -40.94 -7.52
CA GLU B 128 -21.76 -41.58 -8.67
C GLU B 128 -20.80 -41.52 -9.88
N GLY B 129 -19.56 -41.09 -9.60
CA GLY B 129 -18.47 -41.11 -10.57
C GLY B 129 -18.60 -40.19 -11.79
N ARG B 130 -19.37 -39.11 -11.65
CA ARG B 130 -19.68 -38.25 -12.80
C ARG B 130 -18.54 -37.29 -13.14
N TRP B 131 -17.85 -36.82 -12.11
CA TRP B 131 -16.74 -35.89 -12.29
C TRP B 131 -15.79 -35.96 -11.11
N LEU B 132 -14.66 -35.27 -11.23
CA LEU B 132 -13.69 -35.15 -10.15
C LEU B 132 -13.63 -33.70 -9.63
N TRP B 133 -13.78 -33.55 -8.32
CA TRP B 133 -13.55 -32.28 -7.65
C TRP B 133 -12.08 -32.14 -7.29
N ALA B 134 -11.40 -31.11 -7.78
CA ALA B 134 -9.99 -30.92 -7.42
C ALA B 134 -9.76 -29.59 -6.71
N GLY B 135 -9.06 -29.64 -5.58
CA GLY B 135 -8.73 -28.43 -4.83
C GLY B 135 -7.44 -27.77 -5.26
N TYR B 136 -7.32 -26.47 -5.00
CA TYR B 136 -6.04 -25.78 -5.14
C TYR B 136 -6.08 -24.64 -4.16
N GLY B 137 -4.93 -24.03 -3.89
CA GLY B 137 -4.87 -22.88 -3.00
C GLY B 137 -3.72 -22.96 -2.02
N PHE B 138 -3.33 -24.16 -1.61
CA PHE B 138 -2.28 -24.34 -0.61
C PHE B 138 -1.28 -25.44 -0.97
N ARG B 139 -1.79 -26.59 -1.35
CA ARG B 139 -0.92 -27.73 -1.59
C ARG B 139 -0.84 -28.07 -3.07
N SER B 140 -1.95 -28.49 -3.66
CA SER B 140 -1.96 -28.79 -5.08
C SER B 140 -2.07 -27.52 -5.94
N GLU B 141 -1.30 -27.49 -7.00
CA GLU B 141 -1.31 -26.40 -7.98
C GLU B 141 -2.45 -26.52 -8.96
N LEU B 142 -2.98 -25.37 -9.34
CA LEU B 142 -4.05 -25.27 -10.31
C LEU B 142 -3.67 -25.97 -11.61
N ASP B 143 -2.41 -25.83 -12.00
CA ASP B 143 -1.92 -26.44 -13.23
C ASP B 143 -1.85 -27.99 -13.22
N SER B 144 -2.01 -28.63 -12.07
CA SER B 144 -2.05 -30.09 -12.05
C SER B 144 -3.40 -30.63 -12.56
N HIS B 145 -4.43 -29.78 -12.56
CA HIS B 145 -5.77 -30.27 -12.81
C HIS B 145 -5.96 -30.79 -14.25
N PRO B 146 -5.38 -30.12 -15.27
CA PRO B 146 -5.51 -30.72 -16.60
C PRO B 146 -4.83 -32.09 -16.77
N TYR B 147 -3.79 -32.37 -15.98
CA TYR B 147 -3.13 -33.66 -16.01
C TYR B 147 -4.06 -34.72 -15.47
N LEU B 148 -4.77 -34.37 -14.39
CA LEU B 148 -5.70 -35.30 -13.78
C LEU B 148 -6.76 -35.70 -14.78
N ALA B 149 -7.23 -34.71 -15.51
CA ALA B 149 -8.34 -34.91 -16.44
C ALA B 149 -7.90 -35.81 -17.59
N LYS B 150 -6.74 -35.52 -18.15
CA LYS B 150 -6.17 -36.26 -19.27
C LYS B 150 -5.83 -37.70 -18.90
N TRP B 151 -5.20 -37.88 -17.75
CA TRP B 151 -4.73 -39.19 -17.32
C TRP B 151 -5.80 -40.08 -16.70
N LEU B 152 -6.82 -39.47 -16.09
CA LEU B 152 -7.87 -40.30 -15.52
C LEU B 152 -9.11 -40.31 -16.41
N ASP B 153 -9.03 -39.57 -17.52
CA ASP B 153 -10.13 -39.48 -18.50
C ASP B 153 -11.47 -39.07 -17.85
N ILE B 154 -11.50 -37.89 -17.24
CA ILE B 154 -12.65 -37.47 -16.45
C ILE B 154 -12.79 -35.95 -16.43
N GLU B 155 -14.02 -35.46 -16.24
CA GLU B 155 -14.28 -34.03 -16.06
C GLU B 155 -13.79 -33.55 -14.70
N VAL B 156 -12.91 -32.55 -14.69
CA VAL B 156 -12.33 -32.05 -13.44
C VAL B 156 -12.88 -30.67 -13.11
N LEU B 157 -13.45 -30.54 -11.92
CA LEU B 157 -14.00 -29.27 -11.43
C LEU B 157 -13.08 -28.65 -10.39
N SER B 158 -12.54 -27.46 -10.66
CA SER B 158 -11.56 -26.86 -9.76
C SER B 158 -12.21 -26.04 -8.66
N LEU B 159 -11.79 -26.27 -7.42
CA LEU B 159 -12.29 -25.49 -6.26
C LEU B 159 -11.12 -24.81 -5.57
N ARG B 160 -11.29 -23.53 -5.23
CA ARG B 160 -10.22 -22.82 -4.53
C ARG B 160 -10.44 -22.82 -3.01
N LEU B 161 -9.40 -23.25 -2.30
CA LEU B 161 -9.36 -23.25 -0.86
C LEU B 161 -8.78 -21.94 -0.37
N ILE B 162 -9.43 -21.31 0.62
CA ILE B 162 -9.03 -19.96 1.08
C ILE B 162 -8.78 -19.87 2.58
N ASP B 163 -9.06 -20.95 3.30
CA ASP B 163 -8.85 -21.01 4.75
C ASP B 163 -7.71 -21.99 5.08
N GLU B 164 -6.62 -21.48 5.60
CA GLU B 164 -5.42 -22.28 5.82
C GLU B 164 -5.63 -23.46 6.78
N ARG B 165 -6.67 -23.40 7.61
CA ARG B 165 -6.99 -24.53 8.48
C ARG B 165 -7.45 -25.73 7.65
N PHE B 166 -8.18 -25.45 6.59
CA PHE B 166 -8.69 -26.48 5.71
C PHE B 166 -7.88 -26.45 4.43
N TYR B 167 -6.63 -26.89 4.58
CA TYR B 167 -5.57 -26.79 3.59
C TYR B 167 -5.63 -27.91 2.53
N HIS B 168 -6.33 -29.00 2.86
CA HIS B 168 -6.64 -30.04 1.87
C HIS B 168 -8.14 -30.05 1.62
N LEU B 169 -8.52 -30.40 0.41
CA LEU B 169 -9.92 -30.47 0.02
C LEU B 169 -10.73 -31.41 0.91
N ASP B 170 -10.14 -32.53 1.32
CA ASP B 170 -10.87 -33.55 2.07
C ASP B 170 -11.08 -33.19 3.54
N THR B 171 -10.56 -32.03 3.96
CA THR B 171 -10.83 -31.54 5.31
C THR B 171 -12.09 -30.67 5.40
N CYS B 172 -12.68 -30.34 4.25
CA CYS B 172 -13.81 -29.42 4.21
C CYS B 172 -14.82 -29.77 3.14
N PHE B 173 -14.66 -30.95 2.54
CA PHE B 173 -15.43 -31.32 1.37
C PHE B 173 -15.52 -32.84 1.27
N CYS B 174 -16.72 -33.38 1.08
CA CYS B 174 -16.89 -34.83 1.16
C CYS B 174 -18.11 -35.35 0.38
N PRO B 175 -17.89 -35.73 -0.89
CA PRO B 175 -18.93 -36.39 -1.68
C PRO B 175 -19.37 -37.71 -1.02
N LEU B 176 -20.67 -37.94 -0.96
CA LEU B 176 -21.24 -39.11 -0.28
C LEU B 176 -22.11 -39.90 -1.24
N ALA B 177 -22.48 -41.11 -0.84
CA ALA B 177 -23.36 -41.93 -1.67
C ALA B 177 -24.68 -41.21 -1.91
N ASN B 178 -25.37 -41.57 -2.99
CA ASN B 178 -26.72 -41.09 -3.28
C ASN B 178 -26.73 -39.57 -3.51
N GLY B 179 -25.67 -39.05 -4.12
CA GLY B 179 -25.60 -37.66 -4.53
C GLY B 179 -25.34 -36.61 -3.45
N TYR B 180 -25.19 -37.03 -2.20
CA TYR B 180 -25.06 -36.06 -1.11
C TYR B 180 -23.66 -35.45 -1.03
N LEU B 181 -23.59 -34.24 -0.50
CA LEU B 181 -22.33 -33.54 -0.34
C LEU B 181 -22.24 -32.93 1.04
N LEU B 182 -21.25 -33.40 1.79
CA LEU B 182 -20.95 -32.87 3.11
C LEU B 182 -19.79 -31.89 2.99
N TYR B 183 -20.03 -30.61 3.25
CA TYR B 183 -18.99 -29.62 3.02
C TYR B 183 -19.16 -28.40 3.90
N TYR B 184 -18.08 -27.64 4.02
CA TYR B 184 -18.06 -26.42 4.82
C TYR B 184 -17.84 -25.19 3.93
N PRO B 185 -18.92 -24.50 3.55
CA PRO B 185 -18.89 -23.41 2.56
C PRO B 185 -17.85 -22.31 2.87
N GLY B 186 -17.52 -22.12 4.13
CA GLY B 186 -16.57 -21.08 4.50
C GLY B 186 -15.14 -21.38 4.07
N ALA B 187 -14.90 -22.61 3.63
CA ALA B 187 -13.56 -22.99 3.21
C ALA B 187 -13.26 -22.58 1.77
N PHE B 188 -14.28 -22.16 1.02
CA PHE B 188 -14.10 -21.86 -0.40
C PHE B 188 -14.35 -20.41 -0.78
N ASP B 189 -13.75 -19.93 -1.87
CA ASP B 189 -14.02 -18.58 -2.32
C ASP B 189 -15.42 -18.51 -2.95
N SER B 190 -15.85 -17.33 -3.37
CA SER B 190 -17.20 -17.18 -3.90
C SER B 190 -17.38 -17.95 -5.22
N TYR B 191 -16.38 -17.88 -6.10
CA TYR B 191 -16.42 -18.63 -7.35
C TYR B 191 -16.67 -20.13 -7.11
N SER B 192 -16.00 -20.70 -6.11
CA SER B 192 -16.08 -22.14 -5.86
C SER B 192 -17.43 -22.54 -5.29
N ASN B 193 -17.95 -21.71 -4.38
CA ASN B 193 -19.29 -21.91 -3.82
C ASN B 193 -20.38 -21.84 -4.89
N ARG B 194 -20.22 -20.90 -5.82
CA ARG B 194 -21.17 -20.80 -6.92
C ARG B 194 -21.15 -22.14 -7.69
N LEU B 195 -19.96 -22.69 -7.93
CA LEU B 195 -19.84 -23.92 -8.73
C LEU B 195 -20.50 -25.09 -8.03
N ILE B 196 -20.28 -25.20 -6.72
CA ILE B 196 -20.85 -26.26 -5.91
C ILE B 196 -22.37 -26.21 -5.97
N GLU B 197 -22.89 -24.98 -5.92
CA GLU B 197 -24.33 -24.80 -5.86
C GLU B 197 -24.97 -25.06 -7.22
N ARG B 199 -23.83 -27.49 -9.27
CA ARG B 199 -23.66 -28.92 -9.56
C ARG B 199 -24.39 -29.82 -8.56
N VAL B 200 -24.68 -29.27 -7.39
CA VAL B 200 -25.36 -30.04 -6.35
C VAL B 200 -26.62 -29.30 -5.91
N ALA B 201 -27.76 -29.97 -6.04
CA ALA B 201 -29.07 -29.43 -5.63
C ALA B 201 -29.14 -29.23 -4.11
N PRO B 202 -29.89 -28.21 -3.65
CA PRO B 202 -29.93 -27.80 -2.23
C PRO B 202 -30.32 -28.91 -1.24
N GLU B 203 -31.17 -29.84 -1.64
CA GLU B 203 -31.60 -30.91 -0.74
C GLU B 203 -30.48 -31.94 -0.53
N LYS B 204 -29.57 -32.03 -1.49
CA LYS B 204 -28.42 -32.94 -1.40
C LYS B 204 -27.20 -32.28 -0.76
N ARG B 205 -27.27 -30.98 -0.55
CA ARG B 205 -26.21 -30.25 0.14
C ARG B 205 -26.38 -30.30 1.66
N ILE B 206 -25.34 -30.76 2.34
CA ILE B 206 -25.30 -30.74 3.79
C ILE B 206 -24.19 -29.80 4.25
N ALA B 207 -24.49 -28.50 4.29
CA ALA B 207 -23.51 -27.51 4.74
C ALA B 207 -23.39 -27.58 6.26
N ILE B 208 -22.16 -27.60 6.76
CA ILE B 208 -21.96 -27.80 8.19
C ILE B 208 -21.42 -26.57 8.90
N ALA B 209 -21.68 -26.52 10.20
CA ALA B 209 -21.22 -25.45 11.09
C ALA B 209 -19.72 -25.49 11.28
N GLU B 210 -19.13 -24.36 11.62
CA GLU B 210 -17.69 -24.28 11.86
C GLU B 210 -17.27 -25.17 13.04
N ALA B 211 -18.19 -25.37 13.98
CA ALA B 211 -17.91 -26.21 15.13
C ALA B 211 -17.59 -27.64 14.68
N ASP B 212 -18.44 -28.19 13.82
CA ASP B 212 -18.21 -29.53 13.26
C ASP B 212 -17.00 -29.55 12.33
N ALA B 213 -16.82 -28.48 11.57
CA ALA B 213 -15.71 -28.36 10.63
C ALA B 213 -14.33 -28.45 11.32
N VAL B 214 -14.14 -27.76 12.43
CA VAL B 214 -12.83 -27.78 13.10
C VAL B 214 -12.60 -29.10 13.86
N ASN B 215 -13.65 -29.91 13.94
CA ASN B 215 -13.52 -31.27 14.43
C ASN B 215 -13.31 -32.29 13.30
N PHE B 216 -13.09 -31.77 12.09
CA PHE B 216 -12.86 -32.57 10.88
C PHE B 216 -14.05 -33.45 10.53
N ALA B 217 -15.25 -32.91 10.67
CA ALA B 217 -16.46 -33.61 10.28
C ALA B 217 -16.45 -34.00 8.79
N CYS B 218 -15.86 -33.15 7.96
CA CYS B 218 -15.84 -33.39 6.52
C CYS B 218 -14.86 -34.48 6.14
N ASN B 219 -13.91 -34.72 7.05
CA ASN B 219 -12.89 -35.75 6.89
C ASN B 219 -13.46 -37.13 7.26
N THR B 220 -14.43 -37.55 6.46
CA THR B 220 -15.27 -38.69 6.76
C THR B 220 -15.10 -39.81 5.74
N VAL B 221 -15.00 -41.03 6.23
CA VAL B 221 -14.99 -42.22 5.37
C VAL B 221 -16.41 -42.67 5.10
N ASN B 222 -16.75 -42.85 3.83
CA ASN B 222 -18.08 -43.26 3.43
C ASN B 222 -18.02 -44.67 2.88
N VAL B 223 -18.72 -45.60 3.53
CA VAL B 223 -18.88 -46.95 3.01
C VAL B 223 -20.38 -47.20 2.79
N GLU B 224 -20.82 -47.05 1.55
CA GLU B 224 -22.24 -46.93 1.16
C GLU B 224 -23.03 -46.05 2.14
N SER B 225 -23.75 -46.67 3.08
CA SER B 225 -24.61 -45.88 3.96
C SER B 225 -23.97 -45.64 5.30
N ILE B 226 -22.74 -46.12 5.46
CA ILE B 226 -21.98 -45.83 6.67
C ILE B 226 -21.11 -44.59 6.48
N VAL B 227 -21.06 -43.73 7.49
CA VAL B 227 -20.09 -42.65 7.52
C VAL B 227 -19.32 -42.69 8.83
N ILE B 228 -18.01 -42.90 8.71
CA ILE B 228 -17.12 -42.95 9.87
C ILE B 228 -16.37 -41.64 9.99
N ASN B 230 -14.46 -38.58 13.14
CA ASN B 230 -13.96 -38.26 14.47
C ASN B 230 -15.08 -38.01 15.49
N LYS B 231 -15.79 -36.90 15.31
CA LYS B 231 -16.80 -36.46 16.28
C LYS B 231 -17.86 -35.60 15.60
N ALA B 232 -19.13 -35.98 15.75
CA ALA B 232 -20.23 -35.24 15.13
C ALA B 232 -21.16 -34.59 16.16
N SER B 233 -21.69 -33.42 15.83
CA SER B 233 -22.70 -32.77 16.66
C SER B 233 -24.04 -33.49 16.58
N ASP B 234 -24.93 -33.20 17.53
CA ASP B 234 -26.29 -33.76 17.51
C ASP B 234 -27.05 -33.33 16.26
N ALA B 235 -26.94 -32.05 15.93
CA ALA B 235 -27.51 -31.51 14.70
C ALA B 235 -27.00 -32.29 13.49
N LEU B 236 -25.69 -32.40 13.38
CA LEU B 236 -25.06 -33.09 12.26
C LEU B 236 -25.53 -34.54 12.16
N LYS B 237 -25.44 -35.27 13.28
CA LYS B 237 -25.88 -36.66 13.35
C LYS B 237 -27.32 -36.79 12.85
N GLN B 238 -28.13 -35.77 13.15
CA GLN B 238 -29.54 -35.76 12.77
C GLN B 238 -29.74 -35.54 11.27
N SER B 239 -28.96 -34.62 10.68
CA SER B 239 -29.02 -34.36 9.25
C SER B 239 -28.66 -35.63 8.47
N LEU B 240 -27.56 -36.27 8.85
CA LEU B 240 -27.06 -37.44 8.13
C LEU B 240 -27.98 -38.66 8.29
N THR B 241 -28.42 -38.93 9.52
CA THR B 241 -29.40 -39.98 9.75
C THR B 241 -30.73 -39.59 9.11
N GLY B 242 -31.02 -38.30 9.11
CA GLY B 242 -32.21 -37.76 8.46
C GLY B 242 -32.40 -38.24 7.03
N VAL B 243 -31.32 -38.31 6.26
CA VAL B 243 -31.41 -38.81 4.88
C VAL B 243 -30.88 -40.23 4.74
N GLY B 244 -30.76 -40.94 5.85
CA GLY B 244 -30.49 -42.37 5.81
C GLY B 244 -29.05 -42.85 5.96
N PHE B 245 -28.14 -41.97 6.34
CA PHE B 245 -26.76 -42.36 6.64
C PHE B 245 -26.64 -42.83 8.09
N GLN B 246 -25.86 -43.90 8.32
CA GLN B 246 -25.57 -44.33 9.68
C GLN B 246 -24.21 -43.79 10.11
N VAL B 247 -24.22 -43.04 11.21
CA VAL B 247 -23.02 -42.36 11.66
C VAL B 247 -22.24 -43.13 12.72
N LEU B 248 -21.04 -43.56 12.36
CA LEU B 248 -20.10 -44.18 13.28
C LEU B 248 -19.02 -43.18 13.70
N GLU B 249 -18.86 -42.97 14.99
CA GLU B 249 -17.77 -42.13 15.47
C GLU B 249 -16.63 -42.99 15.99
N THR B 250 -15.46 -42.39 16.16
CA THR B 250 -14.31 -43.03 16.77
C THR B 250 -13.25 -41.93 17.01
N PRO B 251 -12.78 -41.81 18.26
CA PRO B 251 -11.84 -40.74 18.58
C PRO B 251 -10.56 -40.86 17.76
N LEU B 252 -10.12 -39.75 17.18
CA LEU B 252 -8.90 -39.68 16.38
C LEU B 252 -8.14 -38.41 16.72
N THR B 253 -8.27 -37.96 17.96
CA THR B 253 -7.70 -36.68 18.40
C THR B 253 -6.17 -36.63 18.26
N GLU B 254 -5.51 -37.78 18.35
CA GLU B 254 -4.06 -37.82 18.25
C GLU B 254 -3.59 -37.53 16.83
N PHE B 255 -4.47 -37.69 15.85
CA PHE B 255 -4.08 -37.41 14.49
C PHE B 255 -4.55 -36.03 14.09
N LEU B 256 -5.54 -35.51 14.81
CA LEU B 256 -5.95 -34.12 14.62
C LEU B 256 -4.79 -33.19 14.96
N LYS B 257 -3.82 -33.69 15.72
CA LYS B 257 -2.62 -32.95 16.08
C LYS B 257 -1.67 -32.72 14.90
N ALA B 258 -1.72 -33.61 13.90
CA ALA B 258 -0.93 -33.43 12.69
C ALA B 258 -1.76 -32.86 11.56
N GLY B 259 -3.04 -32.62 11.83
CA GLY B 259 -3.93 -31.99 10.88
C GLY B 259 -4.69 -32.96 9.97
N GLY B 260 -4.90 -34.19 10.45
CA GLY B 260 -5.67 -35.17 9.71
C GLY B 260 -6.60 -36.01 10.57
N ALA B 261 -7.60 -36.63 9.96
CA ALA B 261 -8.51 -37.51 10.70
C ALA B 261 -8.85 -38.74 9.88
N ALA B 262 -10.10 -39.18 9.96
CA ALA B 262 -10.50 -40.48 9.38
C ALA B 262 -10.20 -40.57 7.89
N LYS B 263 -10.77 -39.68 7.08
CA LYS B 263 -10.59 -39.72 5.65
C LYS B 263 -9.10 -39.62 5.26
N CYS B 264 -8.33 -38.83 6.01
CA CYS B 264 -6.90 -38.64 5.72
C CYS B 264 -6.12 -39.93 5.91
N LEU B 265 -6.58 -40.76 6.82
CA LEU B 265 -5.90 -41.99 7.19
C LEU B 265 -6.20 -43.15 6.23
N THR B 266 -7.06 -42.90 5.25
CA THR B 266 -7.54 -43.92 4.32
C THR B 266 -7.42 -43.47 2.86
N LEU B 267 -7.28 -44.43 1.96
CA LEU B 267 -7.40 -44.17 0.54
C LEU B 267 -8.24 -45.28 -0.09
N ARG B 268 -9.35 -44.91 -0.72
CA ARG B 268 -10.17 -45.90 -1.42
C ARG B 268 -9.49 -46.28 -2.75
N VAL B 269 -9.09 -47.54 -2.88
CA VAL B 269 -8.34 -47.93 -4.08
C VAL B 269 -9.24 -48.69 -5.07
N THR B 270 -10.50 -48.86 -4.68
CA THR B 270 -11.55 -49.44 -5.52
C THR B 270 -12.51 -48.36 -6.02
N GLU B 271 -12.16 -47.74 -7.15
CA GLU B 271 -12.96 -46.69 -7.76
C GLU B 271 -13.33 -47.07 -9.18
N PRO B 272 -14.53 -47.65 -9.36
CA PRO B 272 -14.94 -48.09 -10.70
C PRO B 272 -15.16 -46.91 -11.66
N VAL B 273 -14.81 -47.11 -12.92
CA VAL B 273 -14.88 -46.06 -13.91
C VAL B 273 -16.26 -46.06 -14.55
N ARG B 274 -16.91 -44.91 -14.54
CA ARG B 274 -18.28 -44.83 -15.04
C ARG B 274 -18.29 -44.81 -16.58
N ASP B 275 -19.35 -45.36 -17.16
CA ASP B 275 -19.55 -45.44 -18.61
C ASP B 275 -19.20 -44.15 -19.38
N GLU B 276 -19.92 -43.09 -19.05
CA GLU B 276 -20.03 -41.93 -19.93
C GLU B 276 -18.85 -40.97 -19.83
N VAL B 277 -18.12 -41.01 -18.72
CA VAL B 277 -17.10 -39.99 -18.46
C VAL B 277 -15.99 -39.91 -19.52
N HIS B 278 -15.42 -38.73 -19.62
CA HIS B 278 -14.28 -38.46 -20.46
C HIS B 278 -13.61 -37.19 -20.00
N ALA B 279 -12.33 -37.05 -20.34
CA ALA B 279 -11.52 -35.89 -20.00
C ALA B 279 -12.21 -34.58 -20.35
N ASN B 280 -12.35 -33.73 -19.34
CA ASN B 280 -12.81 -32.37 -19.57
C ASN B 280 -12.15 -31.40 -18.59
N VAL B 281 -11.48 -30.38 -19.11
CA VAL B 281 -10.83 -29.37 -18.26
C VAL B 281 -11.45 -27.98 -18.51
N TYR B 282 -11.68 -27.23 -17.44
CA TYR B 282 -12.12 -25.84 -17.58
C TYR B 282 -10.96 -24.87 -17.33
N VAL B 283 -9.86 -25.40 -16.78
CA VAL B 283 -8.66 -24.61 -16.56
C VAL B 283 -8.15 -24.05 -17.89
N GLU B 284 -7.87 -22.74 -17.90
CA GLU B 284 -7.36 -22.04 -19.07
C GLU B 284 -6.01 -21.39 -18.79
N SER B 285 -5.25 -21.19 -19.86
CA SER B 285 -3.90 -20.66 -19.77
C SER B 285 -3.67 -19.67 -20.88
N ARG B 286 -2.81 -18.70 -20.61
CA ARG B 286 -2.55 -17.60 -21.52
C ARG B 286 -1.20 -17.01 -21.16
N ILE B 287 -0.35 -16.78 -22.15
CA ILE B 287 0.91 -16.13 -21.87
C ILE B 287 0.75 -14.62 -22.12
N ILE B 288 1.15 -13.81 -21.14
CA ILE B 288 1.10 -12.37 -21.32
C ILE B 288 2.52 -11.80 -21.27
N ARG B 289 2.69 -10.61 -21.83
CA ARG B 289 3.98 -9.92 -21.75
C ARG B 289 3.80 -8.59 -21.03
N ILE B 290 4.76 -8.25 -20.16
CA ILE B 290 4.73 -6.96 -19.47
C ILE B 290 6.12 -6.31 -19.61
N GLU B 291 6.14 -5.02 -19.97
CA GLU B 291 7.37 -4.28 -20.18
C GLU B 291 7.42 -3.00 -19.35
N GLY B 292 8.63 -2.56 -18.98
CA GLY B 292 8.77 -1.33 -18.22
C GLY B 292 9.89 -1.41 -17.20
N HIS B 293 9.81 -0.59 -16.16
CA HIS B 293 10.77 -0.66 -15.06
C HIS B 293 10.24 -1.62 -14.01
N LEU B 294 10.31 -2.90 -14.33
CA LEU B 294 9.49 -3.89 -13.65
C LEU B 294 9.87 -4.08 -12.19
N LEU B 295 11.17 -4.10 -11.93
CA LEU B 295 11.64 -4.41 -10.59
C LEU B 295 11.40 -3.31 -9.58
N ASP B 296 11.63 -2.06 -9.98
CA ASP B 296 11.55 -0.98 -8.99
C ASP B 296 10.18 -0.32 -8.90
N SER B 297 9.37 -0.43 -9.95
CA SER B 297 8.02 0.13 -9.87
C SER B 297 7.08 -0.80 -9.12
N GLY B 298 7.49 -2.08 -8.99
CA GLY B 298 6.65 -3.10 -8.41
C GLY B 298 5.48 -3.46 -9.31
N LEU B 299 5.56 -3.05 -10.57
CA LEU B 299 4.53 -3.37 -11.56
C LEU B 299 4.38 -4.89 -11.69
N ILE B 300 5.49 -5.60 -11.83
CA ILE B 300 5.46 -7.05 -11.96
C ILE B 300 4.79 -7.65 -10.74
N ASN B 301 5.04 -7.04 -9.58
CA ASN B 301 4.62 -7.59 -8.31
C ASN B 301 3.11 -7.36 -8.11
N ARG B 302 2.62 -6.22 -8.56
CA ARG B 302 1.18 -5.95 -8.52
C ARG B 302 0.41 -6.88 -9.45
N ALA B 303 0.97 -7.16 -10.63
CA ALA B 303 0.36 -8.07 -11.59
C ALA B 303 0.22 -9.47 -10.99
N LEU B 304 1.29 -9.96 -10.38
CA LEU B 304 1.27 -11.29 -9.78
C LEU B 304 0.26 -11.39 -8.63
N ASP B 305 0.17 -10.35 -7.82
CA ASP B 305 -0.81 -10.28 -6.73
C ASP B 305 -2.25 -10.36 -7.18
N ILE B 307 -3.37 -11.66 -10.05
CA ILE B 307 -3.57 -13.00 -10.59
C ILE B 307 -3.98 -13.95 -9.45
N VAL B 308 -3.15 -14.06 -8.42
CA VAL B 308 -3.44 -15.00 -7.32
C VAL B 308 -4.67 -14.62 -6.49
N ASP B 309 -4.84 -13.32 -6.23
CA ASP B 309 -5.95 -12.88 -5.39
C ASP B 309 -7.31 -13.13 -6.04
N THR B 310 -7.35 -13.03 -7.36
CA THR B 310 -8.57 -13.23 -8.15
C THR B 310 -8.92 -14.72 -8.34
N GLY B 311 -7.95 -15.60 -8.10
CA GLY B 311 -8.22 -17.03 -8.16
C GLY B 311 -7.43 -17.79 -9.20
N GLY B 312 -6.41 -17.15 -9.76
CA GLY B 312 -5.56 -17.79 -10.75
C GLY B 312 -4.22 -18.25 -10.19
N SER B 313 -3.32 -18.63 -11.09
CA SER B 313 -1.93 -18.92 -10.70
C SER B 313 -1.04 -18.45 -11.82
N PHE B 314 0.26 -18.45 -11.60
CA PHE B 314 1.17 -17.92 -12.61
C PHE B 314 2.49 -18.65 -12.63
N GLN B 315 3.20 -18.46 -13.72
CA GLN B 315 4.57 -18.93 -13.82
C GLN B 315 5.33 -17.88 -14.64
N VAL B 316 6.37 -17.29 -14.06
CA VAL B 316 7.18 -16.35 -14.84
C VAL B 316 8.09 -17.16 -15.77
N LEU B 317 7.88 -17.06 -17.07
CA LEU B 317 8.62 -17.88 -18.01
C LEU B 317 10.02 -17.32 -18.30
N ASN B 318 10.16 -16.00 -18.20
CA ASN B 318 11.44 -15.37 -18.44
C ASN B 318 11.47 -13.92 -18.01
N PHE B 319 12.66 -13.39 -17.83
CA PHE B 319 12.86 -12.01 -17.43
C PHE B 319 14.07 -11.45 -18.15
N ASN B 320 13.87 -10.40 -18.93
CA ASN B 320 14.98 -9.69 -19.55
C ASN B 320 15.24 -8.38 -18.80
N LEU B 321 16.39 -8.32 -18.13
CA LEU B 321 16.77 -7.19 -17.30
C LEU B 321 17.35 -6.03 -18.10
N GLY B 322 16.77 -4.85 -17.94
CA GLY B 322 17.39 -3.64 -18.48
C GLY B 322 18.83 -3.42 -18.01
N GLU B 323 19.68 -2.92 -18.89
CA GLU B 323 21.09 -2.73 -18.57
C GLU B 323 21.34 -1.65 -17.49
N GLN B 324 20.60 -0.54 -17.55
CA GLN B 324 20.72 0.55 -16.56
C GLN B 324 19.43 0.69 -15.78
N ARG B 325 19.46 1.54 -14.77
CA ARG B 325 18.29 1.83 -13.98
C ARG B 325 17.12 2.30 -14.86
N GLN B 326 17.40 3.12 -15.88
CA GLN B 326 16.31 3.67 -16.70
C GLN B 326 15.93 2.80 -17.92
N SER B 327 16.73 1.78 -18.22
CA SER B 327 16.40 0.84 -19.29
C SER B 327 15.09 0.12 -18.96
N THR B 328 14.37 -0.31 -19.98
CA THR B 328 13.15 -1.06 -19.73
C THR B 328 13.51 -2.53 -19.53
N SER B 329 12.71 -3.21 -18.74
CA SER B 329 12.83 -4.65 -18.57
C SER B 329 11.57 -5.27 -19.15
N ALA B 330 11.62 -6.58 -19.41
CA ALA B 330 10.45 -7.28 -19.97
C ALA B 330 10.31 -8.63 -19.32
N ALA B 331 9.08 -9.04 -19.06
CA ALA B 331 8.83 -10.37 -18.51
C ALA B 331 7.69 -11.07 -19.27
N GLU B 332 7.80 -12.38 -19.41
CA GLU B 332 6.70 -13.16 -19.98
C GLU B 332 6.19 -14.07 -18.91
N VAL B 333 4.88 -14.06 -18.74
CA VAL B 333 4.24 -14.73 -17.60
C VAL B 333 3.11 -15.62 -18.12
N LYS B 334 3.11 -16.89 -17.73
CA LYS B 334 1.98 -17.75 -18.06
C LYS B 334 0.95 -17.61 -16.96
N VAL B 335 -0.25 -17.19 -17.32
CA VAL B 335 -1.34 -17.03 -16.36
C VAL B 335 -2.30 -18.20 -16.50
N SER B 336 -2.71 -18.81 -15.39
CA SER B 336 -3.74 -19.85 -15.43
C SER B 336 -4.93 -19.44 -14.59
N ALA B 337 -6.11 -19.88 -15.02
CA ALA B 337 -7.36 -19.63 -14.32
C ALA B 337 -8.20 -20.91 -14.32
N PRO B 338 -9.06 -21.07 -13.30
CA PRO B 338 -9.85 -22.31 -13.18
C PRO B 338 -11.03 -22.35 -14.17
N SER B 339 -11.38 -21.22 -14.75
CA SER B 339 -12.51 -21.13 -15.67
C SER B 339 -12.35 -19.88 -16.54
N HIS B 340 -13.16 -19.78 -17.58
CA HIS B 340 -13.12 -18.63 -18.46
C HIS B 340 -13.51 -17.36 -17.73
N GLU B 341 -14.53 -17.48 -16.88
CA GLU B 341 -15.01 -16.33 -16.13
C GLU B 341 -13.90 -15.72 -15.29
N VAL B 342 -13.13 -16.57 -14.60
CA VAL B 342 -12.07 -16.03 -13.73
C VAL B 342 -10.92 -15.48 -14.58
N GLU B 344 -11.24 -14.00 -17.47
CA GLU B 344 -11.66 -12.69 -17.93
C GLU B 344 -11.47 -11.63 -16.86
N GLU B 345 -11.73 -12.00 -15.62
CA GLU B 345 -11.56 -11.07 -14.52
C GLU B 345 -10.07 -10.68 -14.38
N ILE B 346 -9.20 -11.68 -14.48
CA ILE B 346 -7.76 -11.47 -14.39
C ILE B 346 -7.24 -10.61 -15.53
N ILE B 347 -7.60 -10.97 -16.76
CA ILE B 347 -7.13 -10.25 -17.92
C ILE B 347 -7.62 -8.78 -17.90
N SER B 348 -8.84 -8.56 -17.41
CA SER B 348 -9.35 -7.20 -17.26
C SER B 348 -8.47 -6.37 -16.34
N LEU B 349 -8.02 -6.97 -15.24
CA LEU B 349 -7.13 -6.26 -14.32
C LEU B 349 -5.76 -6.03 -14.98
N LEU B 350 -5.22 -7.04 -15.66
CA LEU B 350 -3.90 -6.94 -16.25
C LEU B 350 -3.84 -5.95 -17.43
N ILE B 351 -4.93 -5.85 -18.17
CA ILE B 351 -5.03 -4.90 -19.28
C ILE B 351 -4.71 -3.47 -18.79
N ASP B 352 -5.24 -3.10 -17.64
CA ASP B 352 -4.94 -1.80 -17.03
C ASP B 352 -3.47 -1.60 -16.65
N LEU B 353 -2.79 -2.68 -16.32
CA LEU B 353 -1.36 -2.58 -16.00
C LEU B 353 -0.52 -2.54 -17.27
N GLY B 354 -1.17 -2.66 -18.42
CA GLY B 354 -0.45 -2.62 -19.67
C GLY B 354 0.05 -3.97 -20.16
N ALA B 355 -0.49 -5.05 -19.61
CA ALA B 355 -0.19 -6.38 -20.13
C ALA B 355 -0.70 -6.48 -21.56
N VAL B 356 0.13 -7.05 -22.44
CA VAL B 356 -0.25 -7.19 -23.84
C VAL B 356 -0.05 -8.63 -24.28
N ASP B 357 -0.56 -8.92 -25.46
CA ASP B 357 -0.35 -10.19 -26.12
C ASP B 357 1.00 -10.17 -26.83
N LEU B 358 1.65 -11.33 -26.91
CA LEU B 358 2.75 -11.53 -27.85
C LEU B 358 2.17 -11.21 -29.22
N PRO B 359 2.91 -10.46 -30.07
CA PRO B 359 2.38 -9.87 -31.32
C PRO B 359 1.71 -10.86 -32.30
N GLN B 360 1.94 -12.16 -32.15
CA GLN B 360 1.29 -13.13 -33.01
C GLN B 360 0.03 -13.70 -32.35
N ASP B 361 -0.18 -13.36 -31.08
CA ASP B 361 -1.37 -13.83 -30.37
C ASP B 361 -2.46 -12.77 -30.34
N GLU B 362 -2.16 -11.61 -30.92
CA GLU B 362 -3.13 -10.54 -31.09
C GLU B 362 -4.33 -11.02 -31.89
N ARG B 363 -5.52 -10.68 -31.42
CA ARG B 363 -6.75 -11.00 -32.14
C ARG B 363 -7.72 -9.84 -32.06
N ASP B 364 -8.74 -9.85 -32.92
CA ASP B 364 -9.77 -8.81 -32.92
C ASP B 364 -10.67 -8.96 -31.70
N ALA B 365 -11.12 -7.84 -31.15
CA ALA B 365 -12.10 -7.88 -30.07
C ALA B 365 -13.37 -8.55 -30.58
N LYS B 366 -14.01 -9.36 -29.76
CA LYS B 366 -15.28 -9.97 -30.14
C LYS B 366 -16.42 -8.98 -29.96
N LEU B 367 -17.35 -8.95 -30.93
CA LEU B 367 -18.45 -8.03 -30.89
C LEU B 367 -19.78 -8.76 -30.83
N GLU B 368 -20.70 -8.27 -30.02
CA GLU B 368 -22.08 -8.78 -30.00
C GLU B 368 -23.06 -7.60 -30.08
N PRO B 369 -24.20 -7.81 -30.76
CA PRO B 369 -25.11 -6.67 -30.92
C PRO B 369 -25.96 -6.40 -29.69
N VAL B 370 -26.21 -5.12 -29.42
CA VAL B 370 -27.26 -4.73 -28.50
C VAL B 370 -28.61 -5.12 -29.11
N ILE B 371 -29.48 -5.79 -28.35
CA ILE B 371 -30.79 -6.15 -28.89
C ILE B 371 -31.95 -5.42 -28.19
N GLN B 372 -31.70 -4.92 -26.99
CA GLN B 372 -32.71 -4.24 -26.18
C GLN B 372 -32.13 -2.90 -25.74
N ASP B 373 -32.79 -1.79 -26.10
CA ASP B 373 -32.34 -0.46 -25.70
C ASP B 373 -31.86 -0.40 -24.23
N GLY B 374 -30.68 0.15 -23.99
CA GLY B 374 -30.18 0.32 -22.63
C GLY B 374 -29.75 -0.97 -21.93
N VAL B 375 -29.45 -2.01 -22.72
CA VAL B 375 -29.00 -3.28 -22.16
C VAL B 375 -27.81 -3.75 -23.00
N ALA B 376 -26.69 -4.07 -22.36
CA ALA B 376 -25.52 -4.56 -23.10
C ALA B 376 -25.65 -6.07 -23.28
N PRO B 377 -25.03 -6.61 -24.35
CA PRO B 377 -25.01 -8.08 -24.52
C PRO B 377 -24.22 -8.70 -23.40
N ASP B 378 -24.48 -9.97 -23.14
CA ASP B 378 -23.85 -10.65 -22.03
C ASP B 378 -22.34 -10.71 -22.22
N ASP B 379 -21.62 -10.59 -21.11
CA ASP B 379 -20.16 -10.60 -21.07
C ASP B 379 -19.54 -9.35 -21.71
N PHE B 380 -20.27 -8.25 -21.74
CA PHE B 380 -19.70 -6.99 -22.24
C PHE B 380 -18.46 -6.61 -21.42
N TYR B 381 -17.47 -6.07 -22.10
CA TYR B 381 -16.29 -5.61 -21.41
C TYR B 381 -16.63 -4.31 -20.67
N VAL B 382 -16.08 -4.17 -19.47
CA VAL B 382 -16.33 -2.99 -18.64
C VAL B 382 -15.17 -2.01 -18.72
N SER B 383 -15.45 -0.79 -19.19
CA SER B 383 -14.40 0.19 -19.40
C SER B 383 -13.85 0.75 -18.08
N THR B 384 -12.65 1.30 -18.18
CA THR B 384 -11.93 1.88 -17.04
C THR B 384 -11.77 3.38 -17.30
N ILE B 385 -11.09 4.08 -16.40
CA ILE B 385 -10.84 5.51 -16.64
C ILE B 385 -9.73 5.72 -17.67
N TYR B 386 -8.99 4.67 -17.99
CA TYR B 386 -7.73 4.84 -18.73
C TYR B 386 -7.88 4.82 -20.23
N PRO B 387 -7.00 5.55 -20.95
CA PRO B 387 -7.02 5.58 -22.42
C PRO B 387 -6.85 4.17 -22.97
N THR B 388 -7.72 3.82 -23.91
CA THR B 388 -7.94 2.43 -24.29
C THR B 388 -7.98 2.33 -25.81
N GLU B 389 -7.38 1.27 -26.35
CA GLU B 389 -7.47 0.96 -27.78
C GLU B 389 -8.10 -0.42 -27.96
N VAL B 390 -8.87 -0.61 -29.03
CA VAL B 390 -9.48 -1.91 -29.35
C VAL B 390 -9.17 -2.33 -30.80
N ARG B 391 -9.05 -3.64 -31.04
CA ARG B 391 -8.62 -4.14 -32.35
C ARG B 391 -9.82 -4.60 -33.18
N ILE B 392 -10.07 -3.89 -34.27
CA ILE B 392 -11.21 -4.17 -35.14
C ILE B 392 -10.66 -4.46 -36.54
N ASN B 393 -11.01 -5.62 -37.09
CA ASN B 393 -10.42 -6.15 -38.34
C ASN B 393 -8.93 -5.79 -38.52
N GLY B 394 -8.11 -6.24 -37.57
CA GLY B 394 -6.66 -6.13 -37.65
C GLY B 394 -6.08 -4.77 -37.32
N GLN B 395 -6.92 -3.85 -36.89
CA GLN B 395 -6.52 -2.46 -36.74
C GLN B 395 -6.86 -1.94 -35.33
N TRP B 396 -5.89 -1.31 -34.66
CA TRP B 396 -6.09 -0.75 -33.32
C TRP B 396 -6.68 0.66 -33.38
N ILE B 397 -7.79 0.84 -32.68
CA ILE B 397 -8.65 2.03 -32.73
C ILE B 397 -8.79 2.66 -31.35
N LYS B 398 -8.59 3.97 -31.25
CA LYS B 398 -8.72 4.66 -29.96
C LYS B 398 -10.18 4.83 -29.53
N VAL B 399 -10.48 4.47 -28.28
CA VAL B 399 -11.85 4.62 -27.75
C VAL B 399 -12.09 6.07 -27.32
N GLU B 400 -13.21 6.65 -27.77
CA GLU B 400 -13.59 8.03 -27.46
C GLU B 400 -14.58 8.10 -26.28
N ASN B 401 -14.61 9.26 -25.63
CA ASN B 401 -15.50 9.55 -24.50
C ASN B 401 -15.26 8.60 -23.34
N GLN B 402 -13.99 8.28 -23.10
CA GLN B 402 -13.63 7.28 -22.09
C GLN B 402 -14.18 7.62 -20.72
N ARG B 403 -14.83 6.66 -20.08
CA ARG B 403 -15.10 6.75 -18.65
C ARG B 403 -15.24 5.37 -18.07
N ASP B 405 -16.87 2.15 -16.11
CA ASP B 405 -18.16 1.49 -15.93
C ASP B 405 -19.07 1.68 -17.13
N GLY B 406 -18.48 1.79 -18.32
CA GLY B 406 -19.28 1.82 -19.53
C GLY B 406 -19.08 0.56 -20.35
N ALA B 407 -19.78 0.49 -21.47
CA ALA B 407 -19.49 -0.50 -22.49
C ALA B 407 -18.79 0.21 -23.66
N ILE B 408 -18.15 -0.56 -24.53
CA ILE B 408 -17.51 0.06 -25.68
C ILE B 408 -18.26 -0.34 -26.94
N ALA B 409 -18.85 0.66 -27.60
CA ALA B 409 -19.64 0.42 -28.81
C ALA B 409 -18.79 0.74 -30.03
N ILE B 410 -18.92 -0.08 -31.07
CA ILE B 410 -18.13 0.04 -32.27
C ILE B 410 -19.08 0.27 -33.41
N THR B 411 -18.81 1.28 -34.21
CA THR B 411 -19.63 1.50 -35.40
C THR B 411 -18.78 1.96 -36.60
N GLN B 412 -19.25 1.61 -37.79
CA GLN B 412 -18.64 2.08 -39.03
C GLN B 412 -19.37 3.37 -39.44
N THR B 413 -18.62 4.44 -39.68
CA THR B 413 -19.24 5.73 -40.00
C THR B 413 -18.64 6.23 -41.32
N PRO B 414 -19.23 7.30 -41.91
CA PRO B 414 -18.64 7.86 -43.14
C PRO B 414 -17.24 8.42 -42.94
N ASN B 415 -16.82 8.57 -41.68
CA ASN B 415 -15.48 9.02 -41.34
C ASN B 415 -14.62 7.92 -40.71
N GLY B 416 -15.01 6.67 -40.95
CA GLY B 416 -14.20 5.54 -40.49
C GLY B 416 -14.79 4.81 -39.30
N LEU B 417 -14.03 3.87 -38.76
CA LEU B 417 -14.41 3.12 -37.57
C LEU B 417 -14.47 4.01 -36.34
N LEU B 418 -15.56 3.93 -35.60
CA LEU B 418 -15.67 4.69 -34.37
C LEU B 418 -15.85 3.77 -33.16
N ALA B 419 -15.00 3.95 -32.15
CA ALA B 419 -15.12 3.21 -30.89
C ALA B 419 -15.48 4.20 -29.79
N GLN B 420 -16.61 3.95 -29.13
CA GLN B 420 -17.21 4.89 -28.18
C GLN B 420 -17.55 4.22 -26.86
N CYS B 421 -17.02 4.77 -25.79
CA CYS B 421 -17.44 4.43 -24.46
C CYS B 421 -18.85 4.98 -24.17
N LYS B 422 -19.79 4.11 -23.84
CA LYS B 422 -21.16 4.53 -23.57
C LYS B 422 -21.63 3.91 -22.27
N ILE B 423 -22.35 4.67 -21.46
CA ILE B 423 -22.98 4.08 -20.27
C ILE B 423 -24.14 3.20 -20.73
N LEU B 424 -24.50 2.22 -19.90
CA LEU B 424 -25.42 1.15 -20.31
C LEU B 424 -26.75 1.68 -20.82
N ARG B 425 -27.35 2.63 -20.10
CA ARG B 425 -28.69 3.09 -20.46
C ARG B 425 -28.71 3.86 -21.80
N ASP B 426 -27.55 4.27 -22.30
CA ASP B 426 -27.49 4.96 -23.60
C ASP B 426 -27.24 4.04 -24.79
N LEU B 427 -27.15 2.74 -24.56
CA LEU B 427 -26.93 1.81 -25.67
C LEU B 427 -28.22 1.67 -26.48
N LYS B 428 -28.09 1.59 -27.80
CA LYS B 428 -29.26 1.43 -28.66
C LYS B 428 -29.24 0.09 -29.39
N ALA B 429 -30.41 -0.54 -29.51
CA ALA B 429 -30.55 -1.76 -30.31
C ALA B 429 -29.84 -1.63 -31.66
N GLY B 430 -29.05 -2.65 -32.00
CA GLY B 430 -28.31 -2.62 -33.25
C GLY B 430 -26.83 -2.31 -33.08
N GLU B 431 -26.47 -1.59 -32.02
CA GLU B 431 -25.06 -1.26 -31.82
C GLU B 431 -24.25 -2.49 -31.50
N GLN B 432 -23.02 -2.54 -32.01
CA GLN B 432 -22.07 -3.60 -31.71
C GLN B 432 -21.25 -3.25 -30.48
N VAL B 433 -21.19 -4.18 -29.54
CA VAL B 433 -20.54 -3.94 -28.26
C VAL B 433 -19.46 -5.01 -28.00
N ILE B 434 -18.29 -4.58 -27.56
CA ILE B 434 -17.20 -5.48 -27.21
C ILE B 434 -17.57 -6.37 -26.02
N VAL B 435 -17.38 -7.68 -26.22
CA VAL B 435 -17.57 -8.69 -25.18
C VAL B 435 -16.26 -9.44 -25.04
N ASP B 436 -16.14 -10.24 -23.98
CA ASP B 436 -14.90 -10.97 -23.70
C ASP B 436 -13.75 -9.99 -23.46
N VAL B 437 -12.51 -10.43 -23.64
CA VAL B 437 -11.36 -9.63 -23.24
C VAL B 437 -10.25 -9.64 -24.28
N LEU B 438 -10.56 -10.07 -25.50
CA LEU B 438 -9.59 -10.03 -26.59
C LEU B 438 -9.56 -8.67 -27.27
N GLY B 439 -8.41 -8.33 -27.84
CA GLY B 439 -8.27 -7.16 -28.68
C GLY B 439 -8.51 -5.86 -27.95
N ILE B 440 -8.04 -5.80 -26.70
CA ILE B 440 -8.15 -4.59 -25.90
C ILE B 440 -6.81 -4.31 -25.22
N ARG B 441 -6.32 -3.09 -25.33
CA ARG B 441 -5.13 -2.71 -24.59
C ARG B 441 -5.28 -1.30 -24.05
N THR B 442 -4.53 -1.01 -22.99
CA THR B 442 -4.51 0.33 -22.44
C THR B 442 -3.34 1.10 -23.07
N ILE B 443 -3.39 2.43 -23.02
CA ILE B 443 -2.23 3.19 -23.46
C ILE B 443 -1.89 4.24 -22.41
N ARG B 444 -1.84 3.80 -21.16
CA ARG B 444 -1.31 4.64 -20.10
C ARG B 444 0.18 4.91 -20.32
N LYS B 445 0.56 6.18 -20.17
CA LYS B 445 1.97 6.56 -20.33
C LYS B 445 2.79 5.95 -19.19
N THR B 446 4.11 5.87 -19.39
CA THR B 446 5.01 5.14 -18.48
C THR B 446 4.82 5.52 -17.00
N GLU B 447 4.88 6.82 -16.70
CA GLU B 447 4.77 7.29 -15.32
C GLU B 447 3.44 6.88 -14.68
N SER B 448 2.40 6.71 -15.50
CA SER B 448 1.08 6.32 -15.00
C SER B 448 1.04 4.86 -14.51
N ARG B 449 1.40 3.92 -15.39
CA ARG B 449 1.36 2.49 -15.05
C ARG B 449 2.26 2.17 -13.86
N GLU B 450 3.27 3.00 -13.64
CA GLU B 450 4.24 2.81 -12.56
C GLU B 450 4.03 3.84 -11.45
N GLN B 451 3.42 3.41 -10.34
CA GLN B 451 3.14 4.27 -9.19
C GLN B 451 4.43 4.84 -8.59
N VAL B 464 -17.80 4.56 18.45
CA VAL B 464 -17.86 5.47 19.58
C VAL B 464 -18.76 4.91 20.70
N SER B 465 -19.90 4.28 20.37
CA SER B 465 -20.71 3.66 21.43
C SER B 465 -20.11 2.34 21.94
N SER B 466 -20.00 2.19 23.26
CA SER B 466 -19.41 0.97 23.81
C SER B 466 -20.33 -0.23 23.60
N GLU B 467 -19.76 -1.42 23.66
CA GLU B 467 -20.52 -2.64 23.44
C GLU B 467 -21.69 -2.75 24.43
N ARG B 468 -21.47 -2.29 25.66
CA ARG B 468 -22.49 -2.39 26.70
C ARG B 468 -23.69 -1.50 26.39
N ARG B 469 -23.38 -0.28 25.96
CA ARG B 469 -24.37 0.67 25.52
C ARG B 469 -25.18 0.13 24.35
N VAL B 470 -24.48 -0.29 23.30
CA VAL B 470 -25.13 -0.81 22.10
C VAL B 470 -26.05 -1.95 22.48
N GLU B 471 -25.62 -2.76 23.43
CA GLU B 471 -26.37 -3.93 23.81
C GLU B 471 -27.64 -3.54 24.60
N LEU B 472 -27.57 -2.48 25.41
CA LEU B 472 -28.76 -2.05 26.14
C LEU B 472 -29.74 -1.36 25.18
N VAL B 473 -29.23 -0.55 24.27
CA VAL B 473 -30.07 0.04 23.23
C VAL B 473 -30.78 -1.05 22.42
N VAL B 474 -30.02 -2.06 22.00
CA VAL B 474 -30.62 -3.15 21.24
C VAL B 474 -31.71 -3.83 22.03
N GLU B 475 -31.50 -3.96 23.33
CA GLU B 475 -32.50 -4.57 24.18
C GLU B 475 -33.78 -3.74 24.20
N GLN B 476 -33.63 -2.41 24.27
CA GLN B 476 -34.80 -1.55 24.26
C GLN B 476 -35.48 -1.55 22.90
N VAL B 477 -34.71 -1.49 21.81
CA VAL B 477 -35.28 -1.50 20.46
C VAL B 477 -35.97 -2.84 20.14
N ALA B 478 -35.36 -3.96 20.53
CA ALA B 478 -35.96 -5.28 20.27
C ALA B 478 -37.32 -5.41 20.93
N TRP B 479 -37.41 -4.88 22.15
CA TRP B 479 -38.67 -4.93 22.89
C TRP B 479 -39.75 -4.04 22.25
N GLU B 480 -39.37 -2.81 21.91
CA GLU B 480 -40.29 -1.88 21.24
C GLU B 480 -40.74 -2.50 19.94
N LEU B 481 -39.81 -3.15 19.26
CA LEU B 481 -40.07 -3.73 17.95
C LEU B 481 -41.05 -4.91 17.99
N ARG B 482 -40.91 -5.81 18.95
CA ARG B 482 -41.84 -6.92 19.11
C ARG B 482 -43.23 -6.43 19.53
N LYS B 483 -43.25 -5.45 20.43
CA LYS B 483 -44.49 -4.83 20.88
C LYS B 483 -45.26 -4.25 19.72
N ILE B 484 -44.55 -3.58 18.82
CA ILE B 484 -45.20 -2.93 17.70
C ILE B 484 -45.71 -3.97 16.70
N ARG B 485 -44.96 -5.03 16.46
CA ARG B 485 -45.38 -6.03 15.48
C ARG B 485 -46.62 -6.81 15.94
N ASP B 486 -46.62 -7.21 17.22
CA ASP B 486 -47.75 -7.94 17.80
C ASP B 486 -49.01 -7.09 17.80
N ALA B 487 -48.84 -5.79 18.05
CA ALA B 487 -49.96 -4.85 18.01
C ALA B 487 -50.35 -4.46 16.58
N GLY B 488 -49.74 -5.10 15.57
CA GLY B 488 -50.03 -4.81 14.18
C GLY B 488 -49.59 -3.45 13.62
N GLY B 489 -48.72 -2.73 14.33
CA GLY B 489 -48.25 -1.41 13.92
C GLY B 489 -47.37 -1.40 12.69
N LYS B 490 -46.83 -0.23 12.34
CA LYS B 490 -46.05 -0.12 11.11
C LYS B 490 -44.60 0.25 11.42
N VAL B 491 -43.67 -0.55 10.90
CA VAL B 491 -42.26 -0.26 11.09
C VAL B 491 -41.64 0.00 9.72
N VAL B 492 -40.90 1.10 9.60
CA VAL B 492 -40.29 1.45 8.32
C VAL B 492 -38.79 1.40 8.50
N VAL B 493 -38.10 0.83 7.52
CA VAL B 493 -36.65 0.75 7.56
C VAL B 493 -36.05 1.56 6.42
N THR B 494 -35.03 2.34 6.73
CA THR B 494 -34.20 2.94 5.71
C THR B 494 -32.85 2.23 5.78
N ALA B 495 -32.21 1.99 4.65
CA ALA B 495 -30.97 1.21 4.72
C ALA B 495 -30.00 1.60 3.62
N GLY B 496 -28.72 1.63 3.94
CA GLY B 496 -27.68 1.91 2.95
C GLY B 496 -26.76 0.72 2.77
N PRO B 497 -25.88 0.77 1.75
CA PRO B 497 -25.01 -0.36 1.36
C PRO B 497 -24.15 -0.91 2.49
N VAL B 498 -23.78 -0.07 3.45
CA VAL B 498 -22.97 -0.53 4.57
C VAL B 498 -23.67 -1.66 5.35
N VAL B 499 -24.99 -1.74 5.22
CA VAL B 499 -25.72 -2.87 5.78
C VAL B 499 -25.23 -4.20 5.15
N ILE B 500 -25.06 -4.22 3.83
CA ILE B 500 -24.59 -5.41 3.14
C ILE B 500 -23.13 -5.69 3.47
N HIS B 501 -22.30 -4.66 3.34
CA HIS B 501 -20.87 -4.78 3.62
C HIS B 501 -20.50 -5.34 4.99
N THR B 502 -21.32 -5.07 6.01
CA THR B 502 -20.97 -5.47 7.36
C THR B 502 -21.58 -6.81 7.70
N GLY B 503 -22.22 -7.42 6.71
CA GLY B 503 -22.86 -8.69 6.91
C GLY B 503 -24.21 -8.58 7.57
N GLY B 504 -24.76 -7.37 7.61
CA GLY B 504 -26.08 -7.18 8.18
C GLY B 504 -27.19 -7.70 7.28
N GLY B 505 -26.88 -7.94 6.01
CA GLY B 505 -27.88 -8.31 5.02
C GLY B 505 -28.74 -9.51 5.37
N GLU B 506 -28.12 -10.60 5.82
CA GLU B 506 -28.86 -11.79 6.26
C GLU B 506 -29.81 -11.44 7.39
N HIS B 507 -29.40 -10.54 8.29
CA HIS B 507 -30.24 -10.23 9.44
C HIS B 507 -31.40 -9.32 9.08
N LEU B 508 -31.14 -8.33 8.25
CA LEU B 508 -32.23 -7.50 7.73
C LEU B 508 -33.21 -8.36 6.95
N SER B 509 -32.70 -9.27 6.12
CA SER B 509 -33.53 -10.25 5.39
C SER B 509 -34.46 -10.99 6.32
N ARG B 510 -33.89 -11.43 7.43
CA ARG B 510 -34.65 -12.20 8.40
C ARG B 510 -35.76 -11.35 9.02
N LEU B 511 -35.42 -10.13 9.44
CA LEU B 511 -36.42 -9.19 9.94
C LEU B 511 -37.63 -9.02 9.00
N ILE B 512 -37.36 -8.88 7.70
CA ILE B 512 -38.42 -8.68 6.71
C ILE B 512 -39.28 -9.94 6.57
N ARG B 513 -38.60 -11.09 6.53
CA ARG B 513 -39.23 -12.41 6.42
C ARG B 513 -40.20 -12.68 7.57
N GLU B 514 -39.85 -12.24 8.77
CA GLU B 514 -40.61 -12.55 9.99
C GLU B 514 -41.56 -11.44 10.47
N GLY B 515 -41.84 -10.46 9.60
CA GLY B 515 -42.91 -9.50 9.83
C GLY B 515 -42.60 -8.23 10.62
N TYR B 516 -41.34 -7.85 10.74
CA TYR B 516 -40.99 -6.65 11.48
C TYR B 516 -40.86 -5.42 10.58
N VAL B 517 -40.93 -5.60 9.27
CA VAL B 517 -40.66 -4.50 8.35
C VAL B 517 -41.81 -4.34 7.37
N GLN B 518 -42.51 -3.20 7.44
CA GLN B 518 -43.67 -2.98 6.58
C GLN B 518 -43.34 -2.15 5.34
N ALA B 519 -42.17 -1.51 5.35
CA ALA B 519 -41.72 -0.78 4.18
C ALA B 519 -40.22 -0.58 4.24
N LEU B 520 -39.61 -0.51 3.07
CA LEU B 520 -38.17 -0.33 2.95
C LEU B 520 -37.85 0.86 2.04
N LEU B 521 -37.08 1.80 2.55
CA LEU B 521 -36.70 2.98 1.78
C LEU B 521 -35.19 3.04 1.65
N GLY B 522 -34.70 3.23 0.43
CA GLY B 522 -33.27 3.34 0.24
C GLY B 522 -32.90 3.92 -1.10
N GLY B 523 -31.66 3.68 -1.51
CA GLY B 523 -31.20 4.18 -2.80
C GLY B 523 -30.90 3.04 -3.77
N ASN B 524 -30.34 3.43 -4.91
CA ASN B 524 -29.93 2.49 -5.95
C ASN B 524 -28.92 1.49 -5.39
N ALA B 525 -27.97 2.03 -4.62
CA ALA B 525 -26.78 1.30 -4.22
C ALA B 525 -27.07 0.11 -3.29
N ILE B 526 -27.96 0.27 -2.31
CA ILE B 526 -28.23 -0.85 -1.40
C ILE B 526 -28.86 -2.03 -2.16
N ALA B 527 -29.72 -1.74 -3.12
CA ALA B 527 -30.32 -2.79 -3.93
C ALA B 527 -29.29 -3.49 -4.80
N VAL B 528 -28.39 -2.73 -5.45
CA VAL B 528 -27.39 -3.40 -6.28
C VAL B 528 -26.44 -4.25 -5.43
N HIS B 529 -25.98 -3.73 -4.30
CA HIS B 529 -25.06 -4.46 -3.45
C HIS B 529 -25.70 -5.70 -2.85
N ASP B 530 -26.96 -5.60 -2.44
CA ASP B 530 -27.67 -6.74 -1.89
C ASP B 530 -27.81 -7.83 -2.94
N ILE B 531 -28.19 -7.42 -4.16
CA ILE B 531 -28.37 -8.39 -5.21
C ILE B 531 -27.01 -8.98 -5.60
N GLU B 532 -25.97 -8.15 -5.69
CA GLU B 532 -24.63 -8.66 -6.01
C GLU B 532 -24.15 -9.69 -4.97
N GLN B 533 -24.31 -9.38 -3.69
CA GLN B 533 -23.84 -10.27 -2.64
C GLN B 533 -24.54 -11.61 -2.72
N ASN B 534 -25.81 -11.58 -3.10
CA ASN B 534 -26.61 -12.80 -3.10
C ASN B 534 -26.47 -13.61 -4.38
N GLY B 537 -21.90 -13.58 -4.49
CA GLY B 537 -21.08 -13.67 -3.29
C GLY B 537 -20.05 -12.55 -3.14
N THR B 538 -20.27 -11.43 -3.82
CA THR B 538 -19.38 -10.27 -3.72
C THR B 538 -20.15 -8.96 -3.54
N SER B 539 -19.43 -7.92 -3.16
CA SER B 539 -20.04 -6.62 -2.95
C SER B 539 -19.02 -5.53 -3.23
N LEU B 540 -19.21 -4.79 -4.33
CA LEU B 540 -18.24 -3.80 -4.82
C LEU B 540 -17.59 -3.02 -3.68
N GLY B 541 -16.27 -3.17 -3.56
CA GLY B 541 -15.49 -2.42 -2.58
C GLY B 541 -15.22 -3.11 -1.25
N VAL B 542 -15.98 -4.16 -0.93
CA VAL B 542 -15.80 -4.84 0.35
C VAL B 542 -15.75 -6.35 0.20
N ASP B 543 -14.79 -6.98 0.87
CA ASP B 543 -14.83 -8.42 1.09
C ASP B 543 -15.67 -8.69 2.34
N LYS B 545 -16.95 -11.37 3.78
CA LYS B 545 -16.42 -12.50 4.57
C LYS B 545 -15.24 -12.14 5.48
N ARG B 546 -14.31 -11.32 4.99
CA ARG B 546 -13.11 -10.97 5.75
C ARG B 546 -13.15 -9.55 6.35
N GLY B 547 -14.28 -8.86 6.15
CA GLY B 547 -14.52 -7.57 6.78
C GLY B 547 -13.48 -6.50 6.45
N VAL B 548 -12.95 -6.52 5.23
CA VAL B 548 -11.98 -5.52 4.80
C VAL B 548 -12.27 -4.96 3.39
N ALA B 549 -11.74 -3.78 3.09
CA ALA B 549 -11.85 -3.23 1.76
C ALA B 549 -11.05 -4.06 0.75
N VAL B 550 -11.52 -4.08 -0.50
CA VAL B 550 -10.84 -4.71 -1.61
C VAL B 550 -10.93 -3.78 -2.83
N ARG B 551 -10.01 -3.94 -3.79
CA ARG B 551 -10.11 -3.18 -5.03
C ARG B 551 -10.75 -4.07 -6.09
N GLY B 552 -10.96 -3.50 -7.28
CA GLY B 552 -11.59 -4.24 -8.36
C GLY B 552 -13.07 -4.48 -8.13
N GLY B 553 -13.63 -5.50 -8.78
CA GLY B 553 -15.00 -5.92 -8.54
C GLY B 553 -16.05 -5.20 -9.39
N HIS B 554 -15.62 -4.32 -10.29
CA HIS B 554 -16.59 -3.55 -11.05
C HIS B 554 -17.38 -4.45 -12.01
N ARG B 555 -16.73 -5.47 -12.55
CA ARG B 555 -17.39 -6.39 -13.47
C ARG B 555 -18.63 -7.06 -12.85
N HIS B 556 -18.48 -7.63 -11.65
CA HIS B 556 -19.61 -8.24 -10.96
C HIS B 556 -20.72 -7.23 -10.71
N HIS B 557 -20.34 -6.01 -10.35
CA HIS B 557 -21.29 -4.94 -10.06
C HIS B 557 -22.11 -4.50 -11.28
N LEU B 558 -21.40 -4.19 -12.36
CA LEU B 558 -22.01 -3.82 -13.63
C LEU B 558 -22.82 -4.97 -14.23
N LYS B 559 -22.34 -6.21 -14.07
CA LYS B 559 -23.09 -7.36 -14.53
C LYS B 559 -24.45 -7.43 -13.88
N VAL B 560 -24.49 -7.19 -12.57
CA VAL B 560 -25.75 -7.25 -11.86
C VAL B 560 -26.70 -6.17 -12.37
N ILE B 561 -26.17 -4.97 -12.57
CA ILE B 561 -27.00 -3.85 -13.01
C ILE B 561 -27.57 -4.15 -14.39
N ASN B 562 -26.69 -4.57 -15.30
CA ASN B 562 -27.12 -4.95 -16.64
C ASN B 562 -28.16 -6.09 -16.67
N THR B 563 -27.98 -7.07 -15.80
CA THR B 563 -28.90 -8.21 -15.75
C THR B 563 -30.29 -7.78 -15.28
N ILE B 564 -30.36 -6.95 -14.24
CA ILE B 564 -31.66 -6.47 -13.77
C ILE B 564 -32.33 -5.59 -14.82
N ARG B 565 -31.55 -4.73 -15.48
CA ARG B 565 -32.11 -3.91 -16.56
C ARG B 565 -32.65 -4.82 -17.67
N ARG B 566 -31.97 -5.94 -17.94
CA ARG B 566 -32.46 -6.85 -18.98
C ARG B 566 -33.81 -7.47 -18.61
N HIS B 567 -33.95 -7.92 -17.37
CA HIS B 567 -35.21 -8.51 -16.90
C HIS B 567 -36.30 -7.44 -16.72
N GLY B 568 -35.88 -6.21 -16.44
CA GLY B 568 -36.76 -5.06 -16.46
C GLY B 568 -37.22 -4.57 -15.09
N SER B 569 -37.02 -5.41 -14.07
CA SER B 569 -37.30 -5.01 -12.69
C SER B 569 -36.69 -6.04 -11.76
N ILE B 570 -36.47 -5.64 -10.51
CA ILE B 570 -36.08 -6.55 -9.47
C ILE B 570 -37.09 -7.70 -9.33
N ALA B 571 -38.38 -7.38 -9.40
CA ALA B 571 -39.43 -8.38 -9.19
C ALA B 571 -39.37 -9.49 -10.24
N LYS B 572 -39.11 -9.11 -11.49
CA LYS B 572 -38.98 -10.09 -12.57
C LYS B 572 -37.69 -10.89 -12.42
N GLY B 573 -36.67 -10.28 -11.83
CA GLY B 573 -35.44 -11.01 -11.51
C GLY B 573 -35.67 -12.09 -10.48
N VAL B 574 -36.58 -11.84 -9.53
CA VAL B 574 -36.96 -12.85 -8.56
C VAL B 574 -37.83 -13.93 -9.20
N GLU B 575 -38.85 -13.51 -9.95
CA GLU B 575 -39.73 -14.43 -10.64
C GLU B 575 -38.98 -15.37 -11.58
N SER B 576 -38.04 -14.84 -12.36
CA SER B 576 -37.26 -15.67 -13.24
C SER B 576 -36.29 -16.60 -12.49
N GLY B 577 -36.25 -16.50 -11.17
CA GLY B 577 -35.34 -17.31 -10.36
C GLY B 577 -33.86 -16.96 -10.39
N ILE B 578 -33.48 -15.80 -10.92
CA ILE B 578 -32.05 -15.46 -10.92
C ILE B 578 -31.66 -14.77 -9.59
N ILE B 579 -32.60 -14.08 -8.96
CA ILE B 579 -32.43 -13.62 -7.59
C ILE B 579 -33.17 -14.56 -6.64
N ARG B 580 -32.45 -15.19 -5.72
CA ARG B 580 -33.02 -16.25 -4.89
C ARG B 580 -32.94 -15.99 -3.39
N SER B 581 -32.25 -14.93 -3.00
CA SER B 581 -32.11 -14.63 -1.59
C SER B 581 -31.73 -13.17 -1.38
N GLY B 582 -31.92 -12.68 -0.15
CA GLY B 582 -31.42 -11.37 0.22
C GLY B 582 -32.52 -10.38 0.53
N VAL B 583 -32.11 -9.15 0.82
CA VAL B 583 -33.07 -8.11 1.22
C VAL B 583 -34.13 -7.88 0.16
N TYR B 585 -34.98 -9.63 -2.37
CA TYR B 585 -35.73 -10.88 -2.54
C TYR B 585 -36.86 -11.03 -1.53
N GLU B 586 -36.54 -10.85 -0.26
CA GLU B 586 -37.57 -10.98 0.78
C GLU B 586 -38.66 -9.93 0.62
N CYS B 587 -38.31 -8.72 0.15
CA CYS B 587 -39.33 -7.70 -0.07
C CYS B 587 -40.30 -8.15 -1.15
N VAL B 588 -39.77 -8.70 -2.23
CA VAL B 588 -40.64 -9.17 -3.30
C VAL B 588 -41.49 -10.37 -2.84
N ARG B 589 -40.87 -11.35 -2.19
CA ARG B 589 -41.59 -12.56 -1.80
C ARG B 589 -42.65 -12.32 -0.74
N ASN B 590 -42.42 -11.34 0.13
CA ASN B 590 -43.39 -11.06 1.18
C ASN B 590 -44.24 -9.82 0.90
N GLN B 591 -44.08 -9.28 -0.31
CA GLN B 591 -44.84 -8.12 -0.75
C GLN B 591 -44.71 -6.93 0.21
N ILE B 592 -43.47 -6.64 0.60
CA ILE B 592 -43.13 -5.43 1.34
C ILE B 592 -42.80 -4.36 0.32
N PRO B 593 -43.52 -3.23 0.34
CA PRO B 593 -43.23 -2.18 -0.64
C PRO B 593 -41.85 -1.59 -0.41
N PHE B 594 -41.15 -1.20 -1.47
CA PHE B 594 -39.88 -0.52 -1.28
C PHE B 594 -39.81 0.63 -2.24
N VAL B 595 -39.05 1.66 -1.87
CA VAL B 595 -38.81 2.77 -2.78
C VAL B 595 -37.31 3.00 -2.84
N LEU B 596 -36.78 3.03 -4.04
CA LEU B 596 -35.39 3.39 -4.25
C LEU B 596 -35.31 4.81 -4.83
N ALA B 597 -34.87 5.76 -4.02
CA ALA B 597 -34.71 7.14 -4.50
C ALA B 597 -33.38 7.29 -5.17
N GLY B 598 -33.38 7.87 -6.36
CA GLY B 598 -32.14 8.05 -7.10
C GLY B 598 -31.20 9.05 -6.44
N SER B 599 -29.97 9.11 -6.93
CA SER B 599 -29.00 10.11 -6.52
C SER B 599 -28.09 10.45 -7.70
N ILE B 600 -27.35 11.55 -7.57
CA ILE B 600 -26.45 12.00 -8.64
C ILE B 600 -25.30 10.99 -8.91
N ARG B 601 -25.03 10.10 -7.95
CA ARG B 601 -23.97 9.11 -8.10
C ARG B 601 -24.42 7.73 -8.64
N ASP B 602 -25.71 7.54 -8.88
CA ASP B 602 -26.24 6.23 -9.26
C ASP B 602 -25.63 5.65 -10.53
N ASP B 603 -25.21 4.38 -10.44
CA ASP B 603 -24.81 3.60 -11.61
C ASP B 603 -26.03 2.85 -12.19
N GLY B 604 -26.20 2.90 -13.50
CA GLY B 604 -27.34 2.31 -14.16
C GLY B 604 -28.34 3.36 -14.60
N PRO B 605 -29.37 3.60 -13.78
CA PRO B 605 -29.66 2.88 -12.53
C PRO B 605 -30.44 1.58 -12.74
N LEU B 606 -30.87 0.95 -11.65
CA LEU B 606 -31.85 -0.11 -11.75
C LEU B 606 -33.12 0.50 -12.30
N PRO B 607 -33.94 -0.31 -12.99
CA PRO B 607 -35.20 0.22 -13.51
C PRO B 607 -36.16 0.58 -12.38
N ASP B 608 -35.97 -0.01 -11.21
CA ASP B 608 -36.85 0.30 -10.08
C ASP B 608 -36.56 1.67 -9.47
N THR B 609 -35.35 2.19 -9.68
CA THR B 609 -34.90 3.39 -9.00
C THR B 609 -35.63 4.63 -9.55
N GLN B 610 -36.22 5.39 -8.63
CA GLN B 610 -36.97 6.59 -8.99
C GLN B 610 -36.03 7.81 -9.14
N ASP B 612 -36.88 10.65 -10.63
CA ASP B 612 -37.62 11.90 -10.48
C ASP B 612 -37.78 12.13 -8.99
N LEU B 613 -37.00 13.07 -8.45
CA LEU B 613 -36.97 13.20 -7.01
C LEU B 613 -38.20 13.87 -6.38
N ILE B 614 -39.01 14.57 -7.16
CA ILE B 614 -40.30 15.05 -6.63
C ILE B 614 -41.21 13.84 -6.36
N LYS B 615 -41.25 12.91 -7.31
CA LYS B 615 -42.04 11.70 -7.10
C LYS B 615 -41.43 10.83 -6.01
N ALA B 616 -40.11 10.81 -5.91
CA ALA B 616 -39.49 10.01 -4.86
C ALA B 616 -39.87 10.53 -3.48
N GLN B 617 -39.88 11.85 -3.31
CA GLN B 617 -40.23 12.40 -2.00
C GLN B 617 -41.68 12.10 -1.67
N GLU B 618 -42.53 12.15 -2.69
CA GLU B 618 -43.94 11.82 -2.52
C GLU B 618 -44.14 10.36 -2.13
N GLU B 619 -43.39 9.46 -2.78
CA GLU B 619 -43.49 8.03 -2.48
C GLU B 619 -42.97 7.71 -1.09
N TYR B 620 -41.86 8.36 -0.68
CA TYR B 620 -41.36 8.22 0.69
C TYR B 620 -42.45 8.66 1.70
N ALA B 621 -43.00 9.84 1.47
CA ALA B 621 -43.96 10.44 2.39
C ALA B 621 -45.19 9.53 2.53
N LYS B 622 -45.59 8.92 1.43
CA LYS B 622 -46.74 8.03 1.44
C LYS B 622 -46.49 6.79 2.31
N HIS B 623 -45.34 6.16 2.13
CA HIS B 623 -45.07 4.96 2.91
C HIS B 623 -44.76 5.29 4.37
N LEU B 624 -44.39 6.54 4.64
CA LEU B 624 -44.15 6.93 6.02
C LEU B 624 -45.44 7.12 6.83
N GLU B 625 -46.57 7.32 6.14
CA GLU B 625 -47.85 7.53 6.82
C GLU B 625 -48.19 6.34 7.72
N GLY B 626 -48.54 6.63 8.97
CA GLY B 626 -48.88 5.58 9.93
C GLY B 626 -47.72 4.90 10.64
N ALA B 627 -46.49 5.28 10.29
CA ALA B 627 -45.30 4.66 10.91
C ALA B 627 -45.23 4.90 12.42
N GLU B 628 -44.95 3.85 13.18
CA GLU B 628 -44.76 3.95 14.63
C GLU B 628 -43.27 3.93 14.98
N ILE B 630 -39.26 4.10 12.93
CA ILE B 630 -38.39 4.14 11.77
C ILE B 630 -37.02 3.67 12.21
N LEU B 631 -36.53 2.61 11.56
CA LEU B 631 -35.22 2.05 11.81
C LEU B 631 -34.24 2.54 10.74
N LEU B 633 -30.79 2.46 9.22
CA LEU B 633 -29.62 1.60 9.25
C LEU B 633 -28.56 2.14 8.30
N SER B 634 -27.66 2.94 8.87
CA SER B 634 -26.63 3.74 8.21
C SER B 634 -26.94 4.10 6.76
N SER B 635 -27.92 4.99 6.59
CA SER B 635 -28.33 5.40 5.24
C SER B 635 -28.25 6.90 5.02
N LEU B 637 -28.16 10.19 3.82
CA LEU B 637 -29.02 11.16 3.16
C LEU B 637 -30.48 10.76 3.20
N HIS B 638 -30.75 9.46 3.14
CA HIS B 638 -32.12 8.99 3.15
C HIS B 638 -32.71 9.13 4.53
N SER B 639 -31.88 8.96 5.55
CA SER B 639 -32.33 9.07 6.92
C SER B 639 -32.72 10.51 7.25
N ILE B 640 -31.98 11.48 6.72
CA ILE B 640 -32.28 12.88 6.97
C ILE B 640 -33.56 13.27 6.28
N GLY B 641 -33.71 12.82 5.04
CA GLY B 641 -34.92 13.08 4.26
C GLY B 641 -36.16 12.51 4.93
N VAL B 642 -36.06 11.25 5.34
CA VAL B 642 -37.10 10.63 6.14
C VAL B 642 -37.35 11.42 7.43
N GLY B 643 -36.29 11.82 8.11
CA GLY B 643 -36.43 12.60 9.33
C GLY B 643 -37.24 13.86 9.11
N ASN B 644 -36.88 14.63 8.07
CA ASN B 644 -37.61 15.86 7.71
C ASN B 644 -39.08 15.58 7.52
N THR B 646 -40.95 13.28 8.89
CA THR B 646 -41.62 12.52 9.95
C THR B 646 -42.06 13.35 11.17
N PRO B 647 -43.34 13.26 11.55
CA PRO B 647 -43.84 14.01 12.72
C PRO B 647 -43.34 13.45 14.04
N ALA B 648 -43.58 14.17 15.13
CA ALA B 648 -43.31 13.64 16.47
C ALA B 648 -44.22 12.45 16.78
N GLY B 649 -43.89 11.71 17.83
CA GLY B 649 -44.66 10.52 18.16
C GLY B 649 -44.25 9.29 17.35
N VAL B 650 -43.15 9.40 16.60
CA VAL B 650 -42.60 8.26 15.88
C VAL B 650 -41.25 7.93 16.50
N LYS B 651 -41.09 6.68 16.93
CA LYS B 651 -39.81 6.24 17.49
C LYS B 651 -38.76 6.17 16.38
N VAL B 653 -34.90 5.20 15.46
CA VAL B 653 -33.69 4.49 15.85
C VAL B 653 -32.65 4.68 14.75
N CYS B 654 -31.53 5.28 15.12
CA CYS B 654 -30.53 5.68 14.16
C CYS B 654 -29.20 4.98 14.42
N VAL B 655 -28.77 4.13 13.47
CA VAL B 655 -27.52 3.41 13.63
C VAL B 655 -26.57 3.81 12.51
N ASP B 656 -25.35 4.19 12.89
CA ASP B 656 -24.34 4.58 11.91
C ASP B 656 -22.99 4.57 12.58
N ILE B 657 -21.94 4.24 11.84
CA ILE B 657 -20.59 4.21 12.40
C ILE B 657 -20.05 5.65 12.49
N ASN B 658 -20.65 6.53 11.70
CA ASN B 658 -20.32 7.95 11.73
C ASN B 658 -21.18 8.70 12.76
N PRO B 659 -20.57 9.10 13.89
CA PRO B 659 -21.31 9.79 14.94
C PRO B 659 -21.89 11.16 14.52
N ALA B 660 -21.60 11.63 13.31
CA ALA B 660 -22.08 12.94 12.86
C ALA B 660 -23.53 12.90 12.36
N VAL B 661 -23.93 11.80 11.72
CA VAL B 661 -25.31 11.69 11.23
C VAL B 661 -26.22 11.23 12.38
N VAL B 662 -25.68 10.39 13.26
CA VAL B 662 -26.39 9.93 14.44
C VAL B 662 -26.75 11.13 15.31
N THR B 663 -25.78 12.01 15.54
CA THR B 663 -26.02 13.18 16.38
C THR B 663 -27.05 14.13 15.75
N LYS B 664 -27.07 14.22 14.42
CA LYS B 664 -28.09 15.03 13.75
C LYS B 664 -29.46 14.43 14.05
N LEU B 665 -29.71 13.22 13.54
CA LEU B 665 -31.03 12.61 13.63
C LEU B 665 -31.56 12.41 15.06
N SER B 666 -30.69 12.51 16.06
CA SER B 666 -31.11 12.27 17.44
C SER B 666 -31.60 13.51 18.16
N ASP B 667 -31.91 14.58 17.42
CA ASP B 667 -32.44 15.80 18.04
C ASP B 667 -33.97 15.79 18.14
N ARG B 668 -34.51 14.90 18.96
CA ARG B 668 -35.94 14.85 19.24
C ARG B 668 -36.15 14.46 20.70
N GLY B 669 -35.06 14.41 21.46
CA GLY B 669 -35.14 14.02 22.86
C GLY B 669 -35.17 12.52 23.05
N SER B 670 -34.52 12.05 24.11
CA SER B 670 -34.29 10.62 24.34
C SER B 670 -35.55 9.77 24.52
N ILE B 671 -36.73 10.38 24.42
CA ILE B 671 -37.97 9.62 24.52
C ILE B 671 -38.49 9.28 23.12
N GLU B 672 -38.03 10.02 22.11
CA GLU B 672 -38.41 9.75 20.74
C GLU B 672 -37.29 9.09 19.94
N SER B 673 -36.12 9.71 19.96
CA SER B 673 -34.94 9.24 19.24
C SER B 673 -34.05 8.36 20.09
N VAL B 674 -33.39 7.40 19.45
CA VAL B 674 -32.20 6.80 20.04
C VAL B 674 -31.16 6.61 18.93
N GLY B 675 -29.89 6.79 19.30
CA GLY B 675 -28.80 6.64 18.35
C GLY B 675 -27.66 5.87 18.96
N VAL B 676 -27.05 4.99 18.16
CA VAL B 676 -25.81 4.31 18.53
C VAL B 676 -24.80 4.44 17.40
N VAL B 677 -23.55 4.64 17.78
CA VAL B 677 -22.46 4.74 16.83
C VAL B 677 -21.73 3.43 16.86
N THR B 678 -21.97 2.60 15.85
CA THR B 678 -21.50 1.24 15.88
C THR B 678 -21.59 0.61 14.50
N ASP B 679 -21.06 -0.60 14.39
CA ASP B 679 -21.19 -1.41 13.19
C ASP B 679 -22.64 -1.84 13.05
N VAL B 680 -23.26 -1.53 11.90
CA VAL B 680 -24.69 -1.78 11.77
C VAL B 680 -24.97 -3.29 11.64
N GLY B 681 -23.99 -4.03 11.13
CA GLY B 681 -24.12 -5.47 11.08
C GLY B 681 -24.06 -6.06 12.49
N LEU B 682 -23.17 -5.50 13.30
CA LEU B 682 -23.14 -5.86 14.72
C LEU B 682 -24.51 -5.58 15.34
N PHE B 683 -25.03 -4.38 15.10
CA PHE B 683 -26.33 -3.96 15.62
C PHE B 683 -27.42 -4.94 15.22
N LEU B 684 -27.48 -5.26 13.94
CA LEU B 684 -28.49 -6.17 13.41
C LEU B 684 -28.32 -7.59 13.94
N SER B 685 -27.08 -8.00 14.16
CA SER B 685 -26.84 -9.33 14.68
C SER B 685 -27.47 -9.50 16.07
N LEU B 686 -27.12 -8.59 16.97
CA LEU B 686 -27.68 -8.55 18.32
C LEU B 686 -29.19 -8.42 18.34
N LEU B 687 -29.71 -7.56 17.46
CA LEU B 687 -31.15 -7.34 17.39
C LEU B 687 -31.88 -8.64 17.09
N THR B 688 -31.37 -9.42 16.14
CA THR B 688 -32.03 -10.68 15.79
C THR B 688 -31.84 -11.73 16.90
N GLN B 689 -30.66 -11.75 17.53
CA GLN B 689 -30.44 -12.59 18.69
C GLN B 689 -31.39 -12.21 19.79
N GLN B 690 -31.52 -10.91 20.02
CA GLN B 690 -32.37 -10.43 21.10
C GLN B 690 -33.86 -10.67 20.84
N LEU B 691 -34.24 -10.70 19.57
CA LEU B 691 -35.64 -10.95 19.21
C LEU B 691 -36.01 -12.42 19.38
N ASP B 692 -34.99 -13.26 19.33
CA ASP B 692 -35.22 -14.69 19.50
C ASP B 692 -35.43 -15.01 20.98
N LYS B 693 -34.69 -14.33 21.84
CA LYS B 693 -34.82 -14.50 23.27
C LYS B 693 -36.21 -14.11 23.76
N LEU B 694 -36.85 -13.20 23.03
CA LEU B 694 -38.17 -12.70 23.39
C LEU B 694 -39.32 -13.64 23.08
N THR B 695 -39.30 -14.24 21.90
CA THR B 695 -40.48 -15.01 21.48
C THR B 695 -40.22 -16.51 21.51
N SER B 696 -39.48 -16.95 22.53
CA SER B 696 -39.18 -18.36 22.76
C SER B 696 -39.28 -18.70 24.24
#